data_8R70
#
_entry.id   8R70
#
_cell.length_a   53.640
_cell.length_b   137.301
_cell.length_c   202.842
_cell.angle_alpha   90.000
_cell.angle_beta   90.000
_cell.angle_gamma   90.000
#
_symmetry.space_group_name_H-M   'P 21 21 21'
#
loop_
_entity.id
_entity.type
_entity.pdbx_description
1 polymer Heparinase
2 branched '2-acetamido-2-deoxy-beta-D-glucopyranose-(1-4)-beta-D-glucopyranuronic acid-(1-3)-2-acetamido-2-deoxy-beta-D-glucopyranose'
3 branched 'beta-D-glucopyranuronic acid-(1-3)-2-acetamido-2-deoxy-beta-D-glucopyranose-(1-4)-beta-D-glucopyranuronic acid-(1-3)-2-acetamido-2-deoxy-beta-D-glucopyranose'
4 non-polymer 'polyethylene glycol'
5 non-polymer '2-(N-MORPHOLINO)-ETHANESULFONIC ACID'
6 non-polymer 'ZINC ION'
7 water water
#
_entity_poly.entity_id   1
_entity_poly.type   'polypeptide(L)'
_entity_poly.pdbx_seq_one_letter_code
;MGSSHHHHHHSSGLVPRGSHMASNAYTERDMLQKAADETTLKNVLVMKQAWVPYPAYTDRAAWDSLMGSNKQRLIAAGEK
LLDYKWQLIPATAYLEYERTGNRKIMEVPYDANRQALNTLMLAELAEGKGRFIDQLLNGAYMSCEMNSWVLSAHLPRQSS
KRSLPDFREQIIDLGSGGYGALMAWVHYFFRKPFDKINPVVSLQMRKAIKERILDPYMNDDDMWWMAFNWQPGEIINNWN
PWCNSNALQCFLLMENNKDRLAKAVYRSMKSVDKFINFVKSDGACEEGTSAWGHAAGKLYDYLQILSDGTGGKISLLNEP
MIRRMGEYMSRSYVGNGWVVNFADASAQGGGDPLLIYRFGKAVNSNEMMHFAAYLLNGRKPYATMGNDAFRSLQSLLCCN
DLAKETPKHDMPDVTWYPETEFCYMKNKNGMFVAAKGGFNNESHNHNDVGTFSLYVNTIPVILDAGVGTYTKQTFGKDRY
TIWTMQSNYHNLPMINGIPQKYGQEYKATNTTCNEKKRVFSTDIAAAYPSEAKVKNWIRSYTLDDRKLTITDSYTLEEAV
APNQVNFMTWGNVTFPSQGKIQIEVKGQKVELDYPTLFKAELETIQLDDPRLSNVWGKEIYRITLKTNEKKETGNYKFVI
QQIK
;
_entity_poly.pdbx_strand_id   A,B
#
loop_
_chem_comp.id
_chem_comp.type
_chem_comp.name
_chem_comp.formula
BDP D-saccharide, beta linking 'beta-D-glucopyranuronic acid' 'C6 H10 O7'
MES non-polymer '2-(N-MORPHOLINO)-ETHANESULFONIC ACID' 'C6 H13 N O4 S'
NAG D-saccharide, beta linking 2-acetamido-2-deoxy-beta-D-glucopyranose 'C8 H15 N O6'
P4K non-polymer 'polyethylene glycol' 'C30 H62 O15'
ZN non-polymer 'ZINC ION' 'Zn 2'
#
# COMPACT_ATOMS: atom_id res chain seq x y z
N THR A 27 5.31 36.40 -27.37
CA THR A 27 5.91 36.54 -28.76
C THR A 27 5.79 35.21 -29.51
N GLU A 28 5.26 35.22 -30.73
CA GLU A 28 5.05 33.99 -31.47
C GLU A 28 6.37 33.50 -32.12
N ARG A 29 7.36 33.11 -31.35
CA ARG A 29 8.61 32.66 -31.92
C ARG A 29 8.40 31.30 -32.57
N ASP A 30 7.71 30.40 -31.87
CA ASP A 30 7.50 29.04 -32.39
C ASP A 30 8.76 28.31 -32.90
N MET A 31 9.79 28.36 -32.08
CA MET A 31 11.11 27.90 -32.44
C MET A 31 11.08 26.41 -32.72
N LEU A 32 10.35 25.63 -31.92
CA LEU A 32 10.34 24.19 -32.17
C LEU A 32 9.56 23.84 -33.44
N GLN A 33 8.36 24.45 -33.63
CA GLN A 33 7.57 24.21 -34.84
C GLN A 33 8.31 24.65 -36.11
N LYS A 34 9.16 25.67 -36.00
CA LYS A 34 9.98 26.10 -37.14
C LYS A 34 11.09 25.08 -37.44
N ALA A 35 11.55 24.37 -36.44
CA ALA A 35 12.64 23.43 -36.64
C ALA A 35 12.12 22.14 -37.27
N ALA A 36 10.87 21.75 -37.04
CA ALA A 36 10.35 20.53 -37.62
C ALA A 36 8.83 20.49 -37.50
N ASP A 37 8.22 19.79 -38.44
CA ASP A 37 6.81 19.47 -38.38
C ASP A 37 6.74 17.99 -38.09
N GLU A 38 5.53 17.43 -38.09
CA GLU A 38 5.35 16.04 -37.77
C GLU A 38 6.04 15.14 -38.81
N THR A 39 6.08 15.59 -40.05
CA THR A 39 6.61 14.81 -41.14
C THR A 39 8.13 14.74 -40.95
N THR A 40 8.81 15.87 -40.75
CA THR A 40 10.23 15.92 -40.48
C THR A 40 10.57 15.03 -39.29
N LEU A 41 9.77 15.19 -38.23
CA LEU A 41 9.97 14.47 -36.97
C LEU A 41 10.03 12.98 -37.20
N LYS A 42 8.97 12.48 -37.85
CA LYS A 42 8.85 11.09 -38.12
C LYS A 42 10.09 10.54 -38.82
N ASN A 43 10.68 11.32 -39.75
N ASN A 43 10.67 11.30 -39.75
CA ASN A 43 11.84 10.90 -40.54
CA ASN A 43 11.84 10.82 -40.46
C ASN A 43 13.13 10.93 -39.68
C ASN A 43 13.04 10.65 -39.50
N VAL A 44 13.12 11.49 -38.45
CA VAL A 44 14.36 11.56 -37.66
C VAL A 44 14.24 10.91 -36.28
N LEU A 45 13.04 10.52 -35.81
CA LEU A 45 12.92 9.86 -34.53
C LEU A 45 13.77 8.58 -34.54
N VAL A 46 14.39 8.27 -33.41
CA VAL A 46 15.10 7.01 -33.21
C VAL A 46 14.24 6.04 -32.40
N MET A 47 13.96 4.90 -33.02
CA MET A 47 13.09 3.88 -32.49
C MET A 47 13.93 2.91 -31.65
N LYS A 48 13.20 2.09 -30.94
CA LYS A 48 13.75 0.92 -30.26
C LYS A 48 14.65 1.36 -29.12
N GLN A 49 14.42 2.58 -28.64
CA GLN A 49 15.24 3.19 -27.61
C GLN A 49 16.75 3.13 -27.94
N ALA A 50 17.10 3.21 -29.23
CA ALA A 50 18.51 3.20 -29.65
C ALA A 50 19.20 4.48 -29.24
N TRP A 51 18.43 5.50 -28.88
CA TRP A 51 18.92 6.80 -28.44
C TRP A 51 19.47 6.75 -26.99
N VAL A 52 19.19 5.65 -26.24
CA VAL A 52 19.53 5.65 -24.83
C VAL A 52 21.04 5.73 -24.68
N PRO A 53 21.59 6.70 -23.95
CA PRO A 53 23.04 6.83 -23.81
C PRO A 53 23.79 6.03 -22.74
N TYR A 54 23.07 5.19 -22.00
CA TYR A 54 23.63 4.40 -20.92
C TYR A 54 23.96 3.00 -21.43
N PRO A 55 24.96 2.29 -20.89
CA PRO A 55 25.19 0.92 -21.30
C PRO A 55 24.04 0.02 -20.91
N ALA A 56 23.94 -1.09 -21.63
CA ALA A 56 23.02 -2.16 -21.31
C ALA A 56 23.27 -2.62 -19.87
N TYR A 57 22.20 -3.00 -19.17
CA TYR A 57 22.33 -3.48 -17.81
C TYR A 57 23.34 -4.63 -17.69
N THR A 58 23.44 -5.48 -18.74
CA THR A 58 24.33 -6.62 -18.71
C THR A 58 25.77 -6.23 -19.00
N ASP A 59 26.04 -4.99 -19.38
CA ASP A 59 27.39 -4.63 -19.79
C ASP A 59 28.13 -4.08 -18.58
N ARG A 60 28.64 -4.99 -17.77
CA ARG A 60 29.19 -4.66 -16.47
C ARG A 60 30.45 -3.80 -16.62
N ALA A 61 31.34 -4.13 -17.57
CA ALA A 61 32.57 -3.36 -17.77
C ALA A 61 32.23 -1.90 -18.11
N ALA A 62 31.25 -1.72 -18.97
CA ALA A 62 30.91 -0.33 -19.33
C ALA A 62 30.26 0.41 -18.17
N TRP A 63 29.47 -0.28 -17.32
CA TRP A 63 28.91 0.39 -16.14
C TRP A 63 30.01 0.76 -15.17
N ASP A 64 30.96 -0.13 -14.96
CA ASP A 64 32.05 0.16 -14.07
C ASP A 64 32.85 1.39 -14.56
N SER A 65 33.08 1.50 -15.88
CA SER A 65 33.84 2.63 -16.38
C SER A 65 33.04 3.91 -16.21
N LEU A 66 31.75 3.90 -16.58
CA LEU A 66 30.92 5.10 -16.45
C LEU A 66 30.78 5.53 -14.97
N MET A 67 30.61 4.53 -14.08
CA MET A 67 30.29 4.82 -12.68
C MET A 67 31.51 5.42 -11.98
N GLY A 68 32.70 4.93 -12.22
CA GLY A 68 33.85 5.39 -11.44
C GLY A 68 33.57 5.21 -9.94
N SER A 69 33.95 6.19 -9.11
CA SER A 69 33.72 6.18 -7.67
C SER A 69 32.24 6.32 -7.27
N ASN A 70 31.30 6.56 -8.22
CA ASN A 70 29.89 6.51 -7.88
C ASN A 70 29.48 5.08 -7.57
N LYS A 71 30.22 4.07 -8.07
CA LYS A 71 29.77 2.69 -7.99
C LYS A 71 29.55 2.29 -6.52
N GLN A 72 30.59 2.37 -5.72
CA GLN A 72 30.51 1.96 -4.32
C GLN A 72 29.55 2.86 -3.54
N ARG A 73 29.46 4.16 -3.83
CA ARG A 73 28.46 5.03 -3.18
C ARG A 73 27.02 4.62 -3.44
N LEU A 74 26.73 4.31 -4.69
CA LEU A 74 25.36 3.94 -5.07
C LEU A 74 25.01 2.57 -4.52
N ILE A 75 25.98 1.67 -4.51
CA ILE A 75 25.75 0.35 -3.95
C ILE A 75 25.39 0.48 -2.45
N ALA A 76 26.16 1.26 -1.70
CA ALA A 76 25.89 1.44 -0.27
C ALA A 76 24.51 2.07 -0.02
N ALA A 77 24.10 3.00 -0.88
CA ALA A 77 22.77 3.63 -0.75
C ALA A 77 21.66 2.59 -0.98
N GLY A 78 21.90 1.70 -1.93
CA GLY A 78 21.06 0.55 -2.23
C GLY A 78 20.93 -0.38 -1.05
N GLU A 79 22.05 -0.69 -0.39
CA GLU A 79 22.03 -1.65 0.68
C GLU A 79 21.16 -1.15 1.83
N LYS A 80 21.11 0.16 2.04
CA LYS A 80 20.29 0.75 3.09
C LYS A 80 18.82 0.48 2.83
N LEU A 81 18.43 0.12 1.61
CA LEU A 81 17.03 0.02 1.24
C LEU A 81 16.63 -1.44 0.98
N LEU A 82 17.51 -2.41 1.27
CA LEU A 82 17.14 -3.78 1.03
C LEU A 82 15.98 -4.24 1.93
N ASP A 83 15.82 -3.63 3.08
CA ASP A 83 14.67 -3.94 3.92
C ASP A 83 13.69 -2.75 3.95
N TYR A 84 13.79 -1.79 3.00
CA TYR A 84 12.82 -0.69 2.97
C TYR A 84 11.40 -1.24 2.84
N LYS A 85 10.49 -0.74 3.66
CA LYS A 85 9.11 -1.15 3.56
C LYS A 85 8.38 -0.10 2.71
N TRP A 86 7.80 -0.51 1.59
CA TRP A 86 7.09 0.40 0.68
C TRP A 86 5.87 0.98 1.40
N GLN A 87 5.70 2.30 1.31
CA GLN A 87 4.73 2.95 2.19
C GLN A 87 3.40 3.06 1.47
N LEU A 88 2.36 2.54 2.10
CA LEU A 88 1.01 2.78 1.62
C LEU A 88 0.59 4.24 1.90
N ILE A 89 -0.20 4.82 1.02
CA ILE A 89 -0.81 6.10 1.31
C ILE A 89 -2.30 5.92 1.56
N PRO A 90 -2.76 6.17 2.79
CA PRO A 90 -4.17 5.97 3.10
C PRO A 90 -5.04 7.07 2.47
N ALA A 91 -6.29 6.71 2.22
CA ALA A 91 -7.30 7.61 1.71
C ALA A 91 -7.32 8.88 2.56
N THR A 92 -7.25 8.77 3.89
CA THR A 92 -7.29 9.93 4.77
C THR A 92 -6.13 10.89 4.56
N ALA A 93 -5.01 10.46 3.97
CA ALA A 93 -3.88 11.32 3.77
C ALA A 93 -4.23 12.28 2.63
N TYR A 94 -4.96 11.78 1.63
CA TYR A 94 -5.41 12.58 0.48
C TYR A 94 -6.56 13.49 0.93
N LEU A 95 -7.49 12.94 1.76
CA LEU A 95 -8.63 13.70 2.28
C LEU A 95 -8.15 14.87 3.09
N GLU A 96 -7.00 14.71 3.75
CA GLU A 96 -6.49 15.74 4.62
C GLU A 96 -6.16 17.05 3.85
N TYR A 97 -5.81 17.01 2.57
CA TYR A 97 -5.63 18.24 1.80
C TYR A 97 -6.90 19.11 1.85
N GLU A 98 -8.05 18.49 1.61
CA GLU A 98 -9.34 19.16 1.67
C GLU A 98 -9.66 19.56 3.10
N ARG A 99 -9.38 18.69 4.06
CA ARG A 99 -9.84 19.00 5.39
C ARG A 99 -9.04 20.18 5.92
N THR A 100 -7.70 20.23 5.71
CA THR A 100 -6.88 21.19 6.43
C THR A 100 -5.83 21.85 5.53
N GLY A 101 -5.68 21.39 4.30
CA GLY A 101 -4.67 21.96 3.45
C GLY A 101 -3.33 21.26 3.63
N ASN A 102 -3.28 20.20 4.42
CA ASN A 102 -2.01 19.53 4.70
C ASN A 102 -1.60 18.69 3.49
N ARG A 103 -0.44 19.00 2.93
CA ARG A 103 0.07 18.28 1.76
C ARG A 103 1.07 17.21 2.19
N LYS A 104 1.94 17.54 3.16
CA LYS A 104 3.02 16.69 3.61
C LYS A 104 2.57 15.31 4.09
N ILE A 105 1.37 15.19 4.68
CA ILE A 105 0.89 13.91 5.15
C ILE A 105 0.88 12.90 4.01
N MET A 106 0.55 13.38 2.79
CA MET A 106 0.52 12.51 1.60
C MET A 106 1.89 12.45 0.93
N GLU A 107 2.53 13.63 0.79
CA GLU A 107 3.75 13.79 0.02
C GLU A 107 4.97 13.12 0.62
N VAL A 108 5.06 13.04 1.95
CA VAL A 108 6.29 12.52 2.56
C VAL A 108 6.42 11.01 2.22
N PRO A 109 5.40 10.14 2.43
CA PRO A 109 5.56 8.72 2.08
C PRO A 109 5.69 8.52 0.57
N TYR A 110 4.96 9.33 -0.21
CA TYR A 110 5.06 9.31 -1.67
C TYR A 110 6.51 9.54 -2.15
N ASP A 111 7.15 10.61 -1.68
CA ASP A 111 8.48 10.97 -2.05
C ASP A 111 9.48 9.95 -1.58
N ALA A 112 9.28 9.43 -0.37
CA ALA A 112 10.14 8.37 0.14
C ALA A 112 10.16 7.16 -0.78
N ASN A 113 8.97 6.76 -1.26
CA ASN A 113 8.84 5.67 -2.19
C ASN A 113 9.63 6.02 -3.45
N ARG A 114 9.35 7.19 -4.03
CA ARG A 114 9.95 7.52 -5.31
C ARG A 114 11.47 7.55 -5.14
N GLN A 115 11.94 8.15 -4.05
CA GLN A 115 13.38 8.25 -3.84
C GLN A 115 13.99 6.84 -3.68
N ALA A 116 13.32 5.92 -2.99
CA ALA A 116 13.83 4.58 -2.80
C ALA A 116 13.95 3.86 -4.13
N LEU A 117 12.93 4.00 -4.96
CA LEU A 117 12.86 3.35 -6.25
C LEU A 117 14.01 3.86 -7.16
N ASN A 118 14.19 5.16 -7.19
CA ASN A 118 15.27 5.80 -7.93
C ASN A 118 16.66 5.34 -7.47
N THR A 119 16.88 5.32 -6.15
CA THR A 119 18.14 4.92 -5.56
C THR A 119 18.42 3.44 -5.88
N LEU A 120 17.38 2.58 -5.76
CA LEU A 120 17.52 1.16 -6.06
C LEU A 120 17.89 0.95 -7.55
N MET A 121 17.31 1.71 -8.45
CA MET A 121 17.67 1.64 -9.87
C MET A 121 19.17 1.89 -10.03
N LEU A 122 19.68 2.99 -9.48
CA LEU A 122 21.08 3.37 -9.57
C LEU A 122 22.01 2.31 -8.96
N ALA A 123 21.63 1.82 -7.77
CA ALA A 123 22.36 0.76 -7.09
C ALA A 123 22.51 -0.49 -7.95
N GLU A 124 21.44 -0.94 -8.60
CA GLU A 124 21.39 -2.15 -9.38
C GLU A 124 22.13 -2.00 -10.70
N LEU A 125 22.06 -0.80 -11.27
CA LEU A 125 22.93 -0.47 -12.39
C LEU A 125 24.40 -0.53 -11.98
N ALA A 126 24.72 0.00 -10.79
CA ALA A 126 26.09 0.03 -10.29
C ALA A 126 26.61 -1.39 -10.08
N GLU A 127 25.78 -2.28 -9.47
CA GLU A 127 26.25 -3.60 -9.02
C GLU A 127 26.03 -4.69 -10.07
N GLY A 128 24.84 -4.79 -10.62
CA GLY A 128 24.59 -5.71 -11.70
C GLY A 128 24.53 -7.16 -11.27
N LYS A 129 24.37 -7.45 -9.98
CA LYS A 129 24.33 -8.82 -9.54
C LYS A 129 22.91 -9.33 -9.24
N GLY A 130 21.89 -8.47 -9.34
CA GLY A 130 20.50 -8.93 -9.12
C GLY A 130 20.05 -8.79 -7.68
N ARG A 131 20.90 -8.21 -6.84
CA ARG A 131 20.62 -8.07 -5.44
C ARG A 131 19.45 -7.13 -5.13
N PHE A 132 19.30 -6.05 -5.91
CA PHE A 132 18.24 -5.07 -5.66
C PHE A 132 17.00 -5.32 -6.51
N ILE A 133 17.01 -6.39 -7.33
CA ILE A 133 15.94 -6.61 -8.27
C ILE A 133 14.62 -6.81 -7.52
N ASP A 134 14.67 -7.65 -6.48
CA ASP A 134 13.45 -7.94 -5.74
C ASP A 134 12.77 -6.65 -5.22
N GLN A 135 13.55 -5.75 -4.67
CA GLN A 135 13.04 -4.48 -4.19
C GLN A 135 12.58 -3.56 -5.32
N LEU A 136 13.25 -3.58 -6.47
CA LEU A 136 12.79 -2.84 -7.60
C LEU A 136 11.46 -3.37 -8.07
N LEU A 137 11.31 -4.71 -8.01
CA LEU A 137 10.11 -5.35 -8.44
C LEU A 137 8.96 -4.94 -7.51
N ASN A 138 9.26 -4.94 -6.23
CA ASN A 138 8.29 -4.62 -5.21
C ASN A 138 7.78 -3.18 -5.36
N GLY A 139 8.73 -2.25 -5.54
CA GLY A 139 8.38 -0.84 -5.73
C GLY A 139 7.52 -0.63 -6.98
N ALA A 140 7.90 -1.27 -8.07
CA ALA A 140 7.17 -1.20 -9.31
C ALA A 140 5.75 -1.74 -9.17
N TYR A 141 5.61 -2.92 -8.55
CA TYR A 141 4.32 -3.55 -8.39
C TYR A 141 3.43 -2.70 -7.48
N MET A 142 3.95 -2.24 -6.32
CA MET A 142 3.23 -1.39 -5.41
C MET A 142 2.71 -0.16 -6.19
N SER A 143 3.55 0.39 -7.09
CA SER A 143 3.26 1.64 -7.78
C SER A 143 2.07 1.42 -8.73
N CYS A 144 2.00 0.23 -9.36
CA CYS A 144 0.88 -0.13 -10.24
C CYS A 144 -0.42 -0.23 -9.46
N GLU A 145 -0.38 -0.71 -8.19
CA GLU A 145 -1.60 -0.91 -7.40
C GLU A 145 -2.19 0.41 -6.90
N MET A 146 -1.38 1.46 -6.77
CA MET A 146 -1.90 2.81 -6.44
C MET A 146 -2.89 3.23 -7.53
N ASN A 147 -4.00 3.83 -7.15
CA ASN A 147 -4.99 4.32 -8.12
C ASN A 147 -4.34 5.40 -8.98
N SER A 148 -3.48 6.22 -8.43
CA SER A 148 -2.98 7.39 -9.14
C SER A 148 -1.61 7.76 -8.59
N TRP A 149 -0.75 8.41 -9.40
CA TRP A 149 0.49 8.99 -8.97
C TRP A 149 0.45 10.53 -8.81
N VAL A 150 -0.75 11.12 -8.91
CA VAL A 150 -0.93 12.59 -8.77
C VAL A 150 -0.91 12.99 -7.30
N LEU A 151 -0.29 14.13 -6.99
CA LEU A 151 -0.29 14.58 -5.62
C LEU A 151 -1.70 14.99 -5.16
N SER A 152 -1.98 14.89 -3.83
CA SER A 152 -3.26 15.29 -3.29
C SER A 152 -3.59 16.76 -3.59
N ALA A 153 -2.61 17.64 -3.58
CA ALA A 153 -2.87 19.08 -3.79
C ALA A 153 -3.27 19.35 -5.23
N HIS A 154 -2.90 18.43 -6.12
CA HIS A 154 -3.08 18.55 -7.56
C HIS A 154 -4.28 17.77 -8.10
N LEU A 155 -4.69 16.70 -7.41
CA LEU A 155 -5.84 15.94 -7.84
C LEU A 155 -7.08 16.83 -8.01
N PRO A 156 -7.34 17.88 -7.21
CA PRO A 156 -8.59 18.64 -7.39
C PRO A 156 -8.74 19.32 -8.75
N ARG A 157 -7.76 19.20 -9.65
CA ARG A 157 -7.99 19.59 -11.07
C ARG A 157 -8.71 18.52 -11.89
N GLN A 158 -8.94 17.32 -11.33
CA GLN A 158 -9.77 16.34 -12.00
C GLN A 158 -11.23 16.79 -12.11
N SER A 159 -12.02 16.05 -12.89
CA SER A 159 -13.43 16.33 -13.08
C SER A 159 -14.20 16.49 -11.77
N SER A 160 -13.96 15.56 -10.83
CA SER A 160 -14.72 15.58 -9.58
C SER A 160 -14.30 16.71 -8.68
N LYS A 161 -13.14 17.24 -8.94
CA LYS A 161 -12.55 18.34 -8.18
C LYS A 161 -12.18 17.90 -6.76
N ARG A 162 -11.86 16.61 -6.56
CA ARG A 162 -11.57 16.08 -5.23
C ARG A 162 -10.08 15.81 -5.06
N SER A 163 -9.61 15.69 -3.78
CA SER A 163 -8.19 15.47 -3.48
C SER A 163 -7.82 13.99 -3.40
N LEU A 164 -8.80 13.11 -3.57
CA LEU A 164 -8.63 11.67 -3.54
C LEU A 164 -8.62 11.17 -4.98
N PRO A 165 -7.73 10.19 -5.33
CA PRO A 165 -7.74 9.64 -6.69
C PRO A 165 -9.14 9.13 -7.00
N ASP A 166 -9.47 9.24 -8.29
CA ASP A 166 -10.64 8.59 -8.85
C ASP A 166 -10.12 7.60 -9.85
N PHE A 167 -10.37 6.32 -9.55
CA PHE A 167 -9.85 5.25 -10.37
C PHE A 167 -10.32 5.35 -11.81
N ARG A 168 -11.37 6.09 -12.12
CA ARG A 168 -11.78 6.12 -13.53
C ARG A 168 -11.01 7.14 -14.37
N GLU A 169 -10.22 7.99 -13.76
CA GLU A 169 -9.72 9.16 -14.49
C GLU A 169 -8.28 9.44 -14.05
N GLN A 170 -7.43 9.80 -15.04
CA GLN A 170 -6.06 10.20 -14.75
C GLN A 170 -5.83 11.61 -15.33
N ILE A 171 -5.16 12.47 -14.55
CA ILE A 171 -4.56 13.69 -15.02
C ILE A 171 -3.08 13.59 -14.74
N ILE A 172 -2.29 14.52 -15.29
CA ILE A 172 -0.87 14.60 -15.03
C ILE A 172 -0.56 15.88 -14.28
N ASP A 173 0.32 15.73 -13.30
CA ASP A 173 0.87 16.80 -12.51
C ASP A 173 2.36 16.64 -12.43
N LEU A 174 3.00 17.56 -11.66
CA LEU A 174 4.41 17.52 -11.46
C LEU A 174 4.87 16.11 -10.96
N GLY A 175 4.28 15.68 -9.86
CA GLY A 175 4.59 14.38 -9.26
C GLY A 175 4.42 13.22 -10.25
N SER A 176 3.22 13.08 -10.83
CA SER A 176 2.87 11.92 -11.64
C SER A 176 3.76 11.80 -12.86
N GLY A 177 4.09 12.93 -13.49
CA GLY A 177 5.03 12.91 -14.59
C GLY A 177 6.37 12.33 -14.17
N GLY A 178 6.92 12.76 -13.03
CA GLY A 178 8.24 12.28 -12.59
C GLY A 178 8.08 10.80 -12.24
N TYR A 179 6.95 10.44 -11.59
CA TYR A 179 6.74 9.05 -11.17
C TYR A 179 6.74 8.18 -12.43
N GLY A 180 6.01 8.64 -13.43
CA GLY A 180 5.89 7.95 -14.71
C GLY A 180 7.22 7.74 -15.43
N ALA A 181 8.05 8.79 -15.48
CA ALA A 181 9.34 8.72 -16.08
C ALA A 181 10.25 7.73 -15.37
N LEU A 182 10.24 7.78 -14.03
CA LEU A 182 11.04 6.85 -13.22
C LEU A 182 10.62 5.39 -13.48
N MET A 183 9.30 5.16 -13.50
CA MET A 183 8.76 3.83 -13.83
C MET A 183 9.16 3.37 -15.24
N ALA A 184 9.23 4.29 -16.19
CA ALA A 184 9.65 3.98 -17.56
C ALA A 184 11.12 3.55 -17.61
N TRP A 185 11.98 4.25 -16.85
CA TRP A 185 13.37 3.90 -16.78
C TRP A 185 13.54 2.55 -16.09
N VAL A 186 12.75 2.28 -15.05
CA VAL A 186 12.89 1.00 -14.35
C VAL A 186 12.52 -0.12 -15.33
N HIS A 187 11.44 0.13 -16.08
CA HIS A 187 10.94 -0.81 -17.05
C HIS A 187 12.04 -1.09 -18.11
N TYR A 188 12.65 -0.02 -18.63
CA TYR A 188 13.63 -0.11 -19.72
C TYR A 188 14.85 -0.90 -19.25
N PHE A 189 15.39 -0.59 -18.07
CA PHE A 189 16.58 -1.27 -17.60
C PHE A 189 16.36 -2.71 -17.14
N PHE A 190 15.22 -3.01 -16.50
CA PHE A 190 15.07 -4.23 -15.73
C PHE A 190 13.95 -5.12 -16.25
N ARG A 191 13.41 -4.83 -17.44
CA ARG A 191 12.39 -5.68 -18.02
C ARG A 191 12.86 -7.16 -18.02
N LYS A 192 14.06 -7.45 -18.46
CA LYS A 192 14.45 -8.85 -18.62
C LYS A 192 14.56 -9.58 -17.29
N PRO A 193 15.29 -9.06 -16.27
CA PRO A 193 15.26 -9.78 -15.02
C PRO A 193 13.89 -9.80 -14.34
N PHE A 194 13.11 -8.71 -14.47
CA PHE A 194 11.72 -8.77 -14.04
C PHE A 194 10.96 -9.91 -14.72
N ASP A 195 11.04 -10.01 -16.05
CA ASP A 195 10.22 -11.02 -16.73
C ASP A 195 10.68 -12.45 -16.39
N LYS A 196 11.94 -12.57 -15.98
CA LYS A 196 12.44 -13.89 -15.56
C LYS A 196 11.71 -14.31 -14.33
N ILE A 197 11.49 -13.32 -13.45
CA ILE A 197 10.79 -13.60 -12.22
C ILE A 197 9.30 -13.85 -12.52
N ASN A 198 8.63 -12.88 -13.15
CA ASN A 198 7.21 -13.00 -13.47
C ASN A 198 6.89 -11.88 -14.44
N PRO A 199 6.62 -12.24 -15.69
CA PRO A 199 6.38 -11.26 -16.73
C PRO A 199 5.15 -10.37 -16.52
N VAL A 200 4.29 -10.72 -15.58
CA VAL A 200 3.12 -9.86 -15.35
C VAL A 200 3.46 -8.48 -14.79
N VAL A 201 4.59 -8.35 -14.11
CA VAL A 201 5.00 -7.10 -13.51
C VAL A 201 5.27 -6.07 -14.61
N SER A 202 6.15 -6.40 -15.55
CA SER A 202 6.40 -5.48 -16.64
C SER A 202 5.12 -5.13 -17.41
N LEU A 203 4.25 -6.14 -17.62
CA LEU A 203 3.00 -5.97 -18.30
C LEU A 203 2.15 -4.90 -17.63
N GLN A 204 2.08 -4.93 -16.29
CA GLN A 204 1.23 -4.01 -15.56
C GLN A 204 1.91 -2.63 -15.55
N MET A 205 3.21 -2.59 -15.57
CA MET A 205 3.91 -1.34 -15.70
C MET A 205 3.61 -0.63 -17.00
N ARG A 206 3.59 -1.35 -18.11
CA ARG A 206 3.28 -0.78 -19.41
C ARG A 206 1.85 -0.22 -19.43
N LYS A 207 0.93 -1.02 -18.90
CA LYS A 207 -0.43 -0.58 -18.70
C LYS A 207 -0.53 0.70 -17.86
N ALA A 208 0.15 0.72 -16.72
CA ALA A 208 0.08 1.85 -15.82
C ALA A 208 0.62 3.14 -16.47
N ILE A 209 1.76 3.03 -17.17
CA ILE A 209 2.34 4.19 -17.81
C ILE A 209 1.41 4.66 -18.93
N LYS A 210 0.84 3.73 -19.69
CA LYS A 210 -0.09 4.06 -20.76
C LYS A 210 -1.31 4.77 -20.18
N GLU A 211 -1.86 4.26 -19.08
CA GLU A 211 -3.06 4.83 -18.51
C GLU A 211 -2.84 6.19 -17.85
N ARG A 212 -1.68 6.37 -17.26
CA ARG A 212 -1.43 7.49 -16.38
C ARG A 212 -0.62 8.60 -17.02
N ILE A 213 0.10 8.32 -18.11
CA ILE A 213 0.90 9.30 -18.84
C ILE A 213 0.49 9.30 -20.29
N LEU A 214 0.64 8.18 -21.02
CA LEU A 214 0.58 8.27 -22.50
C LEU A 214 -0.80 8.75 -22.98
N ASP A 215 -1.82 8.07 -22.48
CA ASP A 215 -3.18 8.30 -22.93
C ASP A 215 -3.70 9.68 -22.51
N PRO A 216 -3.64 10.07 -21.23
CA PRO A 216 -4.14 11.39 -20.79
C PRO A 216 -3.40 12.46 -21.58
N TYR A 217 -2.10 12.28 -21.75
CA TYR A 217 -1.31 13.27 -22.50
C TYR A 217 -1.86 13.52 -23.92
N MET A 218 -2.14 12.44 -24.63
CA MET A 218 -2.67 12.49 -25.97
C MET A 218 -4.13 12.89 -25.98
N ASN A 219 -4.98 12.47 -25.03
CA ASN A 219 -6.41 12.48 -25.17
C ASN A 219 -7.01 13.72 -24.53
N ASP A 220 -6.29 14.39 -23.68
CA ASP A 220 -6.85 15.50 -22.93
C ASP A 220 -6.10 16.75 -23.38
N ASP A 221 -6.76 17.62 -24.14
CA ASP A 221 -6.16 18.89 -24.58
C ASP A 221 -6.18 20.04 -23.59
N ASP A 222 -6.79 19.84 -22.43
CA ASP A 222 -7.16 20.94 -21.56
C ASP A 222 -6.36 21.02 -20.26
N MET A 223 -5.35 20.18 -20.04
CA MET A 223 -4.51 20.31 -18.87
C MET A 223 -3.84 21.69 -18.89
N TRP A 224 -3.93 22.41 -17.77
CA TRP A 224 -3.64 23.83 -17.77
C TRP A 224 -2.19 24.05 -18.20
N TRP A 225 -1.27 23.19 -17.73
CA TRP A 225 0.15 23.40 -17.99
C TRP A 225 0.53 23.15 -19.46
N MET A 226 -0.29 22.50 -20.25
CA MET A 226 0.05 22.25 -21.65
C MET A 226 -0.08 23.52 -22.47
N ALA A 227 -0.95 24.42 -21.98
CA ALA A 227 -1.17 25.76 -22.55
C ALA A 227 -1.68 25.73 -23.99
N PHE A 228 -2.37 24.67 -24.39
CA PHE A 228 -2.99 24.67 -25.72
C PHE A 228 -4.15 25.69 -25.82
N ASN A 229 -4.74 26.07 -24.69
CA ASN A 229 -5.84 27.05 -24.76
C ASN A 229 -5.38 28.44 -24.33
N TRP A 230 -4.07 28.65 -24.20
CA TRP A 230 -3.53 29.81 -23.53
C TRP A 230 -4.10 31.08 -24.17
N GLN A 231 -4.43 32.04 -23.31
CA GLN A 231 -4.65 33.41 -23.73
C GLN A 231 -3.94 34.41 -22.84
N PRO A 232 -3.74 35.65 -23.35
CA PRO A 232 -3.24 36.73 -22.52
C PRO A 232 -3.95 36.77 -21.16
N GLY A 233 -3.15 36.93 -20.09
CA GLY A 233 -3.68 36.98 -18.75
C GLY A 233 -3.29 35.73 -17.96
N GLU A 234 -3.20 34.58 -18.63
CA GLU A 234 -3.00 33.31 -17.93
C GLU A 234 -1.52 32.97 -17.81
N ILE A 235 -1.16 32.12 -16.82
CA ILE A 235 0.26 31.83 -16.66
C ILE A 235 0.66 30.56 -17.42
N ILE A 236 1.87 30.65 -17.96
CA ILE A 236 2.67 29.50 -18.33
C ILE A 236 3.87 29.61 -17.43
N ASN A 237 4.23 28.49 -16.79
CA ASN A 237 5.35 28.46 -15.88
C ASN A 237 6.06 27.12 -16.04
N ASN A 238 6.92 26.85 -15.04
CA ASN A 238 7.82 25.71 -14.99
C ASN A 238 7.05 24.39 -15.25
N TRP A 239 5.76 24.30 -14.89
CA TRP A 239 5.00 23.05 -15.05
C TRP A 239 5.07 22.60 -16.48
N ASN A 240 5.09 23.59 -17.42
CA ASN A 240 5.07 23.28 -18.83
C ASN A 240 6.31 22.49 -19.27
N PRO A 241 7.56 23.02 -19.19
CA PRO A 241 8.67 22.20 -19.60
C PRO A 241 8.90 20.99 -18.70
N TRP A 242 8.54 21.13 -17.41
CA TRP A 242 8.74 20.02 -16.49
C TRP A 242 7.83 18.84 -16.84
N CYS A 243 6.53 19.09 -16.99
CA CYS A 243 5.62 18.01 -17.37
C CYS A 243 5.89 17.52 -18.79
N ASN A 244 6.16 18.42 -19.76
CA ASN A 244 6.41 18.00 -21.12
C ASN A 244 7.63 17.07 -21.16
N SER A 245 8.70 17.44 -20.43
CA SER A 245 9.93 16.69 -20.44
C SER A 245 9.72 15.28 -19.84
N ASN A 246 8.85 15.14 -18.82
CA ASN A 246 8.54 13.85 -18.24
C ASN A 246 7.71 13.01 -19.21
N ALA A 247 6.74 13.64 -19.88
CA ALA A 247 5.88 12.93 -20.80
C ALA A 247 6.71 12.44 -21.99
N LEU A 248 7.59 13.31 -22.45
CA LEU A 248 8.45 13.05 -23.60
C LEU A 248 9.32 11.81 -23.35
N GLN A 249 9.91 11.74 -22.18
CA GLN A 249 10.67 10.57 -21.75
C GLN A 249 9.83 9.28 -21.83
N CYS A 250 8.63 9.37 -21.26
CA CYS A 250 7.75 8.21 -21.23
C CYS A 250 7.48 7.75 -22.65
N PHE A 251 7.15 8.68 -23.50
CA PHE A 251 6.86 8.31 -24.88
C PHE A 251 8.09 7.67 -25.54
N LEU A 252 9.24 8.29 -25.39
CA LEU A 252 10.42 7.75 -26.04
C LEU A 252 10.82 6.36 -25.51
N LEU A 253 10.48 6.07 -24.26
CA LEU A 253 10.81 4.79 -23.65
C LEU A 253 9.79 3.70 -23.95
N MET A 254 8.51 4.08 -24.06
CA MET A 254 7.40 3.15 -23.94
C MET A 254 6.59 3.04 -25.21
N GLU A 255 6.62 4.06 -26.09
CA GLU A 255 5.77 4.10 -27.25
C GLU A 255 6.53 3.63 -28.48
N ASN A 256 6.27 2.40 -28.96
CA ASN A 256 7.08 1.84 -30.03
C ASN A 256 6.35 1.93 -31.38
N ASN A 257 5.10 2.42 -31.39
CA ASN A 257 4.43 2.74 -32.65
C ASN A 257 4.91 4.13 -33.09
N LYS A 258 5.55 4.19 -34.26
CA LYS A 258 6.26 5.40 -34.64
C LYS A 258 5.28 6.51 -35.02
N ASP A 259 4.16 6.13 -35.63
CA ASP A 259 3.09 7.07 -35.90
C ASP A 259 2.59 7.71 -34.60
N ARG A 260 2.40 6.92 -33.51
CA ARG A 260 1.85 7.44 -32.26
C ARG A 260 2.93 8.31 -31.61
N LEU A 261 4.18 7.84 -31.71
CA LEU A 261 5.32 8.56 -31.15
C LEU A 261 5.48 9.92 -31.82
N ALA A 262 5.54 10.00 -33.16
CA ALA A 262 5.64 11.28 -33.83
C ALA A 262 4.54 12.24 -33.37
N LYS A 263 3.31 11.75 -33.30
CA LYS A 263 2.17 12.60 -32.91
C LYS A 263 2.34 13.10 -31.48
N ALA A 264 2.82 12.23 -30.57
CA ALA A 264 3.05 12.66 -29.20
C ALA A 264 4.19 13.70 -29.12
N VAL A 265 5.32 13.42 -29.78
CA VAL A 265 6.47 14.31 -29.72
C VAL A 265 6.11 15.68 -30.30
N TYR A 266 5.39 15.66 -31.41
CA TYR A 266 5.06 16.91 -32.06
C TYR A 266 4.12 17.72 -31.16
N ARG A 267 3.17 17.03 -30.50
N ARG A 267 3.18 17.02 -30.50
CA ARG A 267 2.32 17.69 -29.51
CA ARG A 267 2.32 17.65 -29.50
C ARG A 267 3.14 18.37 -28.41
C ARG A 267 3.14 18.35 -28.41
N SER A 268 4.21 17.68 -27.94
CA SER A 268 5.07 18.24 -26.93
C SER A 268 5.84 19.44 -27.46
N MET A 269 6.28 19.44 -28.73
CA MET A 269 6.87 20.61 -29.31
C MET A 269 5.89 21.80 -29.33
N LYS A 270 4.65 21.57 -29.75
CA LYS A 270 3.71 22.68 -29.78
C LYS A 270 3.44 23.22 -28.38
N SER A 271 3.40 22.34 -27.35
CA SER A 271 3.14 22.75 -26.00
C SER A 271 4.32 23.56 -25.44
N VAL A 272 5.53 23.03 -25.62
CA VAL A 272 6.72 23.68 -25.10
C VAL A 272 6.97 25.01 -25.83
N ASP A 273 6.67 25.15 -27.12
CA ASP A 273 6.69 26.44 -27.79
C ASP A 273 5.89 27.54 -27.06
N LYS A 274 4.74 27.19 -26.47
CA LYS A 274 3.98 28.15 -25.66
C LYS A 274 4.84 28.74 -24.56
N PHE A 275 5.61 27.92 -23.84
CA PHE A 275 6.52 28.40 -22.80
C PHE A 275 7.61 29.30 -23.41
N ILE A 276 8.31 28.82 -24.44
CA ILE A 276 9.40 29.57 -25.06
C ILE A 276 8.85 30.91 -25.54
N ASN A 277 7.62 30.90 -26.09
CA ASN A 277 7.01 32.12 -26.60
C ASN A 277 6.78 33.09 -25.45
N PHE A 278 6.53 32.54 -24.26
CA PHE A 278 6.04 33.34 -23.15
C PHE A 278 7.21 34.01 -22.44
N VAL A 279 8.34 33.34 -22.26
CA VAL A 279 9.44 33.97 -21.51
C VAL A 279 10.16 35.00 -22.37
N LYS A 280 10.91 35.89 -21.73
CA LYS A 280 11.55 36.99 -22.42
C LYS A 280 12.82 36.49 -23.09
N SER A 281 13.12 37.05 -24.28
CA SER A 281 14.20 36.54 -25.10
C SER A 281 15.56 36.88 -24.49
N ASP A 282 15.59 37.93 -23.65
CA ASP A 282 16.84 38.33 -22.97
C ASP A 282 17.34 37.28 -21.98
N GLY A 283 16.53 36.30 -21.59
CA GLY A 283 16.95 35.15 -20.78
C GLY A 283 16.77 35.30 -19.26
N ALA A 284 16.37 36.50 -18.80
CA ALA A 284 16.11 36.72 -17.38
C ALA A 284 14.85 35.97 -16.93
N CYS A 285 15.02 35.04 -15.95
CA CYS A 285 13.95 34.27 -15.26
C CYS A 285 13.39 35.27 -14.22
N GLU A 286 12.29 35.98 -14.53
CA GLU A 286 11.86 37.17 -13.76
C GLU A 286 11.36 36.83 -12.34
N GLU A 287 11.09 35.53 -12.12
CA GLU A 287 10.75 35.00 -10.81
C GLU A 287 12.02 35.05 -9.95
N GLY A 288 13.20 34.88 -10.59
CA GLY A 288 14.51 34.95 -9.94
C GLY A 288 15.08 33.55 -9.96
N THR A 289 16.18 33.38 -9.28
CA THR A 289 16.89 32.15 -9.46
C THR A 289 16.16 30.97 -8.81
N SER A 290 15.20 31.13 -7.86
CA SER A 290 14.84 29.95 -7.06
C SER A 290 14.05 28.97 -7.94
N ALA A 291 13.43 29.43 -9.01
CA ALA A 291 12.74 28.49 -9.89
C ALA A 291 13.63 28.09 -11.07
N TRP A 292 14.86 28.64 -11.22
CA TRP A 292 15.61 28.46 -12.46
C TRP A 292 15.79 26.98 -12.79
N GLY A 293 16.07 26.18 -11.76
CA GLY A 293 16.40 24.78 -11.90
C GLY A 293 15.26 23.97 -12.53
N HIS A 294 14.01 24.39 -12.31
CA HIS A 294 12.84 23.70 -12.81
C HIS A 294 12.11 24.49 -13.87
N ALA A 295 12.60 25.67 -14.23
CA ALA A 295 12.07 26.47 -15.32
C ALA A 295 13.04 26.39 -16.48
N ALA A 296 14.01 27.30 -16.60
CA ALA A 296 15.02 27.20 -17.66
C ALA A 296 15.68 25.81 -17.59
N GLY A 297 15.92 25.24 -16.38
CA GLY A 297 16.59 23.97 -16.25
C GLY A 297 15.73 22.83 -16.81
N LYS A 298 14.42 22.91 -16.64
CA LYS A 298 13.58 21.88 -17.29
C LYS A 298 13.37 22.11 -18.78
N LEU A 299 13.45 23.34 -19.24
CA LEU A 299 13.47 23.62 -20.67
C LEU A 299 14.69 22.96 -21.28
N TYR A 300 15.84 23.08 -20.57
CA TYR A 300 17.06 22.41 -21.02
C TYR A 300 16.85 20.88 -21.07
N ASP A 301 16.32 20.28 -20.02
CA ASP A 301 16.12 18.84 -19.97
C ASP A 301 15.24 18.45 -21.17
N TYR A 302 14.15 19.16 -21.41
CA TYR A 302 13.25 18.84 -22.51
C TYR A 302 14.02 18.90 -23.84
N LEU A 303 14.83 19.95 -24.07
CA LEU A 303 15.56 20.07 -25.33
C LEU A 303 16.60 18.97 -25.47
N GLN A 304 17.22 18.56 -24.35
CA GLN A 304 18.22 17.48 -24.44
C GLN A 304 17.54 16.15 -24.82
N ILE A 305 16.44 15.84 -24.14
CA ILE A 305 15.66 14.66 -24.41
C ILE A 305 15.21 14.65 -25.87
N LEU A 306 14.67 15.77 -26.35
CA LEU A 306 14.24 15.91 -27.76
C LEU A 306 15.40 15.69 -28.72
N SER A 307 16.56 16.30 -28.45
CA SER A 307 17.70 16.12 -29.30
C SER A 307 18.10 14.66 -29.28
N ASP A 308 18.20 14.06 -28.09
CA ASP A 308 18.61 12.66 -28.03
C ASP A 308 17.63 11.79 -28.82
N GLY A 309 16.36 12.03 -28.68
CA GLY A 309 15.37 11.21 -29.35
C GLY A 309 15.31 11.32 -30.87
N THR A 310 15.94 12.34 -31.42
CA THR A 310 15.97 12.65 -32.86
C THR A 310 17.40 12.61 -33.40
N GLY A 311 18.26 11.91 -32.64
CA GLY A 311 19.64 11.72 -33.10
C GLY A 311 20.33 13.06 -33.29
N GLY A 312 19.92 14.10 -32.53
CA GLY A 312 20.54 15.40 -32.75
C GLY A 312 19.90 16.26 -33.82
N LYS A 313 18.96 15.73 -34.59
CA LYS A 313 18.44 16.43 -35.75
C LYS A 313 17.51 17.60 -35.34
N ILE A 314 16.76 17.50 -34.22
CA ILE A 314 15.92 18.59 -33.76
C ILE A 314 16.48 19.04 -32.43
N SER A 315 17.25 20.12 -32.49
CA SER A 315 17.92 20.67 -31.30
C SER A 315 17.83 22.18 -31.33
N LEU A 316 17.33 22.80 -30.27
CA LEU A 316 17.47 24.25 -30.10
C LEU A 316 18.63 24.58 -29.19
N LEU A 317 19.52 23.63 -28.90
CA LEU A 317 20.55 23.87 -27.88
C LEU A 317 21.58 24.87 -28.37
N ASN A 318 21.57 25.16 -29.67
CA ASN A 318 22.42 26.20 -30.25
C ASN A 318 21.78 27.59 -30.32
N GLU A 319 20.55 27.73 -29.88
CA GLU A 319 19.89 29.02 -29.98
C GLU A 319 20.40 29.95 -28.90
N PRO A 320 20.82 31.18 -29.27
CA PRO A 320 21.36 32.14 -28.30
C PRO A 320 20.43 32.43 -27.14
N MET A 321 19.10 32.41 -27.35
CA MET A 321 18.18 32.66 -26.25
C MET A 321 18.30 31.58 -25.18
N ILE A 322 18.49 30.33 -25.63
CA ILE A 322 18.61 29.23 -24.65
C ILE A 322 19.90 29.44 -23.82
N ARG A 323 20.99 29.85 -24.46
CA ARG A 323 22.23 30.16 -23.74
C ARG A 323 22.03 31.28 -22.70
N ARG A 324 21.34 32.36 -23.06
CA ARG A 324 21.05 33.44 -22.14
C ARG A 324 20.20 32.97 -20.96
N MET A 325 19.22 32.09 -21.22
CA MET A 325 18.40 31.51 -20.16
C MET A 325 19.26 30.76 -19.15
N GLY A 326 20.29 30.05 -19.63
CA GLY A 326 21.08 29.22 -18.73
C GLY A 326 22.08 30.15 -18.00
N GLU A 327 22.62 31.16 -18.72
CA GLU A 327 23.64 32.07 -18.14
C GLU A 327 23.04 32.98 -17.09
N TYR A 328 21.73 33.18 -17.13
CA TYR A 328 21.07 33.94 -16.09
C TYR A 328 21.37 33.42 -14.68
N MET A 329 21.54 32.09 -14.51
CA MET A 329 21.80 31.50 -13.21
C MET A 329 23.21 31.95 -12.74
N SER A 330 24.17 32.07 -13.67
CA SER A 330 25.51 32.55 -13.37
C SER A 330 25.50 34.01 -13.01
N ARG A 331 24.95 34.85 -13.91
CA ARG A 331 25.02 36.28 -13.74
C ARG A 331 24.31 36.75 -12.46
N SER A 332 23.25 36.04 -12.00
CA SER A 332 22.43 36.45 -10.87
C SER A 332 22.98 35.91 -9.52
N TYR A 333 23.95 34.96 -9.58
CA TYR A 333 24.53 34.36 -8.38
C TYR A 333 25.71 35.25 -7.95
N VAL A 334 25.53 36.06 -6.92
CA VAL A 334 26.59 36.97 -6.48
C VAL A 334 27.74 36.16 -5.87
N GLY A 335 27.46 35.34 -4.87
CA GLY A 335 28.50 34.52 -4.24
C GLY A 335 28.08 34.19 -2.82
N ASN A 336 28.69 33.14 -2.23
CA ASN A 336 28.42 32.72 -0.86
C ASN A 336 26.92 32.58 -0.52
N GLY A 337 26.11 32.06 -1.44
CA GLY A 337 24.71 31.82 -1.20
C GLY A 337 23.80 33.03 -1.48
N TRP A 338 24.38 34.16 -1.87
CA TRP A 338 23.65 35.40 -2.07
C TRP A 338 23.32 35.54 -3.54
N VAL A 339 22.04 35.76 -3.83
CA VAL A 339 21.52 35.90 -5.19
C VAL A 339 20.75 37.20 -5.32
N VAL A 340 20.72 37.74 -6.55
CA VAL A 340 19.87 38.90 -6.83
C VAL A 340 18.40 38.48 -6.61
N ASN A 341 17.64 39.27 -5.84
CA ASN A 341 16.32 38.86 -5.33
C ASN A 341 15.30 40.00 -5.45
N PHE A 342 15.11 40.47 -6.70
CA PHE A 342 13.98 41.31 -7.02
C PHE A 342 12.70 40.46 -6.88
N ALA A 343 11.60 41.14 -6.55
CA ALA A 343 10.29 40.50 -6.44
C ALA A 343 10.29 39.56 -5.23
N ASP A 344 9.27 38.71 -5.16
CA ASP A 344 9.04 37.90 -3.95
C ASP A 344 9.91 36.67 -4.04
N ALA A 345 11.20 36.84 -3.69
CA ALA A 345 12.25 35.86 -3.93
C ALA A 345 13.25 35.97 -2.77
N SER A 346 13.84 34.83 -2.40
CA SER A 346 14.81 34.79 -1.32
C SER A 346 16.13 35.45 -1.74
N ALA A 347 16.79 36.15 -0.83
CA ALA A 347 18.13 36.68 -1.10
C ALA A 347 19.17 35.55 -1.04
N GLN A 348 18.79 34.38 -0.46
CA GLN A 348 19.64 33.20 -0.40
C GLN A 348 19.26 32.27 -1.55
N GLY A 349 20.28 31.71 -2.24
CA GLY A 349 19.95 30.75 -3.29
C GLY A 349 21.15 29.89 -3.67
N GLY A 350 21.04 29.20 -4.79
CA GLY A 350 22.04 28.22 -5.13
C GLY A 350 21.53 27.37 -6.28
N GLY A 351 22.22 26.29 -6.57
CA GLY A 351 21.89 25.48 -7.71
C GLY A 351 22.57 24.14 -7.64
N ASP A 352 22.14 23.31 -8.59
CA ASP A 352 22.67 21.97 -8.76
C ASP A 352 23.83 22.08 -9.72
N PRO A 353 25.10 21.96 -9.23
CA PRO A 353 26.28 22.12 -10.11
C PRO A 353 26.28 21.17 -11.29
N LEU A 354 25.82 19.93 -11.09
CA LEU A 354 25.82 18.94 -12.14
C LEU A 354 24.88 19.36 -13.31
N LEU A 355 23.66 19.77 -12.97
CA LEU A 355 22.72 20.34 -13.94
C LEU A 355 23.32 21.52 -14.70
N ILE A 356 23.92 22.44 -13.92
CA ILE A 356 24.43 23.68 -14.48
C ILE A 356 25.53 23.32 -15.46
N TYR A 357 26.37 22.35 -15.08
CA TYR A 357 27.45 21.93 -16.00
C TYR A 357 26.89 21.36 -17.33
N ARG A 358 25.91 20.48 -17.22
CA ARG A 358 25.36 19.80 -18.38
C ARG A 358 24.68 20.82 -19.32
N PHE A 359 23.94 21.76 -18.75
CA PHE A 359 23.30 22.77 -19.53
C PHE A 359 24.36 23.61 -20.22
N GLY A 360 25.36 24.04 -19.46
CA GLY A 360 26.48 24.81 -20.00
C GLY A 360 27.18 24.13 -21.18
N LYS A 361 27.50 22.86 -21.00
CA LYS A 361 28.17 22.11 -22.02
C LYS A 361 27.27 22.06 -23.27
N ALA A 362 26.00 21.77 -23.06
CA ALA A 362 25.08 21.60 -24.16
C ALA A 362 24.93 22.90 -24.98
N VAL A 363 24.95 24.10 -24.37
CA VAL A 363 24.79 25.37 -25.11
C VAL A 363 26.13 26.06 -25.38
N ASN A 364 27.23 25.33 -25.10
CA ASN A 364 28.59 25.81 -25.35
C ASN A 364 28.89 27.10 -24.58
N SER A 365 28.55 27.11 -23.28
CA SER A 365 28.78 28.22 -22.39
C SER A 365 29.94 27.88 -21.45
N ASN A 366 31.16 28.33 -21.77
CA ASN A 366 32.25 28.07 -20.83
C ASN A 366 31.95 28.69 -19.48
N GLU A 367 31.31 29.86 -19.50
CA GLU A 367 31.04 30.57 -18.28
C GLU A 367 30.27 29.64 -17.35
N MET A 368 29.21 28.99 -17.87
CA MET A 368 28.37 28.14 -17.02
C MET A 368 29.12 26.90 -16.53
N MET A 369 30.00 26.37 -17.36
CA MET A 369 30.71 25.18 -16.97
C MET A 369 31.72 25.48 -15.84
N HIS A 370 32.42 26.62 -15.91
CA HIS A 370 33.33 27.05 -14.83
C HIS A 370 32.53 27.40 -13.58
N PHE A 371 31.37 28.02 -13.78
CA PHE A 371 30.49 28.36 -12.66
C PHE A 371 30.00 27.12 -11.92
N ALA A 372 29.63 26.08 -12.66
CA ALA A 372 29.25 24.83 -12.05
C ALA A 372 30.40 24.33 -11.14
N ALA A 373 31.64 24.35 -11.64
CA ALA A 373 32.81 23.90 -10.87
C ALA A 373 32.95 24.75 -9.61
N TYR A 374 32.71 26.06 -9.72
CA TYR A 374 32.83 26.96 -8.61
C TYR A 374 31.80 26.61 -7.55
N LEU A 375 30.60 26.29 -8.01
CA LEU A 375 29.50 26.01 -7.12
C LEU A 375 29.66 24.69 -6.37
N LEU A 376 30.50 23.79 -6.83
CA LEU A 376 30.83 22.58 -6.10
C LEU A 376 31.52 22.88 -4.77
N ASN A 377 32.10 24.07 -4.59
CA ASN A 377 32.73 24.44 -3.34
C ASN A 377 33.82 23.45 -2.95
N GLY A 378 34.66 23.02 -3.91
CA GLY A 378 35.68 22.02 -3.67
C GLY A 378 35.18 20.59 -3.40
N ARG A 379 33.87 20.31 -3.51
CA ARG A 379 33.38 18.92 -3.45
C ARG A 379 33.62 18.21 -4.77
N LYS A 380 33.87 16.90 -4.68
CA LYS A 380 33.93 16.00 -5.83
C LYS A 380 32.48 15.79 -6.32
N PRO A 381 32.19 15.84 -7.63
CA PRO A 381 30.79 15.68 -8.12
C PRO A 381 30.40 14.23 -8.03
N TYR A 382 29.29 13.93 -7.35
CA TYR A 382 28.76 12.57 -7.29
C TYR A 382 27.38 12.57 -7.91
N ALA A 383 26.86 11.35 -8.14
CA ALA A 383 25.56 11.19 -8.79
C ALA A 383 24.49 11.95 -8.04
N THR A 384 23.58 12.57 -8.80
CA THR A 384 22.37 13.16 -8.27
C THR A 384 21.44 12.07 -7.78
N MET A 385 20.97 12.19 -6.52
CA MET A 385 20.10 11.19 -5.93
C MET A 385 18.65 11.65 -6.16
N GLY A 386 17.90 11.92 -5.09
CA GLY A 386 16.52 12.43 -5.26
C GLY A 386 15.58 11.46 -6.00
N ASN A 387 14.62 12.01 -6.80
CA ASN A 387 13.59 11.19 -7.44
C ASN A 387 13.45 11.46 -8.94
N ASP A 388 14.40 12.23 -9.50
CA ASP A 388 14.35 12.64 -10.89
C ASP A 388 15.30 11.72 -11.65
N ALA A 389 14.71 10.67 -12.26
CA ALA A 389 15.45 9.61 -12.90
C ALA A 389 16.34 10.14 -14.02
N PHE A 390 15.82 11.11 -14.77
CA PHE A 390 16.60 11.64 -15.87
C PHE A 390 17.85 12.38 -15.34
N ARG A 391 17.69 13.20 -14.31
CA ARG A 391 18.84 13.94 -13.78
C ARG A 391 19.85 13.02 -13.08
N SER A 392 19.37 11.97 -12.44
CA SER A 392 20.25 10.99 -11.80
C SER A 392 21.11 10.30 -12.84
N LEU A 393 20.45 9.78 -13.89
CA LEU A 393 21.16 9.05 -14.93
C LEU A 393 22.11 10.00 -15.66
N GLN A 394 21.61 11.19 -16.04
CA GLN A 394 22.42 12.10 -16.78
C GLN A 394 23.63 12.49 -15.90
N SER A 395 23.44 12.62 -14.58
CA SER A 395 24.54 13.07 -13.75
C SER A 395 25.72 12.09 -13.81
N LEU A 396 25.46 10.82 -14.13
CA LEU A 396 26.52 9.84 -14.25
C LEU A 396 27.45 10.17 -15.40
N LEU A 397 26.86 10.66 -16.50
CA LEU A 397 27.59 10.95 -17.73
C LEU A 397 28.49 12.15 -17.53
N CYS A 398 28.15 13.09 -16.63
CA CYS A 398 28.87 14.35 -16.59
C CYS A 398 29.95 14.39 -15.52
N CYS A 399 29.93 13.47 -14.52
CA CYS A 399 30.74 13.61 -13.30
C CYS A 399 32.20 13.83 -13.64
N ASN A 400 32.75 12.95 -14.50
CA ASN A 400 34.18 12.87 -14.72
C ASN A 400 34.69 14.19 -15.30
N ASP A 401 34.00 14.71 -16.30
CA ASP A 401 34.34 15.99 -16.88
C ASP A 401 34.12 17.17 -15.92
N LEU A 402 32.99 17.23 -15.18
CA LEU A 402 32.82 18.30 -14.21
C LEU A 402 33.96 18.27 -13.16
N ALA A 403 34.37 17.05 -12.75
CA ALA A 403 35.47 16.88 -11.80
C ALA A 403 36.75 17.52 -12.32
N LYS A 404 36.97 17.52 -13.63
CA LYS A 404 38.18 18.02 -14.23
C LYS A 404 38.12 19.54 -14.44
N GLU A 405 36.90 20.12 -14.45
N GLU A 405 36.91 20.12 -14.50
CA GLU A 405 36.70 21.53 -14.82
CA GLU A 405 36.76 21.54 -14.85
C GLU A 405 37.31 22.46 -13.77
C GLU A 405 37.34 22.45 -13.78
N THR A 406 37.96 23.55 -14.22
CA THR A 406 38.51 24.55 -13.30
C THR A 406 37.40 25.44 -12.74
N PRO A 407 37.38 25.66 -11.41
CA PRO A 407 36.37 26.52 -10.79
C PRO A 407 36.63 27.99 -11.04
N LYS A 408 35.66 28.73 -11.53
CA LYS A 408 35.84 30.17 -11.67
C LYS A 408 34.47 30.79 -11.80
N HIS A 409 34.30 32.03 -11.39
CA HIS A 409 33.02 32.68 -11.58
C HIS A 409 33.25 34.01 -12.30
N ASP A 410 33.78 33.93 -13.51
CA ASP A 410 34.07 35.10 -14.32
C ASP A 410 32.81 35.55 -15.07
N MET A 411 32.68 36.87 -15.20
CA MET A 411 31.62 37.38 -16.04
C MET A 411 31.91 38.83 -16.40
N PRO A 412 31.21 39.38 -17.40
CA PRO A 412 31.44 40.77 -17.77
C PRO A 412 31.08 41.69 -16.62
N ASP A 413 31.68 42.88 -16.65
CA ASP A 413 31.35 43.93 -15.70
C ASP A 413 29.86 44.30 -15.79
N VAL A 414 29.27 44.23 -16.97
CA VAL A 414 27.85 44.61 -17.03
C VAL A 414 27.05 43.52 -17.72
N THR A 415 25.88 43.20 -17.15
CA THR A 415 24.88 42.38 -17.80
C THR A 415 23.60 43.18 -17.86
N TRP A 416 23.03 43.30 -19.04
CA TRP A 416 21.91 44.18 -19.30
C TRP A 416 20.88 43.33 -20.03
N TYR A 417 19.75 43.07 -19.31
CA TYR A 417 18.55 42.39 -19.78
C TYR A 417 17.53 43.43 -20.22
N PRO A 418 17.55 43.88 -21.49
CA PRO A 418 16.83 45.10 -21.86
C PRO A 418 15.32 44.99 -21.84
N GLU A 419 14.77 43.80 -21.97
CA GLU A 419 13.32 43.66 -21.97
C GLU A 419 12.78 43.41 -20.55
N THR A 420 13.47 42.59 -19.76
CA THR A 420 13.06 42.38 -18.37
C THR A 420 13.44 43.62 -17.54
N GLU A 421 14.43 44.40 -18.02
CA GLU A 421 14.94 45.62 -17.39
C GLU A 421 15.60 45.32 -16.02
N PHE A 422 16.48 44.33 -16.02
CA PHE A 422 17.41 44.02 -14.94
C PHE A 422 18.81 44.38 -15.42
N CYS A 423 19.54 45.07 -14.53
CA CYS A 423 20.87 45.52 -14.86
C CYS A 423 21.85 45.11 -13.74
N TYR A 424 22.86 44.31 -14.06
CA TYR A 424 23.88 43.98 -13.06
C TYR A 424 25.19 44.60 -13.50
N MET A 425 25.85 45.27 -12.54
CA MET A 425 27.09 45.99 -12.76
C MET A 425 28.06 45.70 -11.60
N LYS A 426 29.32 45.36 -11.93
CA LYS A 426 30.35 45.02 -10.93
C LYS A 426 31.69 45.72 -11.25
N ASN A 427 32.54 45.85 -10.23
CA ASN A 427 33.89 46.39 -10.35
C ASN A 427 34.88 45.37 -9.79
N LYS A 428 36.15 45.58 -10.09
CA LYS A 428 37.19 44.63 -9.71
C LYS A 428 37.52 44.68 -8.21
N ASN A 429 36.93 45.58 -7.45
CA ASN A 429 37.23 45.74 -6.05
C ASN A 429 36.10 45.16 -5.19
N GLY A 430 35.15 44.48 -5.82
CA GLY A 430 34.23 43.60 -5.10
C GLY A 430 32.81 44.16 -4.92
N MET A 431 32.51 45.29 -5.59
CA MET A 431 31.18 45.86 -5.57
C MET A 431 30.33 45.18 -6.65
N PHE A 432 29.11 44.75 -6.28
CA PHE A 432 28.12 44.24 -7.25
C PHE A 432 26.81 45.00 -7.04
N VAL A 433 26.31 45.66 -8.09
CA VAL A 433 25.09 46.41 -8.00
C VAL A 433 24.09 45.77 -8.97
N ALA A 434 22.91 45.49 -8.46
CA ALA A 434 21.77 45.08 -9.33
C ALA A 434 20.71 46.20 -9.34
N ALA A 435 20.19 46.59 -10.51
CA ALA A 435 19.15 47.59 -10.57
C ALA A 435 18.08 47.15 -11.57
N LYS A 436 16.90 47.79 -11.51
CA LYS A 436 15.81 47.36 -12.38
C LYS A 436 14.91 48.56 -12.69
N GLY A 437 14.34 48.49 -13.91
CA GLY A 437 13.22 49.35 -14.30
C GLY A 437 11.94 48.59 -14.00
N GLY A 438 11.28 48.17 -15.10
CA GLY A 438 10.15 47.26 -15.05
C GLY A 438 8.84 48.02 -14.79
N PHE A 439 7.91 47.34 -14.12
CA PHE A 439 6.54 47.80 -13.94
C PHE A 439 5.95 47.02 -12.78
N ASN A 440 4.99 47.63 -12.08
CA ASN A 440 4.41 47.01 -10.88
C ASN A 440 3.32 46.01 -11.20
N ASN A 441 3.61 45.10 -12.12
CA ASN A 441 2.79 43.92 -12.21
C ASN A 441 3.65 42.77 -12.69
N GLU A 442 4.89 42.70 -12.25
CA GLU A 442 5.77 41.62 -12.67
C GLU A 442 5.41 40.35 -11.91
N SER A 443 5.94 39.22 -12.32
CA SER A 443 5.63 38.05 -11.54
C SER A 443 6.19 38.21 -10.13
N HIS A 444 5.36 37.74 -9.17
CA HIS A 444 5.69 37.79 -7.75
C HIS A 444 6.03 39.21 -7.34
N ASN A 445 5.34 40.18 -7.95
CA ASN A 445 5.71 41.58 -7.92
C ASN A 445 5.96 42.14 -6.52
N HIS A 446 7.02 42.98 -6.41
CA HIS A 446 7.16 44.00 -5.39
C HIS A 446 6.99 45.36 -6.04
N ASN A 447 6.48 46.39 -5.34
CA ASN A 447 6.52 47.71 -5.91
C ASN A 447 7.94 48.24 -5.73
N ASP A 448 8.75 48.07 -6.80
CA ASP A 448 10.19 48.25 -6.72
C ASP A 448 10.78 48.81 -8.01
N VAL A 449 10.00 49.54 -8.81
CA VAL A 449 10.56 50.14 -10.01
C VAL A 449 11.70 51.09 -9.64
N GLY A 450 12.90 50.89 -10.25
CA GLY A 450 14.00 51.81 -10.07
C GLY A 450 14.95 51.37 -8.94
N THR A 451 14.61 50.32 -8.20
CA THR A 451 15.38 49.99 -6.98
C THR A 451 16.76 49.44 -7.38
N PHE A 452 17.63 49.38 -6.35
CA PHE A 452 18.94 48.78 -6.48
C PHE A 452 19.21 47.96 -5.25
N SER A 453 20.14 47.04 -5.43
CA SER A 453 20.74 46.26 -4.37
C SER A 453 22.28 46.35 -4.51
N LEU A 454 22.99 46.57 -3.42
CA LEU A 454 24.47 46.63 -3.45
C LEU A 454 25.04 45.52 -2.58
N TYR A 455 25.97 44.77 -3.18
CA TYR A 455 26.74 43.77 -2.51
C TYR A 455 28.22 44.15 -2.53
N VAL A 456 28.92 43.77 -1.44
CA VAL A 456 30.35 44.08 -1.26
C VAL A 456 31.06 42.79 -0.85
N ASN A 457 31.84 42.27 -1.79
CA ASN A 457 32.52 40.99 -1.61
C ASN A 457 31.49 39.91 -1.34
N THR A 458 30.40 39.96 -2.13
CA THR A 458 29.26 39.05 -2.12
C THR A 458 28.23 39.36 -1.02
N ILE A 459 28.57 40.14 0.00
CA ILE A 459 27.72 40.38 1.15
C ILE A 459 26.76 41.53 0.84
N PRO A 460 25.44 41.30 1.03
CA PRO A 460 24.49 42.40 0.97
C PRO A 460 24.86 43.52 1.92
N VAL A 461 24.84 44.72 1.35
CA VAL A 461 25.03 45.90 2.14
C VAL A 461 23.85 46.86 2.02
N ILE A 462 23.34 47.07 0.81
CA ILE A 462 22.06 47.73 0.64
C ILE A 462 21.14 46.66 0.05
N LEU A 463 20.16 46.22 0.83
CA LEU A 463 19.55 44.93 0.58
C LEU A 463 18.12 45.06 0.00
N ASP A 464 17.61 43.93 -0.39
CA ASP A 464 16.23 43.77 -0.87
C ASP A 464 15.67 42.59 -0.05
N ALA A 465 14.71 42.90 0.82
CA ALA A 465 14.33 42.02 1.90
C ALA A 465 13.87 40.63 1.43
N GLY A 466 13.05 40.56 0.37
CA GLY A 466 12.75 39.32 -0.30
C GLY A 466 11.45 38.71 0.27
N VAL A 467 11.40 37.40 0.30
CA VAL A 467 10.16 36.63 0.42
C VAL A 467 9.82 36.31 1.87
N GLY A 468 8.58 36.58 2.28
CA GLY A 468 8.10 36.17 3.60
C GLY A 468 7.14 35.00 3.54
N THR A 469 6.73 34.51 4.72
CA THR A 469 5.67 33.50 4.81
C THR A 469 4.35 34.06 4.26
N TYR A 470 3.69 33.26 3.42
CA TYR A 470 2.40 33.63 2.84
C TYR A 470 1.33 33.81 3.92
N THR A 471 0.58 34.91 3.81
CA THR A 471 -0.61 35.15 4.62
C THR A 471 -1.80 35.23 3.66
N LYS A 472 -2.98 35.42 4.23
CA LYS A 472 -4.17 35.72 3.44
C LYS A 472 -4.02 37.02 2.65
N GLN A 473 -3.25 37.99 3.13
CA GLN A 473 -3.16 39.25 2.43
C GLN A 473 -2.15 39.17 1.26
N THR A 474 -1.38 38.09 1.13
CA THR A 474 -0.29 37.99 0.15
C THR A 474 -0.81 38.13 -1.28
N PHE A 475 -1.92 37.42 -1.62
CA PHE A 475 -2.58 37.60 -2.92
C PHE A 475 -3.83 38.49 -2.78
N GLY A 476 -4.00 39.50 -3.65
CA GLY A 476 -5.25 40.25 -3.61
C GLY A 476 -5.02 41.70 -3.25
N LYS A 477 -6.07 42.47 -3.00
CA LYS A 477 -5.89 43.85 -2.57
C LYS A 477 -5.24 43.74 -1.19
N ASP A 478 -4.63 44.76 -0.64
CA ASP A 478 -3.92 44.40 0.61
C ASP A 478 -2.57 43.63 0.46
N ARG A 479 -2.27 42.95 -0.65
CA ARG A 479 -0.89 42.53 -0.91
C ARG A 479 0.10 43.63 -0.49
N TYR A 480 -0.17 44.90 -0.87
CA TYR A 480 0.73 46.02 -0.68
C TYR A 480 0.53 46.63 0.71
N THR A 481 -0.15 45.94 1.64
CA THR A 481 -0.11 46.35 3.05
C THR A 481 1.01 45.54 3.75
N ILE A 482 1.64 44.58 3.05
CA ILE A 482 2.78 43.83 3.58
C ILE A 482 4.07 44.61 3.28
N TRP A 483 4.84 44.90 4.34
CA TRP A 483 5.96 45.82 4.20
C TRP A 483 6.96 45.36 3.12
N THR A 484 7.25 44.06 3.03
CA THR A 484 8.25 43.54 2.10
C THR A 484 7.88 43.83 0.65
N MET A 485 6.59 44.17 0.39
CA MET A 485 6.08 44.34 -0.96
C MET A 485 6.10 45.79 -1.38
N GLN A 486 6.31 46.67 -0.42
CA GLN A 486 6.12 48.08 -0.65
C GLN A 486 7.42 48.74 -1.09
N SER A 487 7.26 49.80 -1.89
CA SER A 487 8.37 50.61 -2.32
C SER A 487 8.95 51.35 -1.12
N ASN A 488 8.11 51.55 -0.10
CA ASN A 488 8.57 52.15 1.15
C ASN A 488 9.78 51.42 1.78
N TYR A 489 9.91 50.13 1.52
CA TYR A 489 10.89 49.25 2.13
C TYR A 489 11.77 48.70 1.01
N HIS A 490 11.85 49.43 -0.10
CA HIS A 490 12.89 49.24 -1.09
C HIS A 490 13.68 50.53 -1.17
N ASN A 491 14.73 50.51 -2.01
CA ASN A 491 15.76 51.52 -2.03
C ASN A 491 15.39 52.60 -3.05
N LEU A 492 14.46 53.44 -2.59
CA LEU A 492 13.66 54.27 -3.46
C LEU A 492 13.13 55.46 -2.69
N PRO A 493 12.72 56.52 -3.44
CA PRO A 493 12.02 57.64 -2.84
C PRO A 493 10.54 57.45 -2.60
N MET A 494 10.04 58.27 -1.65
CA MET A 494 8.62 58.45 -1.40
C MET A 494 8.32 59.87 -1.86
N ILE A 495 7.76 59.95 -3.07
CA ILE A 495 7.82 61.21 -3.82
C ILE A 495 6.64 62.04 -3.34
N ASN A 496 6.94 63.24 -2.81
CA ASN A 496 5.99 64.07 -2.06
C ASN A 496 5.44 63.26 -0.89
N GLY A 497 6.22 62.27 -0.42
CA GLY A 497 5.79 61.47 0.72
C GLY A 497 4.88 60.34 0.28
N ILE A 498 4.79 60.11 -1.04
CA ILE A 498 3.92 59.06 -1.56
C ILE A 498 4.75 57.92 -2.14
N PRO A 499 4.42 56.63 -1.86
CA PRO A 499 5.10 55.47 -2.46
C PRO A 499 4.51 55.09 -3.80
N GLN A 500 5.11 54.10 -4.45
CA GLN A 500 4.66 53.55 -5.73
C GLN A 500 3.37 52.80 -5.48
N LYS A 501 2.62 52.67 -6.58
CA LYS A 501 1.35 51.98 -6.58
C LYS A 501 1.48 50.73 -7.43
N TYR A 502 0.77 49.69 -7.01
CA TYR A 502 0.68 48.48 -7.77
C TYR A 502 -0.13 48.69 -9.05
N GLY A 503 0.23 47.93 -10.11
CA GLY A 503 -0.51 47.97 -11.37
C GLY A 503 0.42 47.97 -12.59
N GLN A 504 -0.06 47.36 -13.67
CA GLN A 504 0.62 47.22 -14.95
C GLN A 504 1.15 48.54 -15.48
N GLU A 505 0.41 49.64 -15.34
CA GLU A 505 0.83 50.86 -16.00
C GLU A 505 1.66 51.70 -15.05
N TYR A 506 1.83 51.24 -13.79
CA TYR A 506 2.77 51.86 -12.88
C TYR A 506 4.17 51.35 -13.21
N LYS A 507 4.93 52.15 -13.94
CA LYS A 507 6.05 51.62 -14.72
C LYS A 507 7.15 52.66 -14.91
N ALA A 508 8.31 52.13 -15.29
CA ALA A 508 9.49 52.89 -15.63
C ALA A 508 9.34 53.38 -17.08
N THR A 509 9.99 54.45 -17.40
CA THR A 509 10.05 54.88 -18.78
C THR A 509 11.49 55.33 -19.05
N ASN A 510 11.94 55.29 -20.33
CA ASN A 510 13.27 55.76 -20.74
C ASN A 510 14.38 55.09 -19.92
N THR A 511 14.28 53.79 -19.71
CA THR A 511 15.28 53.03 -18.99
C THR A 511 16.47 52.82 -19.93
N THR A 512 17.67 53.22 -19.52
CA THR A 512 18.87 52.96 -20.29
C THR A 512 19.97 52.41 -19.38
N CYS A 513 20.88 51.71 -20.07
CA CYS A 513 22.11 51.19 -19.52
C CYS A 513 23.23 51.47 -20.54
N ASN A 514 24.17 52.32 -20.15
CA ASN A 514 25.42 52.42 -20.86
C ASN A 514 26.41 51.40 -20.28
N GLU A 515 26.65 50.32 -21.02
CA GLU A 515 27.39 49.16 -20.55
C GLU A 515 28.86 49.57 -20.32
N LYS A 516 29.37 50.42 -21.21
CA LYS A 516 30.76 50.81 -21.13
C LYS A 516 31.04 51.65 -19.91
N LYS A 517 30.13 52.57 -19.58
CA LYS A 517 30.35 53.52 -18.51
C LYS A 517 29.80 53.01 -17.18
N ARG A 518 29.07 51.89 -17.18
CA ARG A 518 28.36 51.36 -16.01
C ARG A 518 27.41 52.41 -15.44
N VAL A 519 26.48 52.88 -16.30
CA VAL A 519 25.45 53.82 -15.89
C VAL A 519 24.08 53.23 -16.25
N PHE A 520 23.24 53.12 -15.21
CA PHE A 520 21.86 52.73 -15.40
C PHE A 520 21.06 53.97 -15.02
N SER A 521 19.97 54.21 -15.76
CA SER A 521 19.12 55.38 -15.55
C SER A 521 17.69 55.06 -15.96
N THR A 522 16.74 55.55 -15.18
CA THR A 522 15.36 55.29 -15.48
C THR A 522 14.53 56.44 -14.92
N ASP A 523 13.38 56.66 -15.56
CA ASP A 523 12.41 57.62 -15.05
C ASP A 523 11.33 56.80 -14.37
N ILE A 524 11.27 56.98 -13.05
CA ILE A 524 10.35 56.21 -12.23
C ILE A 524 9.05 56.99 -11.99
N ALA A 525 8.86 58.19 -12.60
CA ALA A 525 7.73 59.02 -12.25
C ALA A 525 6.40 58.27 -12.37
N ALA A 526 6.27 57.38 -13.38
CA ALA A 526 4.98 56.82 -13.72
C ALA A 526 4.68 55.56 -12.90
N ALA A 527 5.60 55.17 -12.01
CA ALA A 527 5.32 54.08 -11.10
C ALA A 527 4.56 54.60 -9.88
N TYR A 528 4.40 55.93 -9.80
CA TYR A 528 3.76 56.57 -8.67
C TYR A 528 2.36 57.08 -9.05
N PRO A 529 1.40 57.13 -8.11
CA PRO A 529 0.05 57.61 -8.40
C PRO A 529 -0.07 59.12 -8.59
N SER A 530 -1.25 59.55 -9.11
CA SER A 530 -1.55 60.97 -9.24
C SER A 530 -1.21 61.72 -7.96
N GLU A 531 -1.64 61.17 -6.81
CA GLU A 531 -1.47 61.91 -5.55
C GLU A 531 -0.01 62.30 -5.36
N ALA A 532 0.93 61.55 -5.96
CA ALA A 532 2.36 61.84 -5.83
C ALA A 532 2.74 63.05 -6.67
N LYS A 533 1.81 63.47 -7.54
CA LYS A 533 1.91 64.69 -8.33
C LYS A 533 3.35 64.96 -8.79
N VAL A 534 3.91 63.99 -9.54
CA VAL A 534 5.28 64.06 -10.05
C VAL A 534 5.28 63.99 -11.58
N LYS A 535 6.06 64.86 -12.23
CA LYS A 535 6.19 64.86 -13.68
C LYS A 535 7.28 63.89 -14.10
N ASN A 536 8.51 64.15 -13.63
CA ASN A 536 9.65 63.27 -13.86
C ASN A 536 10.48 63.05 -12.58
N TRP A 537 11.00 61.81 -12.47
CA TRP A 537 11.96 61.48 -11.42
C TRP A 537 12.97 60.50 -11.97
N ILE A 538 14.18 61.01 -12.25
CA ILE A 538 15.21 60.17 -12.81
C ILE A 538 16.10 59.70 -11.67
N ARG A 539 16.17 58.39 -11.60
CA ARG A 539 17.00 57.63 -10.68
C ARG A 539 18.05 56.92 -11.52
N SER A 540 19.29 57.21 -11.17
CA SER A 540 20.43 56.73 -11.91
C SER A 540 21.50 56.16 -10.94
N TYR A 541 22.17 55.08 -11.37
CA TYR A 541 23.26 54.41 -10.67
C TYR A 541 24.50 54.38 -11.55
N THR A 542 25.60 54.92 -11.02
CA THR A 542 26.90 54.93 -11.70
C THR A 542 27.90 54.18 -10.83
N LEU A 543 28.48 53.13 -11.39
CA LEU A 543 29.46 52.36 -10.64
C LEU A 543 30.84 52.63 -11.25
N ASP A 544 31.79 53.12 -10.44
CA ASP A 544 33.16 53.18 -10.94
C ASP A 544 33.98 52.11 -10.23
N ASP A 545 35.31 52.19 -10.33
CA ASP A 545 36.16 51.15 -9.78
C ASP A 545 36.06 51.11 -8.26
N ARG A 546 35.55 52.17 -7.61
CA ARG A 546 35.53 52.22 -6.14
C ARG A 546 34.18 52.57 -5.52
N LYS A 547 33.33 53.25 -6.25
CA LYS A 547 32.14 53.73 -5.61
C LYS A 547 30.90 53.62 -6.49
N LEU A 548 29.75 53.68 -5.79
CA LEU A 548 28.47 53.68 -6.43
C LEU A 548 27.92 55.06 -6.15
N THR A 549 27.52 55.76 -7.21
CA THR A 549 26.87 57.04 -7.06
C THR A 549 25.42 56.87 -7.45
N ILE A 550 24.54 57.27 -6.53
CA ILE A 550 23.11 57.22 -6.77
C ILE A 550 22.61 58.64 -6.92
N THR A 551 21.90 58.96 -8.03
CA THR A 551 21.31 60.29 -8.16
C THR A 551 19.80 60.22 -8.37
N ASP A 552 19.16 61.27 -7.84
CA ASP A 552 17.76 61.60 -8.10
C ASP A 552 17.77 62.99 -8.74
N SER A 553 16.93 63.15 -9.77
CA SER A 553 16.66 64.43 -10.41
C SER A 553 15.15 64.48 -10.69
N TYR A 554 14.42 65.48 -10.17
CA TYR A 554 12.96 65.43 -10.20
C TYR A 554 12.31 66.78 -10.58
N THR A 555 11.15 66.65 -11.25
CA THR A 555 10.17 67.71 -11.47
C THR A 555 8.80 67.24 -10.97
N LEU A 556 8.25 67.97 -9.99
CA LEU A 556 6.93 67.64 -9.49
C LEU A 556 5.90 68.49 -10.21
N GLU A 557 4.62 68.09 -10.22
CA GLU A 557 3.58 69.00 -10.65
C GLU A 557 3.41 70.08 -9.60
N GLU A 558 3.24 69.62 -8.35
CA GLU A 558 3.15 70.47 -7.18
C GLU A 558 3.88 69.84 -5.99
N ALA A 559 4.52 70.71 -5.19
CA ALA A 559 5.18 70.31 -3.96
C ALA A 559 4.17 70.27 -2.80
N VAL A 560 3.54 69.11 -2.60
CA VAL A 560 2.59 68.81 -1.53
C VAL A 560 3.33 68.62 -0.20
N ALA A 561 4.25 67.63 -0.16
CA ALA A 561 4.98 67.22 1.04
C ALA A 561 6.47 66.98 0.75
N PRO A 562 7.37 66.97 1.77
CA PRO A 562 8.79 66.71 1.53
C PRO A 562 8.93 65.29 1.02
N ASN A 563 9.93 65.12 0.13
CA ASN A 563 10.26 63.80 -0.36
C ASN A 563 10.87 63.03 0.81
N GLN A 564 10.76 61.71 0.80
CA GLN A 564 11.57 60.88 1.70
C GLN A 564 12.39 59.89 0.85
N VAL A 565 13.66 59.68 1.23
CA VAL A 565 14.45 58.64 0.58
C VAL A 565 14.83 57.56 1.59
N ASN A 566 14.67 56.30 1.22
CA ASN A 566 14.91 55.18 2.11
C ASN A 566 16.02 54.28 1.56
N PHE A 567 16.79 53.68 2.50
CA PHE A 567 17.70 52.60 2.16
C PHE A 567 17.58 51.47 3.20
N MET A 568 17.64 50.24 2.72
CA MET A 568 17.53 49.06 3.55
C MET A 568 18.90 48.43 3.79
N THR A 569 19.15 47.99 5.01
CA THR A 569 20.45 47.43 5.31
C THR A 569 20.38 46.55 6.55
N TRP A 570 21.55 46.08 6.96
CA TRP A 570 21.65 45.20 8.12
C TRP A 570 23.05 45.30 8.70
N GLY A 571 23.29 44.53 9.77
CA GLY A 571 24.56 44.64 10.48
C GLY A 571 24.63 45.82 11.43
N ASN A 572 25.84 46.41 11.53
CA ASN A 572 26.17 47.40 12.53
C ASN A 572 26.28 48.77 11.85
N VAL A 573 25.27 49.60 12.10
CA VAL A 573 25.04 50.85 11.40
C VAL A 573 25.30 52.00 12.37
N THR A 574 26.18 52.91 11.93
CA THR A 574 26.58 54.04 12.74
C THR A 574 26.49 55.33 11.94
N PHE A 575 26.51 56.44 12.72
CA PHE A 575 26.31 57.79 12.18
C PHE A 575 27.41 58.72 12.70
N PRO A 576 28.64 58.64 12.17
CA PRO A 576 29.72 59.41 12.75
C PRO A 576 29.58 60.91 12.57
N SER A 577 28.77 61.41 11.63
CA SER A 577 28.58 62.86 11.47
C SER A 577 27.40 63.17 10.55
N GLN A 578 26.97 64.43 10.54
CA GLN A 578 25.90 64.84 9.64
C GLN A 578 26.30 64.52 8.19
N GLY A 579 25.42 63.82 7.45
CA GLY A 579 25.65 63.48 6.05
C GLY A 579 26.43 62.17 5.85
N LYS A 580 26.76 61.45 6.96
CA LYS A 580 27.51 60.21 6.88
C LYS A 580 26.91 59.09 7.73
N ILE A 581 26.87 57.91 7.09
CA ILE A 581 26.47 56.65 7.70
C ILE A 581 27.52 55.60 7.39
N GLN A 582 27.84 54.77 8.39
CA GLN A 582 28.71 53.62 8.16
C GLN A 582 27.94 52.34 8.42
N ILE A 583 28.26 51.32 7.61
CA ILE A 583 27.63 50.04 7.71
C ILE A 583 28.73 48.99 7.73
N GLU A 584 28.74 48.21 8.79
CA GLU A 584 29.68 47.11 8.93
C GLU A 584 28.91 45.82 9.07
N VAL A 585 29.12 44.91 8.14
CA VAL A 585 28.37 43.66 8.15
C VAL A 585 29.20 42.55 7.51
N LYS A 586 29.32 41.44 8.23
CA LYS A 586 29.99 40.21 7.78
C LYS A 586 31.40 40.50 7.19
N GLY A 587 32.11 41.34 7.89
CA GLY A 587 33.49 41.73 7.66
C GLY A 587 33.61 42.77 6.55
N GLN A 588 32.50 43.34 6.03
CA GLN A 588 32.54 44.37 4.99
C GLN A 588 32.19 45.68 5.64
N LYS A 589 32.75 46.76 5.10
CA LYS A 589 32.44 48.04 5.68
C LYS A 589 32.32 49.13 4.61
N VAL A 590 31.28 49.94 4.71
CA VAL A 590 31.07 51.01 3.74
C VAL A 590 30.68 52.27 4.45
N GLU A 591 30.93 53.38 3.73
CA GLU A 591 30.34 54.65 4.10
C GLU A 591 29.28 55.09 3.08
N LEU A 592 28.18 55.65 3.57
CA LEU A 592 27.13 56.20 2.72
C LEU A 592 27.05 57.70 2.95
N ASP A 593 27.29 58.47 1.89
CA ASP A 593 27.31 59.92 1.96
C ASP A 593 25.98 60.43 1.41
N TYR A 594 25.24 61.21 2.21
CA TYR A 594 23.91 61.66 1.83
C TYR A 594 23.83 63.19 1.97
N PRO A 595 22.94 63.87 1.21
CA PRO A 595 22.76 65.34 1.37
C PRO A 595 22.39 65.81 2.78
N THR A 596 23.11 66.85 3.27
CA THR A 596 22.99 67.22 4.67
C THR A 596 21.64 67.90 4.95
N LEU A 597 20.95 68.34 3.90
CA LEU A 597 19.54 68.71 4.00
C LEU A 597 18.73 67.63 4.72
N PHE A 598 19.16 66.35 4.66
CA PHE A 598 18.41 65.25 5.23
C PHE A 598 18.74 64.97 6.70
N LYS A 599 17.70 64.65 7.48
CA LYS A 599 17.81 64.04 8.80
C LYS A 599 17.72 62.51 8.66
N ALA A 600 18.73 61.78 9.16
CA ALA A 600 18.84 60.32 9.04
C ALA A 600 18.40 59.67 10.33
N GLU A 601 17.48 58.72 10.24
CA GLU A 601 17.04 57.92 11.37
C GLU A 601 17.16 56.44 10.97
N LEU A 602 17.37 55.59 11.96
CA LEU A 602 17.51 54.17 11.73
C LEU A 602 16.30 53.50 12.31
N GLU A 603 15.53 52.80 11.51
CA GLU A 603 14.39 52.05 12.00
C GLU A 603 14.72 50.58 12.10
N THR A 604 14.53 50.03 13.31
CA THR A 604 14.74 48.62 13.56
C THR A 604 13.53 47.83 13.06
N ILE A 605 13.78 46.77 12.30
CA ILE A 605 12.77 45.84 11.83
C ILE A 605 13.11 44.47 12.39
N GLN A 606 12.53 44.18 13.57
CA GLN A 606 12.65 42.88 14.23
C GLN A 606 11.96 41.86 13.35
N LEU A 607 12.57 40.70 13.07
CA LEU A 607 11.97 39.74 12.13
C LEU A 607 11.36 38.54 12.87
N ASP A 608 10.02 38.54 13.08
CA ASP A 608 9.20 37.42 13.55
C ASP A 608 9.07 36.25 12.59
N ASP A 609 9.11 36.55 11.30
CA ASP A 609 8.87 35.53 10.31
C ASP A 609 10.13 34.72 10.01
N PRO A 610 10.15 33.39 10.25
CA PRO A 610 11.36 32.64 10.07
C PRO A 610 11.87 32.65 8.63
N ARG A 611 10.97 32.77 7.65
CA ARG A 611 11.42 32.78 6.28
C ARG A 611 12.35 33.98 6.03
N LEU A 612 12.13 35.09 6.75
CA LEU A 612 13.01 36.24 6.73
C LEU A 612 14.19 36.09 7.69
N SER A 613 13.91 35.71 8.92
CA SER A 613 14.94 35.66 9.93
C SER A 613 15.95 34.57 9.60
N ASN A 614 15.56 33.53 8.88
CA ASN A 614 16.54 32.48 8.51
C ASN A 614 17.55 33.00 7.48
N VAL A 615 17.20 34.09 6.78
CA VAL A 615 18.13 34.76 5.84
C VAL A 615 18.95 35.84 6.54
N TRP A 616 18.28 36.73 7.27
CA TRP A 616 18.85 37.95 7.71
C TRP A 616 19.21 37.98 9.19
N GLY A 617 18.79 37.00 10.00
CA GLY A 617 18.93 37.01 11.46
C GLY A 617 17.74 37.72 12.13
N LYS A 618 17.99 38.31 13.27
CA LYS A 618 16.97 38.78 14.21
C LYS A 618 16.28 40.05 13.71
N GLU A 619 16.99 40.91 12.96
CA GLU A 619 16.51 42.24 12.58
C GLU A 619 17.31 42.76 11.39
N ILE A 620 16.63 43.65 10.64
CA ILE A 620 17.23 44.49 9.64
C ILE A 620 16.76 45.92 9.87
N TYR A 621 17.18 46.85 8.99
CA TYR A 621 16.99 48.24 9.31
C TYR A 621 16.50 48.95 8.06
N ARG A 622 15.68 49.94 8.25
CA ARG A 622 15.48 50.96 7.23
C ARG A 622 16.06 52.26 7.72
N ILE A 623 16.98 52.80 6.90
CA ILE A 623 17.47 54.14 6.99
C ILE A 623 16.48 55.05 6.30
N THR A 624 15.90 56.00 7.07
CA THR A 624 14.99 57.01 6.56
C THR A 624 15.75 58.32 6.42
N LEU A 625 15.61 58.98 5.27
CA LEU A 625 16.19 60.30 5.07
C LEU A 625 15.04 61.28 4.85
N LYS A 626 14.97 62.28 5.72
CA LYS A 626 13.81 63.13 5.81
C LYS A 626 14.28 64.58 5.80
N THR A 627 13.36 65.47 5.38
CA THR A 627 13.65 66.88 5.22
C THR A 627 12.35 67.69 5.36
N ASN A 628 12.47 68.97 5.71
CA ASN A 628 11.35 69.90 5.65
C ASN A 628 11.33 70.71 4.36
N GLU A 629 12.39 70.65 3.56
CA GLU A 629 12.39 71.24 2.23
C GLU A 629 11.19 70.75 1.43
N LYS A 630 10.78 71.54 0.45
CA LYS A 630 9.64 71.19 -0.41
C LYS A 630 9.68 72.15 -1.61
N LYS A 631 9.81 71.60 -2.83
CA LYS A 631 10.09 72.41 -4.01
C LYS A 631 9.74 71.60 -5.24
N GLU A 632 9.62 72.27 -6.40
CA GLU A 632 9.09 71.58 -7.56
C GLU A 632 10.20 70.84 -8.28
N THR A 633 11.44 71.30 -8.13
CA THR A 633 12.55 70.60 -8.78
C THR A 633 13.75 70.55 -7.85
N GLY A 634 14.51 69.48 -7.97
CA GLY A 634 15.77 69.42 -7.27
C GLY A 634 16.44 68.09 -7.59
N ASN A 635 17.50 67.82 -6.85
CA ASN A 635 18.21 66.57 -7.03
C ASN A 635 19.06 66.23 -5.81
N TYR A 636 19.29 64.93 -5.66
CA TYR A 636 20.01 64.33 -4.54
C TYR A 636 21.13 63.47 -5.13
N LYS A 637 22.30 63.50 -4.48
CA LYS A 637 23.42 62.62 -4.80
C LYS A 637 23.72 61.82 -3.53
N PHE A 638 23.90 60.52 -3.70
CA PHE A 638 24.40 59.67 -2.61
C PHE A 638 25.61 58.91 -3.13
N VAL A 639 26.59 58.74 -2.26
CA VAL A 639 27.77 57.98 -2.64
C VAL A 639 28.05 56.88 -1.62
N ILE A 640 28.38 55.66 -2.13
CA ILE A 640 28.68 54.51 -1.29
C ILE A 640 30.03 53.98 -1.69
N GLN A 641 30.95 53.93 -0.71
CA GLN A 641 32.29 53.38 -0.96
C GLN A 641 32.74 52.53 0.19
N GLN A 642 33.66 51.62 -0.08
CA GLN A 642 34.27 50.81 0.96
C GLN A 642 35.26 51.61 1.79
N ILE A 643 35.21 51.39 3.12
CA ILE A 643 36.09 52.10 4.04
C ILE A 643 36.81 51.13 4.97
N LYS A 644 37.68 51.75 5.75
CA LYS A 644 38.54 51.25 6.81
C LYS A 644 39.62 50.43 6.11
N TYR B 26 -21.32 -40.88 -2.88
CA TYR B 26 -22.10 -39.82 -3.60
C TYR B 26 -23.49 -40.32 -3.96
N THR B 27 -24.56 -39.68 -3.41
CA THR B 27 -25.96 -39.98 -3.75
C THR B 27 -26.64 -38.70 -4.25
N GLU B 28 -27.43 -38.79 -5.34
CA GLU B 28 -28.16 -37.62 -5.85
C GLU B 28 -29.42 -37.33 -5.05
N ARG B 29 -29.27 -36.60 -3.93
CA ARG B 29 -30.39 -36.09 -3.15
C ARG B 29 -30.90 -34.80 -3.78
N ASP B 30 -30.01 -33.87 -4.18
CA ASP B 30 -30.44 -32.61 -4.78
C ASP B 30 -31.54 -31.92 -3.97
N MET B 31 -31.38 -31.86 -2.65
CA MET B 31 -32.37 -31.26 -1.76
C MET B 31 -32.70 -29.80 -2.08
N LEU B 32 -31.71 -28.99 -2.48
CA LEU B 32 -31.96 -27.58 -2.76
C LEU B 32 -32.73 -27.45 -4.06
N GLN B 33 -32.28 -28.15 -5.10
CA GLN B 33 -32.97 -28.15 -6.37
C GLN B 33 -34.43 -28.60 -6.19
N LYS B 34 -34.65 -29.56 -5.31
CA LYS B 34 -36.02 -29.99 -5.06
C LYS B 34 -36.80 -28.90 -4.32
N ALA B 35 -36.14 -28.02 -3.59
CA ALA B 35 -36.91 -27.01 -2.89
C ALA B 35 -37.37 -25.90 -3.85
N ALA B 36 -36.71 -25.75 -5.00
CA ALA B 36 -37.08 -24.70 -5.92
C ALA B 36 -36.26 -24.82 -7.20
N ASP B 37 -36.87 -24.38 -8.31
CA ASP B 37 -36.08 -24.05 -9.48
C ASP B 37 -35.94 -22.54 -9.52
N GLU B 38 -35.29 -22.07 -10.58
CA GLU B 38 -34.97 -20.67 -10.75
C GLU B 38 -36.21 -19.78 -10.65
N THR B 39 -37.35 -20.22 -11.24
CA THR B 39 -38.56 -19.40 -11.28
C THR B 39 -39.16 -19.27 -9.89
N THR B 40 -39.29 -20.41 -9.21
CA THR B 40 -39.84 -20.45 -7.86
C THR B 40 -39.00 -19.54 -6.98
N LEU B 41 -37.69 -19.72 -7.11
CA LEU B 41 -36.74 -18.99 -6.32
C LEU B 41 -36.96 -17.50 -6.57
N LYS B 42 -37.08 -17.14 -7.84
CA LYS B 42 -37.24 -15.74 -8.17
C LYS B 42 -38.40 -15.12 -7.41
N ASN B 43 -39.52 -15.83 -7.31
CA ASN B 43 -40.71 -15.39 -6.57
C ASN B 43 -40.52 -15.19 -5.06
N VAL B 44 -39.51 -15.81 -4.42
CA VAL B 44 -39.45 -15.71 -2.97
C VAL B 44 -38.21 -14.94 -2.53
N LEU B 45 -37.39 -14.45 -3.50
CA LEU B 45 -36.17 -13.74 -3.18
C LEU B 45 -36.56 -12.43 -2.54
N VAL B 46 -35.89 -12.03 -1.48
CA VAL B 46 -36.23 -10.81 -0.78
C VAL B 46 -35.29 -9.71 -1.28
N MET B 47 -35.88 -8.65 -1.86
CA MET B 47 -35.11 -7.70 -2.65
C MET B 47 -34.72 -6.53 -1.76
N LYS B 48 -33.78 -5.74 -2.25
CA LYS B 48 -33.42 -4.48 -1.63
C LYS B 48 -32.90 -4.75 -0.25
N GLN B 49 -32.29 -5.94 -0.05
CA GLN B 49 -31.66 -6.19 1.21
C GLN B 49 -32.66 -6.11 2.36
N ALA B 50 -33.96 -6.23 2.12
CA ALA B 50 -34.92 -6.20 3.23
C ALA B 50 -34.78 -7.44 4.14
N TRP B 51 -34.06 -8.47 3.70
CA TRP B 51 -33.81 -9.67 4.51
C TRP B 51 -32.79 -9.43 5.63
N VAL B 52 -32.15 -8.25 5.71
CA VAL B 52 -31.03 -8.08 6.62
C VAL B 52 -31.57 -8.03 8.05
N PRO B 53 -31.04 -8.86 8.98
CA PRO B 53 -31.64 -9.00 10.31
C PRO B 53 -31.12 -7.97 11.30
N TYR B 54 -30.14 -7.17 10.86
CA TYR B 54 -29.44 -6.31 11.79
C TYR B 54 -30.13 -4.98 11.65
N PRO B 55 -30.21 -4.15 12.67
CA PRO B 55 -30.79 -2.82 12.48
C PRO B 55 -30.02 -1.96 11.49
N ALA B 56 -30.46 -0.69 11.43
CA ALA B 56 -29.81 0.34 10.64
C ALA B 56 -28.64 0.90 11.41
N TYR B 57 -27.57 1.23 10.66
CA TYR B 57 -26.48 1.95 11.26
C TYR B 57 -26.98 3.06 12.17
N THR B 58 -27.98 3.85 11.73
CA THR B 58 -28.45 5.03 12.47
C THR B 58 -29.59 4.67 13.43
N ASP B 59 -29.33 3.84 14.41
CA ASP B 59 -30.37 3.43 15.35
C ASP B 59 -29.60 3.12 16.63
N ARG B 60 -29.09 4.16 17.30
CA ARG B 60 -28.34 4.04 18.55
C ARG B 60 -29.08 3.15 19.56
N ALA B 61 -30.39 3.42 19.75
CA ALA B 61 -31.30 2.65 20.59
C ALA B 61 -31.28 1.16 20.23
N ALA B 62 -31.61 0.76 18.98
CA ALA B 62 -31.72 -0.66 18.68
C ALA B 62 -30.35 -1.38 18.74
N TRP B 63 -29.28 -0.74 18.24
CA TRP B 63 -27.97 -1.37 18.34
C TRP B 63 -27.60 -1.56 19.80
N ASP B 64 -27.95 -0.58 20.66
CA ASP B 64 -27.65 -0.65 22.09
C ASP B 64 -28.27 -1.90 22.72
N SER B 65 -29.49 -2.25 22.27
CA SER B 65 -30.22 -3.37 22.84
C SER B 65 -29.55 -4.67 22.45
N LEU B 66 -29.30 -4.79 21.14
CA LEU B 66 -28.72 -5.98 20.55
C LEU B 66 -27.36 -6.31 21.20
N MET B 67 -26.55 -5.26 21.37
CA MET B 67 -25.15 -5.33 21.77
C MET B 67 -25.02 -5.68 23.24
N GLY B 68 -25.79 -5.02 24.08
CA GLY B 68 -25.65 -5.27 25.50
C GLY B 68 -24.22 -5.00 25.94
N SER B 69 -23.65 -5.94 26.68
CA SER B 69 -22.30 -5.85 27.23
C SER B 69 -21.20 -5.92 26.15
N ASN B 70 -21.50 -6.35 24.93
CA ASN B 70 -20.51 -6.34 23.86
C ASN B 70 -20.09 -4.91 23.48
N LYS B 71 -21.00 -3.93 23.63
CA LYS B 71 -20.72 -2.58 23.24
C LYS B 71 -19.39 -2.02 23.75
N GLN B 72 -19.23 -1.84 25.07
CA GLN B 72 -18.00 -1.30 25.62
C GLN B 72 -16.79 -2.02 25.01
N ARG B 73 -16.88 -3.37 24.92
CA ARG B 73 -15.73 -4.19 24.55
C ARG B 73 -15.35 -4.02 23.06
N LEU B 74 -16.35 -3.82 22.19
CA LEU B 74 -16.19 -3.66 20.75
C LEU B 74 -15.63 -2.27 20.52
N ILE B 75 -16.08 -1.29 21.32
CA ILE B 75 -15.53 0.05 21.26
C ILE B 75 -14.05 0.07 21.64
N ALA B 76 -13.70 -0.66 22.68
CA ALA B 76 -12.32 -0.73 23.14
C ALA B 76 -11.42 -1.35 22.05
N ALA B 77 -11.97 -2.35 21.33
CA ALA B 77 -11.21 -3.04 20.28
C ALA B 77 -11.01 -2.12 19.07
N GLY B 78 -12.00 -1.27 18.76
CA GLY B 78 -11.87 -0.26 17.73
C GLY B 78 -10.82 0.78 18.07
N GLU B 79 -10.79 1.17 19.34
CA GLU B 79 -9.90 2.21 19.81
C GLU B 79 -8.46 1.79 19.59
N LYS B 80 -8.19 0.48 19.75
CA LYS B 80 -6.86 -0.05 19.58
C LYS B 80 -6.43 -0.01 18.12
N LEU B 81 -7.37 0.23 17.20
CA LEU B 81 -7.04 0.29 15.77
C LEU B 81 -7.13 1.70 15.21
N LEU B 82 -7.30 2.72 16.05
CA LEU B 82 -7.45 4.07 15.53
C LEU B 82 -6.20 4.46 14.77
N ASP B 83 -5.04 3.98 15.20
CA ASP B 83 -3.78 4.28 14.53
C ASP B 83 -3.18 3.08 13.75
N TYR B 84 -3.96 2.04 13.48
CA TYR B 84 -3.57 0.90 12.69
C TYR B 84 -3.13 1.28 11.28
N LYS B 85 -1.91 0.84 10.92
CA LYS B 85 -1.35 1.07 9.60
C LYS B 85 -1.71 -0.12 8.73
N TRP B 86 -2.56 0.16 7.75
CA TRP B 86 -2.92 -0.85 6.76
C TRP B 86 -1.66 -1.41 6.10
N GLN B 87 -1.51 -2.74 6.11
CA GLN B 87 -0.28 -3.37 5.70
C GLN B 87 -0.32 -3.73 4.21
N LEU B 88 0.69 -3.22 3.55
CA LEU B 88 0.94 -3.53 2.16
C LEU B 88 1.50 -4.96 2.04
N ILE B 89 1.10 -5.68 0.99
CA ILE B 89 1.63 -7.00 0.72
C ILE B 89 2.52 -6.95 -0.52
N PRO B 90 3.82 -7.05 -0.34
CA PRO B 90 4.73 -6.83 -1.46
C PRO B 90 4.71 -8.02 -2.42
N ALA B 91 5.03 -7.74 -3.68
CA ALA B 91 5.09 -8.82 -4.66
C ALA B 91 5.94 -10.00 -4.17
N THR B 92 7.05 -9.74 -3.47
CA THR B 92 7.92 -10.80 -3.04
C THR B 92 7.20 -11.74 -2.09
N ALA B 93 6.23 -11.25 -1.31
CA ALA B 93 5.55 -12.17 -0.41
C ALA B 93 4.79 -13.26 -1.19
N TYR B 94 4.14 -12.88 -2.31
CA TYR B 94 3.51 -13.85 -3.20
C TYR B 94 4.55 -14.71 -3.91
N LEU B 95 5.66 -14.12 -4.37
CA LEU B 95 6.68 -14.88 -5.07
C LEU B 95 7.29 -15.95 -4.15
N GLU B 96 7.31 -15.68 -2.85
CA GLU B 96 7.89 -16.60 -1.88
C GLU B 96 7.21 -17.97 -1.91
N TYR B 97 5.93 -18.01 -2.30
CA TYR B 97 5.19 -19.25 -2.30
C TYR B 97 5.81 -20.21 -3.31
N GLU B 98 6.14 -19.69 -4.51
CA GLU B 98 6.86 -20.36 -5.56
C GLU B 98 8.28 -20.70 -5.16
N ARG B 99 8.96 -19.77 -4.51
CA ARG B 99 10.37 -19.99 -4.20
C ARG B 99 10.57 -21.07 -3.14
N THR B 100 9.76 -21.06 -2.06
CA THR B 100 10.06 -21.88 -0.87
C THR B 100 8.81 -22.54 -0.33
N GLY B 101 7.63 -22.18 -0.84
CA GLY B 101 6.38 -22.73 -0.33
C GLY B 101 5.88 -22.00 0.91
N ASN B 102 6.52 -20.90 1.25
CA ASN B 102 6.10 -20.11 2.38
C ASN B 102 4.78 -19.37 2.06
N ARG B 103 3.82 -19.54 2.95
CA ARG B 103 2.50 -18.97 2.78
C ARG B 103 2.27 -17.85 3.79
N LYS B 104 2.87 -17.98 4.98
CA LYS B 104 2.53 -17.08 6.08
C LYS B 104 3.06 -15.66 5.83
N ILE B 105 4.13 -15.54 5.00
CA ILE B 105 4.72 -14.25 4.71
C ILE B 105 3.67 -13.34 4.04
N MET B 106 2.75 -13.95 3.28
CA MET B 106 1.66 -13.23 2.65
C MET B 106 0.44 -13.17 3.57
N GLU B 107 0.09 -14.27 4.23
CA GLU B 107 -1.16 -14.41 4.93
C GLU B 107 -1.25 -13.58 6.21
N VAL B 108 -0.13 -13.38 6.89
CA VAL B 108 -0.14 -12.69 8.16
C VAL B 108 -0.61 -11.23 7.97
N PRO B 109 0.02 -10.44 7.10
CA PRO B 109 -0.46 -9.06 6.89
C PRO B 109 -1.87 -8.99 6.31
N TYR B 110 -2.17 -9.91 5.38
CA TYR B 110 -3.49 -10.00 4.82
C TYR B 110 -4.52 -10.18 5.95
N ASP B 111 -4.33 -11.22 6.76
CA ASP B 111 -5.31 -11.53 7.78
C ASP B 111 -5.40 -10.45 8.85
N ALA B 112 -4.28 -9.78 9.12
CA ALA B 112 -4.27 -8.67 10.03
C ALA B 112 -5.14 -7.53 9.49
N ASN B 113 -5.04 -7.24 8.20
CA ASN B 113 -5.89 -6.25 7.58
C ASN B 113 -7.34 -6.70 7.68
N ARG B 114 -7.64 -7.98 7.36
CA ARG B 114 -9.04 -8.38 7.36
C ARG B 114 -9.65 -8.27 8.77
N GLN B 115 -8.88 -8.64 9.76
CA GLN B 115 -9.39 -8.62 11.11
C GLN B 115 -9.60 -7.17 11.55
N ALA B 116 -8.67 -6.27 11.16
CA ALA B 116 -8.81 -4.86 11.51
C ALA B 116 -10.10 -4.27 10.97
N LEU B 117 -10.42 -4.59 9.71
CA LEU B 117 -11.57 -4.08 9.02
C LEU B 117 -12.85 -4.66 9.64
N ASN B 118 -12.83 -5.95 9.95
CA ASN B 118 -13.97 -6.57 10.65
C ASN B 118 -14.20 -5.90 12.01
N THR B 119 -13.13 -5.68 12.78
CA THR B 119 -13.26 -5.17 14.14
C THR B 119 -13.80 -3.75 14.08
N LEU B 120 -13.28 -2.97 13.13
CA LEU B 120 -13.66 -1.59 13.00
C LEU B 120 -15.12 -1.51 12.64
N MET B 121 -15.58 -2.41 11.78
CA MET B 121 -17.00 -2.49 11.46
C MET B 121 -17.84 -2.65 12.74
N LEU B 122 -17.48 -3.64 13.55
CA LEU B 122 -18.23 -3.95 14.77
C LEU B 122 -18.17 -2.79 15.74
N ALA B 123 -17.00 -2.16 15.84
CA ALA B 123 -16.82 -1.05 16.75
C ALA B 123 -17.67 0.17 16.34
N GLU B 124 -17.78 0.42 15.03
CA GLU B 124 -18.59 1.54 14.54
C GLU B 124 -20.08 1.24 14.69
N LEU B 125 -20.51 -0.01 14.44
CA LEU B 125 -21.87 -0.45 14.74
C LEU B 125 -22.16 -0.27 16.23
N ALA B 126 -21.15 -0.45 17.07
CA ALA B 126 -21.35 -0.40 18.50
C ALA B 126 -21.48 1.03 18.98
N GLU B 127 -20.71 1.94 18.40
CA GLU B 127 -20.56 3.29 18.94
C GLU B 127 -21.43 4.28 18.20
N GLY B 128 -21.40 4.21 16.87
CA GLY B 128 -22.25 4.98 15.98
C GLY B 128 -21.91 6.46 15.99
N LYS B 129 -20.73 6.85 16.49
CA LYS B 129 -20.38 8.24 16.63
C LYS B 129 -19.52 8.72 15.46
N GLY B 130 -19.29 7.86 14.45
CA GLY B 130 -18.50 8.24 13.30
C GLY B 130 -17.00 8.10 13.51
N ARG B 131 -16.54 7.71 14.70
CA ARG B 131 -15.13 7.81 15.05
C ARG B 131 -14.24 6.81 14.28
N PHE B 132 -14.82 5.70 13.79
CA PHE B 132 -14.07 4.62 13.18
C PHE B 132 -14.28 4.65 11.67
N ILE B 133 -15.04 5.65 11.17
CA ILE B 133 -15.40 5.71 9.76
C ILE B 133 -14.16 5.94 8.90
N ASP B 134 -13.27 6.85 9.28
CA ASP B 134 -12.07 7.15 8.49
C ASP B 134 -11.23 5.89 8.30
N GLN B 135 -11.07 5.09 9.36
CA GLN B 135 -10.29 3.85 9.26
C GLN B 135 -11.02 2.80 8.44
N LEU B 136 -12.35 2.73 8.55
CA LEU B 136 -13.10 1.85 7.69
C LEU B 136 -12.88 2.22 6.23
N LEU B 137 -13.00 3.52 5.94
CA LEU B 137 -12.77 4.02 4.60
C LEU B 137 -11.36 3.74 4.09
N ASN B 138 -10.33 3.92 4.94
CA ASN B 138 -8.96 3.57 4.63
C ASN B 138 -8.80 2.08 4.23
N GLY B 139 -9.39 1.19 5.05
CA GLY B 139 -9.30 -0.25 4.84
C GLY B 139 -9.97 -0.63 3.54
N ALA B 140 -11.14 -0.03 3.28
CA ALA B 140 -11.93 -0.34 2.10
C ALA B 140 -11.16 0.17 0.87
N TYR B 141 -10.62 1.40 0.98
CA TYR B 141 -9.91 1.97 -0.16
C TYR B 141 -8.65 1.16 -0.48
N MET B 142 -7.83 0.87 0.55
CA MET B 142 -6.64 0.02 0.42
C MET B 142 -7.02 -1.29 -0.26
N SER B 143 -8.08 -1.90 0.21
CA SER B 143 -8.49 -3.21 -0.28
C SER B 143 -8.86 -3.12 -1.78
N CYS B 144 -9.43 -1.99 -2.28
CA CYS B 144 -9.72 -1.91 -3.69
C CYS B 144 -8.46 -1.78 -4.53
N GLU B 145 -7.40 -1.15 -4.02
CA GLU B 145 -6.14 -0.93 -4.73
C GLU B 145 -5.33 -2.23 -4.91
N MET B 146 -5.49 -3.18 -4.00
CA MET B 146 -4.86 -4.49 -4.17
C MET B 146 -5.34 -5.08 -5.49
N ASN B 147 -4.46 -5.78 -6.22
CA ASN B 147 -4.83 -6.38 -7.50
C ASN B 147 -5.76 -7.59 -7.29
N SER B 148 -5.73 -8.24 -6.12
CA SER B 148 -6.50 -9.46 -5.84
C SER B 148 -6.65 -9.71 -4.36
N TRP B 149 -7.73 -10.42 -3.97
CA TRP B 149 -7.88 -10.84 -2.59
C TRP B 149 -7.59 -12.33 -2.42
N VAL B 150 -7.07 -12.98 -3.46
CA VAL B 150 -6.73 -14.39 -3.39
C VAL B 150 -5.40 -14.61 -2.65
N LEU B 151 -5.35 -15.63 -1.79
CA LEU B 151 -4.12 -16.08 -1.13
C LEU B 151 -3.08 -16.50 -2.15
N SER B 152 -1.82 -16.29 -1.81
CA SER B 152 -0.71 -16.64 -2.66
C SER B 152 -0.67 -18.16 -2.92
N ALA B 153 -1.07 -18.95 -1.93
CA ALA B 153 -1.07 -20.42 -2.10
C ALA B 153 -2.13 -20.88 -3.10
N HIS B 154 -3.15 -20.03 -3.34
CA HIS B 154 -4.35 -20.40 -4.09
C HIS B 154 -4.34 -19.80 -5.49
N LEU B 155 -3.58 -18.70 -5.66
CA LEU B 155 -3.50 -18.03 -6.93
C LEU B 155 -2.98 -18.96 -8.02
N PRO B 156 -2.16 -20.01 -7.76
CA PRO B 156 -1.76 -20.94 -8.83
C PRO B 156 -2.84 -21.75 -9.56
N ARG B 157 -4.09 -21.65 -9.10
CA ARG B 157 -5.23 -22.15 -9.86
C ARG B 157 -5.64 -21.20 -10.98
N GLN B 158 -5.05 -19.99 -11.05
CA GLN B 158 -5.40 -19.10 -12.14
C GLN B 158 -4.80 -19.70 -13.40
N SER B 159 -5.22 -19.21 -14.59
CA SER B 159 -4.75 -19.64 -15.91
C SER B 159 -3.25 -19.65 -15.96
N SER B 160 -2.64 -18.54 -15.58
CA SER B 160 -1.18 -18.46 -15.64
C SER B 160 -0.52 -19.50 -14.74
N LYS B 161 -1.22 -20.00 -13.72
CA LYS B 161 -0.66 -20.88 -12.69
C LYS B 161 0.43 -20.23 -11.82
N ARG B 162 0.44 -18.90 -11.72
CA ARG B 162 1.45 -18.21 -10.92
C ARG B 162 0.86 -17.80 -9.57
N SER B 163 1.76 -17.50 -8.61
CA SER B 163 1.34 -17.20 -7.26
C SER B 163 1.10 -15.70 -7.07
N LEU B 164 1.47 -14.89 -8.05
CA LEU B 164 1.27 -13.44 -7.97
C LEU B 164 -0.06 -13.11 -8.66
N PRO B 165 -0.83 -12.11 -8.15
CA PRO B 165 -2.02 -11.61 -8.83
C PRO B 165 -1.71 -11.16 -10.24
N ASP B 166 -2.61 -11.53 -11.18
CA ASP B 166 -2.54 -11.07 -12.54
C ASP B 166 -3.80 -10.24 -12.71
N PHE B 167 -3.64 -8.92 -12.90
CA PHE B 167 -4.74 -7.98 -13.00
C PHE B 167 -5.75 -8.37 -14.06
N ARG B 168 -5.33 -9.21 -15.02
CA ARG B 168 -6.19 -9.68 -16.11
C ARG B 168 -7.20 -10.75 -15.70
N GLU B 169 -7.06 -11.40 -14.55
CA GLU B 169 -7.95 -12.50 -14.22
C GLU B 169 -8.28 -12.52 -12.74
N GLN B 170 -9.52 -12.81 -12.40
CA GLN B 170 -9.84 -13.05 -11.00
C GLN B 170 -10.29 -14.50 -10.83
N ILE B 171 -9.85 -15.14 -9.75
CA ILE B 171 -10.53 -16.37 -9.33
C ILE B 171 -11.07 -16.13 -7.93
N ILE B 172 -11.79 -17.12 -7.38
CA ILE B 172 -12.25 -17.04 -5.99
C ILE B 172 -11.61 -18.20 -5.21
N ASP B 173 -11.16 -17.90 -3.98
CA ASP B 173 -10.67 -18.89 -3.03
C ASP B 173 -11.30 -18.61 -1.68
N LEU B 174 -10.93 -19.40 -0.67
CA LEU B 174 -11.43 -19.17 0.67
C LEU B 174 -11.25 -17.71 1.13
N GLY B 175 -10.02 -17.22 0.98
CA GLY B 175 -9.74 -15.87 1.42
C GLY B 175 -10.59 -14.82 0.67
N SER B 176 -10.51 -14.81 -0.65
CA SER B 176 -11.10 -13.80 -1.47
C SER B 176 -12.61 -13.74 -1.25
N GLY B 177 -13.23 -14.91 -1.01
CA GLY B 177 -14.65 -14.91 -0.73
C GLY B 177 -14.97 -14.23 0.60
N GLY B 178 -14.17 -14.52 1.61
CA GLY B 178 -14.34 -13.93 2.91
C GLY B 178 -14.12 -12.42 2.82
N TYR B 179 -13.09 -12.03 2.04
CA TYR B 179 -12.73 -10.61 1.95
C TYR B 179 -13.86 -9.82 1.28
N GLY B 180 -14.38 -10.42 0.19
CA GLY B 180 -15.53 -9.95 -0.60
C GLY B 180 -16.79 -9.75 0.27
N ALA B 181 -17.17 -10.76 1.06
CA ALA B 181 -18.31 -10.64 1.93
C ALA B 181 -18.11 -9.58 2.99
N LEU B 182 -16.91 -9.46 3.60
CA LEU B 182 -16.68 -8.39 4.53
C LEU B 182 -16.88 -7.02 3.86
N MET B 183 -16.28 -6.87 2.68
CA MET B 183 -16.31 -5.61 1.92
C MET B 183 -17.76 -5.24 1.59
N ALA B 184 -18.54 -6.27 1.22
CA ALA B 184 -19.96 -6.11 1.00
C ALA B 184 -20.66 -5.62 2.25
N TRP B 185 -20.38 -6.22 3.41
CA TRP B 185 -21.03 -5.76 4.63
C TRP B 185 -20.63 -4.33 4.99
N VAL B 186 -19.34 -3.98 4.85
CA VAL B 186 -18.90 -2.60 5.04
C VAL B 186 -19.65 -1.63 4.13
N HIS B 187 -19.77 -1.99 2.86
CA HIS B 187 -20.49 -1.21 1.88
C HIS B 187 -21.93 -1.02 2.37
N TYR B 188 -22.54 -2.11 2.86
CA TYR B 188 -23.94 -2.13 3.21
C TYR B 188 -24.19 -1.19 4.38
N PHE B 189 -23.38 -1.28 5.44
CA PHE B 189 -23.61 -0.48 6.61
C PHE B 189 -23.15 0.96 6.43
N PHE B 190 -22.08 1.22 5.66
CA PHE B 190 -21.45 2.53 5.80
C PHE B 190 -21.48 3.35 4.50
N ARG B 191 -22.12 2.89 3.44
CA ARG B 191 -22.05 3.60 2.17
C ARG B 191 -22.46 5.07 2.37
N LYS B 192 -23.44 5.31 3.25
CA LYS B 192 -24.04 6.62 3.41
C LYS B 192 -23.01 7.59 3.99
N PRO B 193 -22.38 7.29 5.17
CA PRO B 193 -21.27 8.12 5.63
C PRO B 193 -20.03 8.13 4.73
N PHE B 194 -19.69 6.99 4.09
CA PHE B 194 -18.59 7.01 3.14
C PHE B 194 -18.90 8.06 2.04
N ASP B 195 -20.10 7.97 1.47
CA ASP B 195 -20.46 8.82 0.31
C ASP B 195 -20.41 10.31 0.64
N LYS B 196 -20.74 10.62 1.90
CA LYS B 196 -20.67 11.97 2.42
C LYS B 196 -19.23 12.46 2.43
N ILE B 197 -18.29 11.58 2.70
CA ILE B 197 -16.89 11.96 2.70
C ILE B 197 -16.41 12.12 1.27
N ASN B 198 -16.60 11.07 0.44
CA ASN B 198 -16.33 11.07 -1.00
C ASN B 198 -17.00 9.85 -1.60
N PRO B 199 -17.98 10.02 -2.50
CA PRO B 199 -18.64 8.84 -3.07
C PRO B 199 -17.86 7.83 -3.93
N VAL B 200 -16.65 8.20 -4.39
CA VAL B 200 -15.81 7.33 -5.21
C VAL B 200 -15.37 6.07 -4.44
N VAL B 201 -15.35 6.08 -3.10
CA VAL B 201 -14.93 4.91 -2.33
C VAL B 201 -15.95 3.80 -2.49
N SER B 202 -17.23 4.07 -2.21
CA SER B 202 -18.27 3.06 -2.32
C SER B 202 -18.36 2.59 -3.76
N LEU B 203 -18.17 3.52 -4.72
CA LEU B 203 -18.23 3.19 -6.15
C LEU B 203 -17.19 2.10 -6.46
N GLN B 204 -15.99 2.35 -6.02
CA GLN B 204 -14.90 1.41 -6.36
C GLN B 204 -15.07 0.07 -5.63
N MET B 205 -15.75 0.07 -4.46
CA MET B 205 -16.03 -1.18 -3.73
C MET B 205 -17.01 -2.02 -4.55
N ARG B 206 -17.98 -1.33 -5.13
CA ARG B 206 -18.96 -2.00 -5.93
C ARG B 206 -18.26 -2.62 -7.12
N LYS B 207 -17.33 -1.89 -7.79
CA LYS B 207 -16.63 -2.44 -8.93
C LYS B 207 -15.78 -3.63 -8.47
N ALA B 208 -15.09 -3.47 -7.36
CA ALA B 208 -14.18 -4.52 -6.89
C ALA B 208 -14.94 -5.81 -6.60
N ILE B 209 -16.05 -5.67 -5.92
CA ILE B 209 -16.82 -6.88 -5.56
C ILE B 209 -17.37 -7.55 -6.82
N LYS B 210 -17.80 -6.76 -7.81
CA LYS B 210 -18.30 -7.26 -9.08
C LYS B 210 -17.21 -8.02 -9.84
N GLU B 211 -16.03 -7.42 -9.95
CA GLU B 211 -14.91 -8.03 -10.69
C GLU B 211 -14.30 -9.24 -9.98
N ARG B 212 -14.36 -9.28 -8.66
CA ARG B 212 -13.57 -10.27 -7.94
C ARG B 212 -14.47 -11.37 -7.38
N ILE B 213 -15.78 -11.09 -7.24
CA ILE B 213 -16.71 -12.09 -6.74
C ILE B 213 -17.84 -12.36 -7.73
N LEU B 214 -18.69 -11.35 -8.00
CA LEU B 214 -19.92 -11.58 -8.73
C LEU B 214 -19.64 -12.14 -10.12
N ASP B 215 -18.82 -11.45 -10.90
CA ASP B 215 -18.61 -11.85 -12.28
C ASP B 215 -17.89 -13.20 -12.41
N PRO B 216 -16.73 -13.44 -11.77
CA PRO B 216 -16.06 -14.75 -11.85
C PRO B 216 -17.01 -15.85 -11.43
N TYR B 217 -17.80 -15.58 -10.39
CA TYR B 217 -18.70 -16.61 -9.88
C TYR B 217 -19.63 -17.03 -11.01
N MET B 218 -20.21 -16.09 -11.72
CA MET B 218 -21.18 -16.40 -12.76
C MET B 218 -20.52 -16.84 -14.06
N ASN B 219 -19.27 -16.45 -14.32
CA ASN B 219 -18.71 -16.59 -15.66
C ASN B 219 -17.69 -17.72 -15.77
N ASP B 220 -17.30 -18.28 -14.64
CA ASP B 220 -16.30 -19.32 -14.65
C ASP B 220 -16.93 -20.56 -14.01
N ASP B 221 -17.17 -21.58 -14.83
CA ASP B 221 -17.80 -22.81 -14.34
C ASP B 221 -16.75 -23.73 -13.74
N ASP B 222 -15.48 -23.39 -13.96
CA ASP B 222 -14.36 -24.31 -13.78
C ASP B 222 -13.69 -24.18 -12.42
N MET B 223 -14.27 -23.46 -11.46
CA MET B 223 -13.54 -23.33 -10.21
C MET B 223 -13.76 -24.64 -9.46
N TRP B 224 -12.68 -25.22 -8.89
CA TRP B 224 -12.73 -26.63 -8.49
C TRP B 224 -13.76 -26.85 -7.37
N TRP B 225 -13.91 -25.88 -6.44
CA TRP B 225 -14.79 -26.04 -5.30
C TRP B 225 -16.27 -25.94 -5.68
N MET B 226 -16.58 -25.44 -6.90
CA MET B 226 -17.96 -25.28 -7.38
C MET B 226 -18.57 -26.65 -7.66
N ALA B 227 -17.72 -27.59 -8.07
CA ALA B 227 -18.03 -29.01 -8.17
C ALA B 227 -18.90 -29.30 -9.38
N PHE B 228 -19.16 -28.32 -10.25
CA PHE B 228 -19.65 -28.58 -11.61
C PHE B 228 -18.56 -29.36 -12.34
N ASN B 229 -18.91 -30.38 -13.13
CA ASN B 229 -17.96 -31.27 -13.81
C ASN B 229 -17.29 -32.26 -12.84
N TRP B 230 -17.92 -32.48 -11.69
CA TRP B 230 -17.33 -33.37 -10.70
C TRP B 230 -17.48 -34.81 -11.20
N GLN B 231 -16.35 -35.53 -11.26
CA GLN B 231 -16.33 -36.95 -11.59
C GLN B 231 -16.02 -37.73 -10.31
N PRO B 232 -16.40 -39.03 -10.19
CA PRO B 232 -15.91 -39.87 -9.09
C PRO B 232 -14.39 -39.87 -8.93
N GLY B 233 -13.91 -39.87 -7.67
CA GLY B 233 -12.49 -39.86 -7.36
C GLY B 233 -11.96 -38.48 -6.95
N GLU B 234 -12.76 -37.42 -7.23
CA GLU B 234 -12.40 -36.04 -6.91
C GLU B 234 -12.96 -35.65 -5.54
N ILE B 235 -12.47 -34.53 -5.00
CA ILE B 235 -12.89 -34.10 -3.68
C ILE B 235 -13.91 -32.97 -3.81
N ILE B 236 -14.93 -33.06 -2.96
CA ILE B 236 -15.77 -31.92 -2.62
C ILE B 236 -15.63 -31.81 -1.11
N ASN B 237 -15.19 -30.64 -0.63
CA ASN B 237 -14.94 -30.47 0.80
C ASN B 237 -15.55 -29.15 1.27
N ASN B 238 -15.02 -28.69 2.40
CA ASN B 238 -15.48 -27.49 3.09
C ASN B 238 -15.38 -26.29 2.14
N TRP B 239 -14.53 -26.33 1.10
CA TRP B 239 -14.41 -25.16 0.22
C TRP B 239 -15.75 -24.85 -0.45
N ASN B 240 -16.56 -25.89 -0.74
CA ASN B 240 -17.79 -25.71 -1.48
C ASN B 240 -18.75 -24.86 -0.65
N PRO B 241 -19.25 -25.31 0.51
CA PRO B 241 -20.18 -24.48 1.28
C PRO B 241 -19.59 -23.17 1.75
N TRP B 242 -18.28 -23.19 2.09
CA TRP B 242 -17.61 -21.98 2.51
C TRP B 242 -17.66 -20.92 1.41
N CYS B 243 -17.19 -21.22 0.20
CA CYS B 243 -17.08 -20.21 -0.83
C CYS B 243 -18.47 -19.84 -1.34
N ASN B 244 -19.39 -20.81 -1.38
CA ASN B 244 -20.76 -20.57 -1.85
C ASN B 244 -21.47 -19.68 -0.85
N SER B 245 -21.28 -19.88 0.45
CA SER B 245 -21.91 -18.99 1.43
C SER B 245 -21.36 -17.58 1.27
N ASN B 246 -20.08 -17.43 0.86
CA ASN B 246 -19.51 -16.10 0.77
C ASN B 246 -20.03 -15.43 -0.51
N ALA B 247 -20.03 -16.16 -1.60
CA ALA B 247 -20.59 -15.64 -2.85
C ALA B 247 -22.05 -15.22 -2.65
N LEU B 248 -22.84 -16.08 -1.96
CA LEU B 248 -24.25 -15.83 -1.76
C LEU B 248 -24.49 -14.51 -1.04
N GLN B 249 -23.74 -14.24 0.06
CA GLN B 249 -23.86 -12.97 0.77
C GLN B 249 -23.61 -11.80 -0.20
N CYS B 250 -22.53 -11.89 -0.99
CA CYS B 250 -22.19 -10.79 -1.89
C CYS B 250 -23.33 -10.52 -2.87
N PHE B 251 -23.87 -11.55 -3.50
CA PHE B 251 -25.04 -11.34 -4.36
C PHE B 251 -26.19 -10.70 -3.58
N LEU B 252 -26.52 -11.29 -2.42
CA LEU B 252 -27.70 -10.81 -1.70
C LEU B 252 -27.51 -9.33 -1.32
N LEU B 253 -26.28 -8.87 -1.10
CA LEU B 253 -26.02 -7.52 -0.65
C LEU B 253 -25.82 -6.53 -1.82
N MET B 254 -25.36 -7.02 -2.97
CA MET B 254 -24.77 -6.18 -4.00
C MET B 254 -25.48 -6.30 -5.35
N GLU B 255 -26.26 -7.37 -5.59
CA GLU B 255 -26.94 -7.52 -6.86
C GLU B 255 -28.43 -7.19 -6.70
N ASN B 256 -28.89 -6.09 -7.31
CA ASN B 256 -30.26 -5.62 -7.15
C ASN B 256 -31.15 -5.88 -8.37
N ASN B 257 -30.59 -6.48 -9.42
CA ASN B 257 -31.38 -7.02 -10.51
C ASN B 257 -31.93 -8.41 -10.15
N LYS B 258 -33.27 -8.61 -10.24
CA LYS B 258 -33.96 -9.80 -9.75
C LYS B 258 -33.58 -11.01 -10.60
N ASP B 259 -33.51 -10.84 -11.91
CA ASP B 259 -33.14 -11.95 -12.77
C ASP B 259 -31.70 -12.35 -12.51
N ARG B 260 -30.79 -11.39 -12.41
CA ARG B 260 -29.40 -11.76 -12.19
C ARG B 260 -29.26 -12.47 -10.85
N LEU B 261 -29.89 -11.90 -9.80
CA LEU B 261 -29.89 -12.44 -8.45
C LEU B 261 -30.38 -13.88 -8.40
N ALA B 262 -31.53 -14.14 -9.03
CA ALA B 262 -32.08 -15.48 -8.99
C ALA B 262 -31.15 -16.48 -9.68
N LYS B 263 -30.59 -16.10 -10.84
CA LYS B 263 -29.68 -17.00 -11.55
C LYS B 263 -28.46 -17.34 -10.68
N ALA B 264 -27.91 -16.35 -9.96
CA ALA B 264 -26.72 -16.64 -9.15
C ALA B 264 -27.11 -17.50 -7.98
N VAL B 265 -28.17 -17.12 -7.26
CA VAL B 265 -28.59 -17.87 -6.09
C VAL B 265 -28.87 -19.33 -6.43
N TYR B 266 -29.57 -19.57 -7.54
CA TYR B 266 -29.85 -20.91 -8.03
C TYR B 266 -28.54 -21.62 -8.38
N ARG B 267 -27.61 -20.88 -9.00
CA ARG B 267 -26.31 -21.50 -9.30
C ARG B 267 -25.69 -22.01 -7.99
N SER B 268 -25.78 -21.21 -6.93
CA SER B 268 -25.21 -21.59 -5.66
C SER B 268 -25.89 -22.82 -5.04
N MET B 269 -27.22 -22.91 -5.22
CA MET B 269 -28.02 -24.04 -4.80
C MET B 269 -27.56 -25.32 -5.50
N LYS B 270 -27.29 -25.20 -6.80
CA LYS B 270 -26.82 -26.37 -7.54
C LYS B 270 -25.47 -26.81 -7.05
N SER B 271 -24.59 -25.83 -6.81
CA SER B 271 -23.23 -26.15 -6.40
C SER B 271 -23.20 -26.75 -4.99
N VAL B 272 -23.99 -26.21 -4.06
CA VAL B 272 -24.01 -26.76 -2.71
C VAL B 272 -24.65 -28.15 -2.68
N ASP B 273 -25.52 -28.44 -3.67
CA ASP B 273 -26.20 -29.73 -3.72
C ASP B 273 -25.12 -30.78 -3.94
N LYS B 274 -24.05 -30.40 -4.64
CA LYS B 274 -22.97 -31.33 -4.94
C LYS B 274 -22.27 -31.74 -3.66
N PHE B 275 -22.11 -30.80 -2.74
CA PHE B 275 -21.51 -31.14 -1.48
C PHE B 275 -22.44 -32.03 -0.64
N ILE B 276 -23.70 -31.62 -0.54
CA ILE B 276 -24.72 -32.31 0.25
C ILE B 276 -24.86 -33.76 -0.22
N ASN B 277 -24.79 -33.97 -1.55
CA ASN B 277 -24.82 -35.27 -2.20
C ASN B 277 -23.60 -36.14 -1.86
N PHE B 278 -22.46 -35.49 -1.63
CA PHE B 278 -21.19 -36.19 -1.44
C PHE B 278 -20.99 -36.62 0.01
N VAL B 279 -21.63 -35.95 0.97
CA VAL B 279 -21.31 -36.26 2.36
C VAL B 279 -22.28 -37.34 2.83
N LYS B 280 -21.89 -38.20 3.76
CA LYS B 280 -22.74 -39.34 4.13
C LYS B 280 -23.93 -38.82 4.94
N SER B 281 -25.03 -39.55 4.90
CA SER B 281 -26.24 -39.07 5.54
C SER B 281 -26.18 -39.20 7.06
N ASP B 282 -25.33 -40.08 7.63
CA ASP B 282 -25.33 -40.29 9.08
C ASP B 282 -24.85 -39.01 9.75
N GLY B 283 -24.10 -38.21 8.98
CA GLY B 283 -23.75 -36.86 9.38
C GLY B 283 -22.41 -36.73 10.09
N ALA B 284 -21.63 -37.81 10.17
CA ALA B 284 -20.29 -37.74 10.73
C ALA B 284 -19.40 -36.93 9.78
N CYS B 285 -18.56 -36.10 10.38
CA CYS B 285 -17.49 -35.38 9.68
C CYS B 285 -16.22 -36.23 9.87
N GLU B 286 -15.80 -36.99 8.84
CA GLU B 286 -14.67 -37.92 8.98
C GLU B 286 -13.32 -37.23 9.13
N GLU B 287 -13.25 -35.89 8.96
CA GLU B 287 -12.02 -35.14 9.22
C GLU B 287 -11.94 -34.68 10.68
N GLY B 288 -13.07 -34.67 11.42
CA GLY B 288 -13.03 -34.49 12.86
C GLY B 288 -13.68 -33.19 13.30
N THR B 289 -13.50 -32.89 14.59
CA THR B 289 -14.16 -31.77 15.22
C THR B 289 -13.51 -30.43 14.83
N SER B 290 -12.28 -30.45 14.29
CA SER B 290 -11.67 -29.19 13.89
C SER B 290 -12.11 -28.82 12.47
N ALA B 291 -12.29 -29.76 11.56
CA ALA B 291 -12.88 -29.42 10.27
C ALA B 291 -14.36 -29.03 10.37
N TRP B 292 -15.04 -29.40 11.48
CA TRP B 292 -16.49 -29.31 11.57
C TRP B 292 -17.01 -27.89 11.30
N GLY B 293 -16.39 -26.93 12.00
CA GLY B 293 -16.82 -25.53 11.97
C GLY B 293 -16.84 -24.92 10.56
N HIS B 294 -16.00 -25.37 9.63
CA HIS B 294 -15.89 -24.83 8.29
C HIS B 294 -16.38 -25.83 7.26
N ALA B 295 -16.85 -26.99 7.72
CA ALA B 295 -17.51 -27.91 6.81
C ALA B 295 -19.00 -27.89 7.13
N ALA B 296 -19.52 -28.78 8.00
CA ALA B 296 -20.91 -28.64 8.43
C ALA B 296 -21.29 -27.21 8.81
N GLY B 297 -20.37 -26.54 9.50
CA GLY B 297 -20.63 -25.22 10.03
C GLY B 297 -20.88 -24.21 8.90
N LYS B 298 -20.23 -24.40 7.75
CA LYS B 298 -20.42 -23.50 6.61
C LYS B 298 -21.57 -23.97 5.75
N LEU B 299 -21.96 -25.26 5.80
CA LEU B 299 -23.25 -25.64 5.25
C LEU B 299 -24.37 -24.92 6.02
N TYR B 300 -24.34 -25.01 7.35
CA TYR B 300 -25.27 -24.29 8.16
C TYR B 300 -25.26 -22.82 7.73
N ASP B 301 -24.08 -22.19 7.65
CA ASP B 301 -24.11 -20.75 7.38
C ASP B 301 -24.81 -20.49 6.05
N TYR B 302 -24.44 -21.26 5.03
CA TYR B 302 -25.09 -21.09 3.75
C TYR B 302 -26.60 -21.17 3.89
N LEU B 303 -27.06 -22.23 4.56
CA LEU B 303 -28.49 -22.46 4.66
C LEU B 303 -29.16 -21.35 5.48
N GLN B 304 -28.47 -20.80 6.47
CA GLN B 304 -29.07 -19.70 7.20
C GLN B 304 -29.20 -18.55 6.19
N ILE B 305 -28.15 -18.35 5.38
CA ILE B 305 -28.12 -17.18 4.51
C ILE B 305 -29.20 -17.27 3.44
N LEU B 306 -29.35 -18.46 2.86
CA LEU B 306 -30.38 -18.75 1.89
C LEU B 306 -31.77 -18.61 2.51
N SER B 307 -32.00 -19.15 3.70
CA SER B 307 -33.29 -18.98 4.35
C SER B 307 -33.64 -17.51 4.53
N ASP B 308 -32.70 -16.76 5.11
CA ASP B 308 -32.90 -15.34 5.33
C ASP B 308 -33.25 -14.63 4.02
N GLY B 309 -32.55 -15.00 2.92
CA GLY B 309 -32.67 -14.32 1.63
C GLY B 309 -33.95 -14.66 0.87
N THR B 310 -34.69 -15.68 1.33
CA THR B 310 -35.93 -16.10 0.72
C THR B 310 -37.08 -15.96 1.74
N GLY B 311 -36.88 -15.16 2.77
CA GLY B 311 -37.88 -15.03 3.83
C GLY B 311 -38.27 -16.38 4.38
N GLY B 312 -37.26 -17.21 4.63
CA GLY B 312 -37.45 -18.51 5.23
C GLY B 312 -38.24 -19.47 4.34
N LYS B 313 -38.52 -19.10 3.09
CA LYS B 313 -39.26 -19.95 2.18
C LYS B 313 -38.40 -21.09 1.64
N ILE B 314 -37.09 -20.90 1.45
CA ILE B 314 -36.24 -22.00 1.01
C ILE B 314 -35.24 -22.38 2.11
N SER B 315 -35.58 -23.45 2.84
CA SER B 315 -34.93 -23.78 4.10
C SER B 315 -34.80 -25.28 4.22
N LEU B 316 -33.54 -25.71 4.45
CA LEU B 316 -33.23 -27.10 4.73
C LEU B 316 -32.86 -27.29 6.18
N LEU B 317 -33.15 -26.30 7.01
CA LEU B 317 -32.75 -26.35 8.40
C LEU B 317 -33.60 -27.33 9.23
N ASN B 318 -34.72 -27.73 8.65
CA ASN B 318 -35.56 -28.76 9.27
C ASN B 318 -35.16 -30.18 8.82
N GLU B 319 -34.16 -30.34 7.95
CA GLU B 319 -33.84 -31.66 7.42
C GLU B 319 -33.06 -32.41 8.49
N PRO B 320 -33.41 -33.67 8.74
CA PRO B 320 -32.68 -34.46 9.74
C PRO B 320 -31.19 -34.72 9.53
N MET B 321 -30.75 -34.96 8.29
CA MET B 321 -29.32 -34.99 7.97
C MET B 321 -28.59 -33.74 8.50
N ILE B 322 -29.19 -32.54 8.39
CA ILE B 322 -28.52 -31.32 8.81
C ILE B 322 -28.39 -31.30 10.34
N ARG B 323 -29.43 -31.72 11.06
CA ARG B 323 -29.34 -31.86 12.52
C ARG B 323 -28.25 -32.85 12.90
N ARG B 324 -28.18 -34.03 12.25
CA ARG B 324 -27.14 -35.04 12.50
C ARG B 324 -25.73 -34.45 12.25
N MET B 325 -25.59 -33.61 11.20
CA MET B 325 -24.31 -32.99 10.89
C MET B 325 -23.89 -32.00 11.98
N GLY B 326 -24.87 -31.28 12.50
CA GLY B 326 -24.66 -30.43 13.66
C GLY B 326 -24.24 -31.21 14.90
N GLU B 327 -24.97 -32.27 15.21
CA GLU B 327 -24.84 -32.97 16.50
C GLU B 327 -23.54 -33.75 16.61
N TYR B 328 -22.87 -34.01 15.48
CA TYR B 328 -21.57 -34.66 15.47
C TYR B 328 -20.56 -33.95 16.36
N MET B 329 -20.66 -32.60 16.41
CA MET B 329 -19.83 -31.77 17.24
C MET B 329 -20.05 -32.06 18.74
N SER B 330 -21.31 -32.29 19.17
CA SER B 330 -21.65 -32.58 20.56
C SER B 330 -21.19 -34.02 20.89
N ARG B 331 -21.52 -34.97 20.02
CA ARG B 331 -21.26 -36.39 20.25
C ARG B 331 -19.77 -36.70 20.33
N SER B 332 -18.94 -35.92 19.61
CA SER B 332 -17.55 -36.24 19.36
C SER B 332 -16.65 -35.55 20.38
N TYR B 333 -17.27 -34.70 21.22
CA TYR B 333 -16.62 -33.94 22.28
C TYR B 333 -16.77 -34.69 23.60
N VAL B 334 -15.66 -35.27 24.03
CA VAL B 334 -15.69 -36.05 25.26
C VAL B 334 -15.77 -35.13 26.47
N GLY B 335 -14.81 -34.22 26.63
CA GLY B 335 -14.76 -33.28 27.75
C GLY B 335 -13.35 -32.71 27.99
N ASN B 336 -13.29 -31.57 28.70
CA ASN B 336 -12.06 -30.85 28.99
C ASN B 336 -11.14 -30.77 27.78
N GLY B 337 -11.71 -30.44 26.65
CA GLY B 337 -10.94 -30.19 25.46
C GLY B 337 -10.57 -31.46 24.70
N TRP B 338 -10.91 -32.64 25.27
CA TRP B 338 -10.63 -33.90 24.59
C TRP B 338 -11.73 -34.25 23.59
N VAL B 339 -11.36 -34.69 22.40
CA VAL B 339 -12.30 -35.06 21.37
C VAL B 339 -11.85 -36.37 20.69
N VAL B 340 -12.80 -37.03 20.02
CA VAL B 340 -12.46 -38.22 19.28
C VAL B 340 -11.62 -37.77 18.11
N ASN B 341 -10.53 -38.49 17.81
CA ASN B 341 -9.53 -38.04 16.86
C ASN B 341 -9.00 -39.21 16.02
N PHE B 342 -9.91 -39.80 15.23
CA PHE B 342 -9.50 -40.73 14.20
C PHE B 342 -8.85 -39.93 13.02
N ALA B 343 -7.97 -40.58 12.27
CA ALA B 343 -7.35 -39.96 11.09
C ALA B 343 -6.39 -38.87 11.57
N ASP B 344 -6.03 -37.96 10.63
CA ASP B 344 -4.95 -37.02 10.91
C ASP B 344 -5.64 -35.85 11.58
N ALA B 345 -5.93 -36.02 12.87
CA ALA B 345 -6.68 -35.06 13.64
C ALA B 345 -6.17 -35.06 15.09
N SER B 346 -6.37 -33.94 15.77
CA SER B 346 -5.80 -33.69 17.09
C SER B 346 -6.76 -34.15 18.18
N ALA B 347 -6.18 -34.68 19.27
CA ALA B 347 -6.99 -35.23 20.35
C ALA B 347 -7.55 -34.12 21.20
N GLN B 348 -6.94 -32.92 21.08
CA GLN B 348 -7.40 -31.72 21.74
C GLN B 348 -8.11 -30.94 20.63
N GLY B 349 -9.31 -30.51 20.94
CA GLY B 349 -10.03 -29.69 20.01
C GLY B 349 -11.05 -28.90 20.82
N GLY B 350 -12.09 -28.48 20.13
CA GLY B 350 -13.07 -27.62 20.74
C GLY B 350 -13.90 -27.01 19.62
N GLY B 351 -14.48 -25.88 19.89
CA GLY B 351 -15.37 -25.33 18.89
C GLY B 351 -15.88 -23.97 19.33
N ASP B 352 -16.56 -23.30 18.38
CA ASP B 352 -17.07 -21.97 18.62
C ASP B 352 -18.43 -22.12 19.27
N PRO B 353 -18.56 -21.84 20.59
CA PRO B 353 -19.83 -22.07 21.27
C PRO B 353 -20.94 -21.22 20.68
N LEU B 354 -20.59 -20.00 20.25
CA LEU B 354 -21.60 -19.13 19.64
C LEU B 354 -22.19 -19.71 18.35
N LEU B 355 -21.36 -20.22 17.44
CA LEU B 355 -21.76 -20.93 16.23
C LEU B 355 -22.59 -22.17 16.56
N ILE B 356 -22.15 -22.88 17.59
CA ILE B 356 -22.78 -24.15 17.91
C ILE B 356 -24.19 -23.84 18.38
N TYR B 357 -24.36 -22.79 19.19
CA TYR B 357 -25.67 -22.37 19.68
C TYR B 357 -26.60 -22.04 18.49
N ARG B 358 -26.13 -21.17 17.60
CA ARG B 358 -26.95 -20.70 16.51
C ARG B 358 -27.36 -21.84 15.58
N PHE B 359 -26.42 -22.77 15.36
CA PHE B 359 -26.68 -23.95 14.53
C PHE B 359 -27.70 -24.85 15.25
N GLY B 360 -27.47 -25.18 16.51
CA GLY B 360 -28.43 -25.91 17.34
C GLY B 360 -29.83 -25.28 17.34
N LYS B 361 -29.92 -23.96 17.55
CA LYS B 361 -31.21 -23.30 17.61
C LYS B 361 -31.92 -23.37 16.26
N ALA B 362 -31.20 -23.20 15.16
CA ALA B 362 -31.78 -23.25 13.81
C ALA B 362 -32.32 -24.62 13.44
N VAL B 363 -31.70 -25.71 13.90
CA VAL B 363 -32.15 -27.07 13.56
C VAL B 363 -32.94 -27.70 14.72
N ASN B 364 -33.36 -26.89 15.70
CA ASN B 364 -33.95 -27.34 16.95
C ASN B 364 -33.24 -28.54 17.60
N SER B 365 -31.91 -28.44 17.85
CA SER B 365 -31.21 -29.36 18.73
C SER B 365 -31.03 -28.71 20.11
N ASN B 366 -31.89 -29.09 21.08
CA ASN B 366 -31.74 -28.73 22.49
C ASN B 366 -30.36 -29.16 22.99
N GLU B 367 -29.90 -30.34 22.54
CA GLU B 367 -28.61 -30.88 22.97
C GLU B 367 -27.48 -29.94 22.56
N MET B 368 -27.54 -29.50 21.31
CA MET B 368 -26.54 -28.56 20.79
C MET B 368 -26.56 -27.22 21.54
N MET B 369 -27.75 -26.71 21.87
CA MET B 369 -27.84 -25.44 22.56
C MET B 369 -27.21 -25.50 23.96
N HIS B 370 -27.61 -26.50 24.77
CA HIS B 370 -27.04 -26.67 26.09
C HIS B 370 -25.55 -26.99 26.00
N PHE B 371 -25.14 -27.76 24.99
CA PHE B 371 -23.73 -28.06 24.78
C PHE B 371 -22.88 -26.78 24.55
N ALA B 372 -23.42 -25.82 23.78
CA ALA B 372 -22.74 -24.54 23.58
C ALA B 372 -22.56 -23.79 24.90
N ALA B 373 -23.61 -23.74 25.74
CA ALA B 373 -23.51 -23.08 27.03
C ALA B 373 -22.49 -23.80 27.94
N TYR B 374 -22.36 -25.11 27.78
CA TYR B 374 -21.41 -25.94 28.51
C TYR B 374 -19.98 -25.59 28.10
N LEU B 375 -19.70 -25.49 26.80
CA LEU B 375 -18.39 -25.10 26.33
C LEU B 375 -17.94 -23.73 26.82
N LEU B 376 -18.87 -22.82 27.11
CA LEU B 376 -18.50 -21.53 27.68
C LEU B 376 -17.72 -21.69 28.99
N ASN B 377 -17.92 -22.83 29.65
CA ASN B 377 -17.13 -23.19 30.82
C ASN B 377 -17.28 -22.09 31.86
N GLY B 378 -18.46 -21.49 31.97
CA GLY B 378 -18.73 -20.40 32.89
C GLY B 378 -18.38 -18.99 32.37
N ARG B 379 -17.71 -18.83 31.24
CA ARG B 379 -17.48 -17.46 30.76
C ARG B 379 -18.75 -16.94 30.10
N LYS B 380 -18.85 -15.61 30.05
CA LYS B 380 -19.91 -14.90 29.37
C LYS B 380 -19.62 -14.94 27.87
N PRO B 381 -20.61 -15.19 27.00
CA PRO B 381 -20.42 -15.22 25.56
C PRO B 381 -20.24 -13.78 25.15
N TYR B 382 -19.25 -13.55 24.28
CA TYR B 382 -19.03 -12.22 23.72
C TYR B 382 -19.01 -12.34 22.20
N ALA B 383 -19.07 -11.19 21.52
CA ALA B 383 -18.96 -11.10 20.09
C ALA B 383 -17.77 -11.93 19.58
N THR B 384 -18.01 -12.67 18.49
CA THR B 384 -16.94 -13.31 17.73
C THR B 384 -16.17 -12.23 16.97
N MET B 385 -14.82 -12.29 17.06
CA MET B 385 -13.98 -11.33 16.35
C MET B 385 -13.52 -11.94 15.01
N GLY B 386 -12.22 -12.14 14.83
CA GLY B 386 -11.72 -12.72 13.60
C GLY B 386 -12.02 -11.87 12.37
N ASN B 387 -12.25 -12.53 11.23
CA ASN B 387 -12.42 -11.85 9.96
C ASN B 387 -13.64 -12.32 9.18
N ASP B 388 -14.47 -13.18 9.77
CA ASP B 388 -15.71 -13.62 9.12
C ASP B 388 -16.87 -12.73 9.56
N ALA B 389 -17.22 -11.81 8.66
CA ALA B 389 -18.17 -10.75 8.97
C ALA B 389 -19.49 -11.39 9.40
N PHE B 390 -19.95 -12.34 8.62
CA PHE B 390 -21.25 -12.98 8.88
C PHE B 390 -21.29 -13.56 10.29
N ARG B 391 -20.25 -14.27 10.72
CA ARG B 391 -20.34 -14.93 12.02
C ARG B 391 -20.22 -13.90 13.11
N SER B 392 -19.41 -12.86 12.86
CA SER B 392 -19.33 -11.79 13.80
C SER B 392 -20.71 -11.18 13.99
N LEU B 393 -21.37 -10.78 12.91
CA LEU B 393 -22.66 -10.11 13.00
C LEU B 393 -23.72 -11.03 13.65
N GLN B 394 -23.79 -12.26 13.18
CA GLN B 394 -24.68 -13.31 13.70
C GLN B 394 -24.43 -13.58 15.17
N SER B 395 -23.17 -13.49 15.60
CA SER B 395 -22.84 -13.68 17.00
C SER B 395 -23.53 -12.65 17.89
N LEU B 396 -23.63 -11.41 17.39
CA LEU B 396 -24.31 -10.34 18.07
C LEU B 396 -25.77 -10.67 18.33
N LEU B 397 -26.47 -11.25 17.36
CA LEU B 397 -27.86 -11.67 17.58
C LEU B 397 -28.04 -12.72 18.68
N CYS B 398 -27.15 -13.69 18.81
CA CYS B 398 -27.50 -14.87 19.58
C CYS B 398 -27.06 -14.69 21.05
N CYS B 399 -26.34 -13.58 21.31
CA CYS B 399 -25.58 -13.43 22.55
C CYS B 399 -26.46 -13.50 23.80
N ASN B 400 -27.41 -12.57 23.90
CA ASN B 400 -28.34 -12.50 25.02
C ASN B 400 -28.94 -13.89 25.28
N ASP B 401 -29.38 -14.57 24.20
CA ASP B 401 -29.94 -15.92 24.30
C ASP B 401 -28.98 -16.94 24.90
N LEU B 402 -27.73 -16.92 24.42
CA LEU B 402 -26.78 -17.94 24.82
C LEU B 402 -26.39 -17.73 26.29
N ALA B 403 -26.30 -16.44 26.67
CA ALA B 403 -26.05 -16.00 28.02
C ALA B 403 -27.13 -16.53 28.97
N LYS B 404 -28.34 -16.83 28.44
CA LYS B 404 -29.52 -17.26 29.20
C LYS B 404 -29.64 -18.77 29.25
N GLU B 405 -28.91 -19.43 28.35
CA GLU B 405 -28.93 -20.86 28.20
C GLU B 405 -28.17 -21.51 29.36
N THR B 406 -28.65 -22.71 29.77
CA THR B 406 -28.12 -23.41 30.92
C THR B 406 -27.14 -24.45 30.40
N PRO B 407 -25.98 -24.66 31.09
CA PRO B 407 -24.88 -25.47 30.56
C PRO B 407 -25.07 -26.93 30.97
N LYS B 408 -25.04 -27.80 29.98
CA LYS B 408 -25.02 -29.24 30.25
C LYS B 408 -24.50 -29.93 29.00
N HIS B 409 -23.79 -31.04 29.19
CA HIS B 409 -23.43 -31.93 28.08
C HIS B 409 -24.00 -33.32 28.32
N ASP B 410 -25.29 -33.52 27.98
CA ASP B 410 -25.98 -34.79 28.11
C ASP B 410 -26.12 -35.29 26.69
N MET B 411 -25.97 -36.63 26.56
CA MET B 411 -26.13 -37.31 25.27
C MET B 411 -26.38 -38.80 25.51
N PRO B 412 -26.92 -39.52 24.51
CA PRO B 412 -27.22 -40.94 24.66
C PRO B 412 -25.96 -41.76 24.83
N ASP B 413 -26.14 -42.99 25.37
CA ASP B 413 -25.02 -43.84 25.72
C ASP B 413 -24.35 -44.29 24.44
N VAL B 414 -25.13 -44.44 23.37
CA VAL B 414 -24.54 -44.88 22.13
C VAL B 414 -24.88 -43.91 21.01
N THR B 415 -23.89 -43.58 20.19
CA THR B 415 -24.06 -42.95 18.88
C THR B 415 -23.45 -43.86 17.83
N TRP B 416 -24.22 -44.19 16.78
CA TRP B 416 -23.75 -45.10 15.75
C TRP B 416 -23.89 -44.48 14.36
N TYR B 417 -22.74 -44.21 13.71
CA TYR B 417 -22.66 -43.66 12.37
C TYR B 417 -22.41 -44.80 11.40
N PRO B 418 -23.48 -45.43 10.85
CA PRO B 418 -23.30 -46.69 10.14
C PRO B 418 -22.64 -46.69 8.78
N GLU B 419 -22.68 -45.58 8.04
CA GLU B 419 -21.99 -45.51 6.77
C GLU B 419 -20.56 -45.04 6.98
N THR B 420 -20.36 -44.01 7.81
CA THR B 420 -19.04 -43.58 8.15
C THR B 420 -18.35 -44.70 8.94
N GLU B 421 -19.15 -45.43 9.76
CA GLU B 421 -18.67 -46.56 10.59
C GLU B 421 -17.83 -46.04 11.76
N PHE B 422 -18.41 -45.08 12.46
CA PHE B 422 -17.89 -44.56 13.70
C PHE B 422 -18.88 -44.97 14.78
N CYS B 423 -18.42 -45.34 15.96
CA CYS B 423 -19.31 -45.75 17.04
C CYS B 423 -18.79 -45.22 18.36
N TYR B 424 -19.63 -44.49 19.07
CA TYR B 424 -19.32 -43.95 20.39
C TYR B 424 -20.22 -44.60 21.41
N MET B 425 -19.63 -45.13 22.51
CA MET B 425 -20.37 -45.80 23.57
C MET B 425 -19.84 -45.32 24.93
N LYS B 426 -20.74 -44.97 25.88
CA LYS B 426 -20.34 -44.50 27.19
C LYS B 426 -21.15 -45.20 28.29
N ASN B 427 -20.70 -45.07 29.53
CA ASN B 427 -21.36 -45.65 30.68
C ASN B 427 -21.45 -44.56 31.71
N LYS B 428 -22.21 -44.83 32.78
CA LYS B 428 -22.43 -43.87 33.82
C LYS B 428 -21.21 -43.76 34.73
N ASN B 429 -20.20 -44.62 34.60
CA ASN B 429 -19.04 -44.57 35.48
C ASN B 429 -17.88 -43.80 34.84
N GLY B 430 -18.12 -43.15 33.70
CA GLY B 430 -17.19 -42.17 33.13
C GLY B 430 -16.30 -42.75 32.00
N MET B 431 -16.56 -43.99 31.58
CA MET B 431 -15.87 -44.54 30.41
C MET B 431 -16.61 -44.13 29.15
N PHE B 432 -15.80 -43.69 28.18
CA PHE B 432 -16.24 -43.33 26.86
C PHE B 432 -15.34 -44.06 25.88
N VAL B 433 -15.93 -44.91 24.99
CA VAL B 433 -15.16 -45.65 24.01
C VAL B 433 -15.57 -45.16 22.62
N ALA B 434 -14.59 -44.92 21.73
CA ALA B 434 -14.87 -44.64 20.32
C ALA B 434 -14.22 -45.75 19.51
N ALA B 435 -14.92 -46.27 18.50
CA ALA B 435 -14.41 -47.33 17.70
C ALA B 435 -14.83 -47.11 16.26
N LYS B 436 -14.13 -47.72 15.32
CA LYS B 436 -14.48 -47.48 13.92
C LYS B 436 -14.20 -48.73 13.11
N GLY B 437 -14.93 -48.85 11.98
CA GLY B 437 -14.58 -49.78 10.94
C GLY B 437 -13.81 -49.00 9.85
N GLY B 438 -14.48 -48.72 8.70
CA GLY B 438 -13.94 -47.91 7.63
C GLY B 438 -12.98 -48.65 6.70
N PHE B 439 -12.09 -47.88 6.07
CA PHE B 439 -11.29 -48.34 4.94
C PHE B 439 -10.08 -47.41 4.88
N ASN B 440 -8.97 -47.98 4.38
CA ASN B 440 -7.66 -47.35 4.39
C ASN B 440 -7.48 -46.43 3.15
N ASN B 441 -8.50 -45.58 2.93
CA ASN B 441 -8.35 -44.43 2.08
C ASN B 441 -9.34 -43.36 2.52
N GLU B 442 -9.62 -43.31 3.83
CA GLU B 442 -10.50 -42.26 4.35
C GLU B 442 -9.80 -40.92 4.20
N SER B 443 -10.56 -39.85 4.41
CA SER B 443 -9.99 -38.52 4.36
C SER B 443 -8.89 -38.43 5.40
N HIS B 444 -7.71 -37.95 4.97
CA HIS B 444 -6.55 -37.77 5.86
C HIS B 444 -6.23 -39.12 6.55
N ASN B 445 -6.26 -40.19 5.76
CA ASN B 445 -6.26 -41.54 6.28
C ASN B 445 -5.24 -41.77 7.39
N HIS B 446 -5.63 -42.57 8.39
CA HIS B 446 -4.70 -43.44 9.11
C HIS B 446 -5.09 -44.90 8.88
N ASN B 447 -4.12 -45.81 8.86
CA ASN B 447 -4.41 -47.22 8.69
C ASN B 447 -4.88 -47.75 10.06
N ASP B 448 -6.22 -47.65 10.28
CA ASP B 448 -6.80 -47.79 11.60
C ASP B 448 -8.16 -48.52 11.62
N VAL B 449 -8.46 -49.32 10.60
CA VAL B 449 -9.71 -50.05 10.51
C VAL B 449 -9.87 -50.91 11.78
N GLY B 450 -10.94 -50.68 12.56
CA GLY B 450 -11.18 -51.55 13.72
C GLY B 450 -10.60 -50.99 15.01
N THR B 451 -9.94 -49.80 14.99
CA THR B 451 -9.29 -49.28 16.20
C THR B 451 -10.31 -48.80 17.21
N PHE B 452 -9.87 -48.62 18.47
CA PHE B 452 -10.63 -47.91 19.48
C PHE B 452 -9.74 -46.91 20.22
N SER B 453 -10.44 -46.04 20.94
CA SER B 453 -9.93 -45.07 21.86
C SER B 453 -10.79 -45.14 23.11
N LEU B 454 -10.13 -45.23 24.27
CA LEU B 454 -10.85 -45.21 25.53
C LEU B 454 -10.54 -43.95 26.34
N TYR B 455 -11.61 -43.31 26.81
CA TYR B 455 -11.49 -42.16 27.75
C TYR B 455 -12.08 -42.53 29.12
N VAL B 456 -11.50 -42.00 30.21
CA VAL B 456 -12.09 -42.21 31.52
C VAL B 456 -12.24 -40.86 32.20
N ASN B 457 -13.48 -40.46 32.51
CA ASN B 457 -13.74 -39.13 33.05
C ASN B 457 -13.07 -38.07 32.17
N THR B 458 -13.10 -38.29 30.85
CA THR B 458 -12.72 -37.42 29.74
C THR B 458 -11.25 -37.64 29.37
N ILE B 459 -10.46 -38.23 30.28
CA ILE B 459 -9.05 -38.41 30.00
C ILE B 459 -8.77 -39.61 29.10
N PRO B 460 -8.01 -39.42 28.02
CA PRO B 460 -7.50 -40.52 27.18
C PRO B 460 -6.75 -41.48 28.05
N VAL B 461 -7.10 -42.75 27.95
CA VAL B 461 -6.32 -43.77 28.60
C VAL B 461 -5.80 -44.71 27.55
N ILE B 462 -6.63 -45.12 26.56
CA ILE B 462 -6.09 -45.83 25.42
C ILE B 462 -6.26 -44.87 24.25
N LEU B 463 -5.16 -44.33 23.71
CA LEU B 463 -5.24 -43.16 22.85
C LEU B 463 -5.02 -43.45 21.36
N ASP B 464 -5.37 -42.44 20.59
CA ASP B 464 -5.06 -42.32 19.17
C ASP B 464 -4.12 -41.09 18.99
N ALA B 465 -2.91 -41.31 18.53
CA ALA B 465 -1.83 -40.30 18.66
C ALA B 465 -2.21 -38.99 17.98
N GLY B 466 -2.75 -39.12 16.76
CA GLY B 466 -3.23 -37.96 16.03
C GLY B 466 -2.18 -37.41 15.04
N VAL B 467 -2.22 -36.10 14.81
CA VAL B 467 -1.58 -35.48 13.65
C VAL B 467 -0.22 -34.88 14.01
N GLY B 468 0.83 -35.17 13.18
CA GLY B 468 2.12 -34.46 13.11
C GLY B 468 2.07 -33.10 12.39
N THR B 469 3.21 -32.52 11.93
CA THR B 469 3.20 -31.11 11.51
C THR B 469 2.93 -30.96 10.00
N THR B 481 2.97 -42.41 4.80
CA THR B 481 2.66 -42.87 6.17
C THR B 481 3.94 -42.81 7.04
N ILE B 482 4.07 -41.67 7.74
CA ILE B 482 4.73 -41.49 9.04
C ILE B 482 4.10 -42.45 10.08
N TRP B 483 4.76 -42.63 11.24
CA TRP B 483 4.37 -43.64 12.21
C TRP B 483 2.95 -43.42 12.77
N THR B 484 2.52 -42.17 12.97
CA THR B 484 1.18 -41.84 13.45
C THR B 484 0.07 -42.36 12.52
N MET B 485 0.43 -42.76 11.30
CA MET B 485 -0.54 -43.22 10.31
C MET B 485 -0.57 -44.75 10.20
N GLN B 486 0.32 -45.42 10.88
CA GLN B 486 0.50 -46.86 10.76
C GLN B 486 -0.36 -47.62 11.79
N SER B 487 -0.86 -48.77 11.35
CA SER B 487 -1.74 -49.54 12.21
C SER B 487 -0.89 -50.07 13.36
N ASN B 488 0.42 -50.18 13.10
CA ASN B 488 1.40 -50.53 14.13
C ASN B 488 1.29 -49.64 15.39
N TYR B 489 0.81 -48.42 15.24
CA TYR B 489 0.73 -47.43 16.32
C TYR B 489 -0.72 -47.01 16.57
N HIS B 490 -1.66 -47.94 16.22
CA HIS B 490 -3.04 -47.87 16.63
C HIS B 490 -3.34 -49.12 17.45
N ASN B 491 -4.56 -49.14 18.01
CA ASN B 491 -4.96 -50.14 18.99
C ASN B 491 -5.52 -51.38 18.29
N LEU B 492 -4.61 -52.17 17.72
CA LEU B 492 -4.91 -53.17 16.73
C LEU B 492 -3.89 -54.29 16.73
N PRO B 493 -4.21 -55.47 16.13
CA PRO B 493 -3.26 -56.54 15.93
C PRO B 493 -2.38 -56.40 14.68
N MET B 494 -1.22 -57.08 14.70
CA MET B 494 -0.40 -57.35 13.53
C MET B 494 -0.59 -58.82 13.25
N ILE B 495 -1.46 -59.07 12.27
CA ILE B 495 -1.88 -60.43 12.03
C ILE B 495 -0.74 -61.19 11.31
N ASN B 496 -0.37 -62.37 11.83
CA ASN B 496 0.83 -63.09 11.39
C ASN B 496 2.01 -62.13 11.42
N GLY B 497 1.99 -61.11 12.30
CA GLY B 497 3.04 -60.12 12.40
C GLY B 497 2.97 -59.04 11.33
N ILE B 498 1.89 -58.95 10.58
CA ILE B 498 1.81 -58.03 9.47
C ILE B 498 0.79 -56.94 9.77
N PRO B 499 1.13 -55.68 9.41
CA PRO B 499 0.25 -54.54 9.64
C PRO B 499 -0.80 -54.38 8.57
N GLN B 500 -1.63 -53.35 8.75
CA GLN B 500 -2.62 -53.04 7.73
C GLN B 500 -1.93 -52.40 6.51
N LYS B 501 -2.53 -52.58 5.34
CA LYS B 501 -2.04 -51.93 4.12
C LYS B 501 -2.94 -50.74 3.80
N TYR B 502 -2.35 -49.70 3.20
CA TYR B 502 -3.09 -48.55 2.73
C TYR B 502 -3.92 -48.91 1.49
N GLY B 503 -5.08 -48.24 1.27
CA GLY B 503 -5.87 -48.51 0.08
C GLY B 503 -7.38 -48.66 0.31
N GLN B 504 -8.13 -48.03 -0.61
CA GLN B 504 -9.57 -48.16 -0.78
C GLN B 504 -10.11 -49.52 -0.33
N GLU B 505 -9.53 -50.59 -0.90
N GLU B 505 -9.69 -50.66 -0.90
CA GLU B 505 -10.04 -51.95 -0.82
CA GLU B 505 -10.39 -51.89 -0.55
C GLU B 505 -9.72 -52.58 0.55
C GLU B 505 -9.64 -52.65 0.54
N TYR B 506 -8.87 -51.91 1.34
CA TYR B 506 -8.37 -52.43 2.61
C TYR B 506 -9.33 -51.92 3.68
N LYS B 507 -10.33 -52.74 3.98
CA LYS B 507 -11.54 -52.22 4.60
C LYS B 507 -12.18 -53.22 5.58
N ALA B 508 -13.10 -52.69 6.42
CA ALA B 508 -13.83 -53.46 7.41
C ALA B 508 -14.92 -54.18 6.64
N THR B 509 -15.27 -55.38 7.08
CA THR B 509 -16.48 -55.99 6.58
C THR B 509 -17.34 -56.35 7.78
N ASN B 510 -18.64 -56.24 7.55
CA ASN B 510 -19.63 -56.69 8.48
C ASN B 510 -19.56 -55.89 9.78
N THR B 511 -19.38 -54.58 9.70
CA THR B 511 -19.37 -53.81 10.92
C THR B 511 -20.78 -53.75 11.49
N THR B 512 -20.97 -54.04 12.79
CA THR B 512 -22.27 -53.93 13.46
C THR B 512 -22.14 -53.13 14.76
N CYS B 513 -23.25 -52.48 15.13
CA CYS B 513 -23.39 -51.99 16.50
C CYS B 513 -24.71 -52.46 17.08
N ASN B 514 -24.64 -53.10 18.24
CA ASN B 514 -25.83 -53.31 19.05
C ASN B 514 -25.92 -52.15 20.05
N GLU B 515 -26.81 -51.18 19.74
CA GLU B 515 -26.93 -49.90 20.46
C GLU B 515 -27.31 -50.12 21.93
N LYS B 516 -28.11 -51.15 22.19
CA LYS B 516 -28.62 -51.40 23.52
C LYS B 516 -27.65 -52.21 24.37
N LYS B 517 -26.93 -53.16 23.75
CA LYS B 517 -25.92 -53.87 24.50
C LYS B 517 -24.60 -53.09 24.61
N ARG B 518 -24.41 -52.02 23.82
CA ARG B 518 -23.11 -51.37 23.73
C ARG B 518 -22.06 -52.36 23.26
N VAL B 519 -22.34 -52.99 22.11
CA VAL B 519 -21.42 -53.89 21.44
C VAL B 519 -21.11 -53.38 20.03
N PHE B 520 -19.81 -53.21 19.73
CA PHE B 520 -19.36 -52.93 18.39
C PHE B 520 -18.53 -54.11 17.93
N SER B 521 -18.71 -54.47 16.67
CA SER B 521 -18.04 -55.62 16.11
C SER B 521 -17.70 -55.35 14.64
N THR B 522 -16.51 -55.77 14.18
CA THR B 522 -16.17 -55.67 12.77
C THR B 522 -15.15 -56.73 12.43
N ASP B 523 -15.15 -57.21 11.17
CA ASP B 523 -14.11 -58.12 10.67
C ASP B 523 -13.05 -57.26 9.99
N ILE B 524 -11.83 -57.25 10.53
CA ILE B 524 -10.78 -56.37 9.98
C ILE B 524 -9.90 -57.07 8.94
N ALA B 525 -10.18 -58.33 8.63
CA ALA B 525 -9.22 -59.17 7.91
C ALA B 525 -8.83 -58.55 6.57
N ALA B 526 -9.74 -57.80 5.92
CA ALA B 526 -9.53 -57.35 4.54
C ALA B 526 -8.72 -56.05 4.51
N ALA B 527 -8.45 -55.51 5.68
CA ALA B 527 -7.59 -54.36 5.79
C ALA B 527 -6.12 -54.78 5.72
N TYR B 528 -5.79 -56.08 5.75
CA TYR B 528 -4.41 -56.58 5.77
C TYR B 528 -4.05 -57.14 4.38
N PRO B 529 -2.74 -57.19 4.02
CA PRO B 529 -2.37 -57.72 2.71
C PRO B 529 -2.37 -59.24 2.69
N SER B 530 -2.14 -59.77 1.46
CA SER B 530 -2.19 -61.20 1.18
C SER B 530 -1.35 -62.00 2.15
N GLU B 531 -0.16 -61.48 2.49
CA GLU B 531 0.80 -62.28 3.20
C GLU B 531 0.33 -62.41 4.64
N ALA B 532 -0.67 -61.64 5.07
CA ALA B 532 -1.24 -61.80 6.40
C ALA B 532 -2.02 -63.11 6.50
N LYS B 533 -2.42 -63.70 5.34
CA LYS B 533 -2.98 -65.05 5.32
C LYS B 533 -4.09 -65.20 6.37
N VAL B 534 -5.02 -64.25 6.38
CA VAL B 534 -6.12 -64.30 7.35
C VAL B 534 -7.47 -64.42 6.63
N LYS B 535 -8.32 -65.38 7.03
CA LYS B 535 -9.66 -65.49 6.46
C LYS B 535 -10.56 -64.50 7.18
N ASN B 536 -10.52 -64.54 8.52
N ASN B 536 -10.53 -64.52 8.51
CA ASN B 536 -11.41 -63.73 9.34
CA ASN B 536 -11.36 -63.60 9.26
C ASN B 536 -10.63 -63.24 10.56
C ASN B 536 -10.66 -63.23 10.55
N TRP B 537 -10.94 -62.02 10.98
CA TRP B 537 -10.45 -61.51 12.23
C TRP B 537 -11.45 -60.52 12.77
N ILE B 538 -12.22 -60.99 13.74
CA ILE B 538 -13.23 -60.16 14.33
C ILE B 538 -12.67 -59.48 15.56
N ARG B 539 -12.74 -58.16 15.49
CA ARG B 539 -12.45 -57.31 16.62
C ARG B 539 -13.74 -56.73 17.14
N SER B 540 -13.95 -56.93 18.45
CA SER B 540 -15.16 -56.48 19.08
C SER B 540 -14.91 -55.80 20.44
N TYR B 541 -15.77 -54.80 20.72
CA TYR B 541 -15.78 -53.96 21.91
C TYR B 541 -17.16 -54.01 22.59
N THR B 542 -17.15 -54.42 23.85
CA THR B 542 -18.35 -54.47 24.69
C THR B 542 -18.12 -53.59 25.91
N LEU B 543 -18.96 -52.57 26.08
CA LEU B 543 -18.86 -51.71 27.22
C LEU B 543 -20.04 -52.01 28.12
N ASP B 544 -19.74 -52.42 29.34
CA ASP B 544 -20.79 -52.61 30.35
C ASP B 544 -20.60 -51.49 31.36
N ASP B 545 -21.22 -51.56 32.55
CA ASP B 545 -21.15 -50.43 33.48
C ASP B 545 -19.79 -50.34 34.16
N ARG B 546 -19.07 -51.46 34.23
CA ARG B 546 -17.88 -51.65 35.04
C ARG B 546 -16.66 -51.72 34.10
N LYS B 547 -16.78 -52.37 32.93
CA LYS B 547 -15.60 -52.69 32.14
C LYS B 547 -15.83 -52.61 30.64
N LEU B 548 -14.71 -52.42 29.94
CA LEU B 548 -14.64 -52.58 28.50
C LEU B 548 -13.98 -53.93 28.22
N THR B 549 -14.67 -54.80 27.49
CA THR B 549 -14.05 -56.05 27.06
C THR B 549 -13.75 -55.93 25.56
N ILE B 550 -12.52 -56.25 25.19
CA ILE B 550 -12.04 -56.26 23.83
C ILE B 550 -11.78 -57.70 23.46
N THR B 551 -12.38 -58.16 22.34
CA THR B 551 -12.06 -59.50 21.85
C THR B 551 -11.51 -59.48 20.43
N ASP B 552 -10.56 -60.41 20.21
CA ASP B 552 -10.10 -60.79 18.88
C ASP B 552 -10.44 -62.27 18.68
N SER B 553 -11.12 -62.60 17.55
CA SER B 553 -11.43 -63.97 17.15
C SER B 553 -11.01 -64.17 15.70
N TYR B 554 -10.03 -65.07 15.46
CA TYR B 554 -9.40 -65.13 14.15
C TYR B 554 -9.34 -66.56 13.64
N THR B 555 -9.35 -66.65 12.30
CA THR B 555 -9.03 -67.83 11.54
C THR B 555 -8.02 -67.43 10.48
N LEU B 556 -6.87 -68.12 10.47
CA LEU B 556 -5.81 -67.84 9.50
C LEU B 556 -5.82 -68.95 8.45
N GLU B 557 -5.41 -68.57 7.24
CA GLU B 557 -5.07 -69.52 6.19
C GLU B 557 -3.85 -70.35 6.60
N GLU B 558 -2.88 -69.70 7.19
CA GLU B 558 -1.70 -70.39 7.68
C GLU B 558 -1.10 -69.57 8.82
N ALA B 559 -0.65 -70.23 9.87
CA ALA B 559 0.05 -69.57 10.97
C ALA B 559 1.53 -69.44 10.58
N VAL B 560 1.98 -68.26 10.18
CA VAL B 560 3.31 -68.07 9.62
C VAL B 560 4.24 -67.50 10.68
N ALA B 561 3.71 -66.58 11.50
CA ALA B 561 4.48 -65.80 12.44
C ALA B 561 3.53 -65.39 13.56
N PRO B 562 4.01 -65.26 14.82
CA PRO B 562 3.10 -64.97 15.93
C PRO B 562 2.36 -63.65 15.69
N ASN B 563 1.07 -63.62 16.06
CA ASN B 563 0.36 -62.35 16.06
C ASN B 563 1.02 -61.44 17.09
N GLN B 564 0.87 -60.15 16.89
CA GLN B 564 1.21 -59.18 17.91
C GLN B 564 0.05 -58.20 18.14
N VAL B 565 -0.20 -57.77 19.38
CA VAL B 565 -1.26 -56.82 19.62
C VAL B 565 -0.70 -55.59 20.36
N ASN B 566 -1.10 -54.39 19.89
CA ASN B 566 -0.56 -53.16 20.44
C ASN B 566 -1.68 -52.29 21.05
N PHE B 567 -1.31 -51.55 22.10
CA PHE B 567 -2.13 -50.52 22.74
C PHE B 567 -1.27 -49.27 22.95
N MET B 568 -1.87 -48.10 22.71
CA MET B 568 -1.22 -46.81 22.86
C MET B 568 -1.71 -46.17 24.14
N THR B 569 -0.79 -45.62 24.95
CA THR B 569 -1.22 -44.93 26.17
C THR B 569 -0.19 -43.86 26.57
N TRP B 570 -0.39 -43.33 27.78
CA TRP B 570 0.49 -42.30 28.29
C TRP B 570 0.32 -42.25 29.80
N GLY B 571 1.08 -41.34 30.43
CA GLY B 571 1.14 -41.22 31.88
C GLY B 571 2.07 -42.27 32.46
N ASN B 572 1.63 -42.83 33.58
CA ASN B 572 2.39 -43.75 34.41
C ASN B 572 1.91 -45.20 34.26
N VAL B 573 2.69 -45.96 33.46
CA VAL B 573 2.34 -47.31 33.09
C VAL B 573 3.20 -48.32 33.84
N THR B 574 2.54 -49.19 34.62
CA THR B 574 3.20 -50.27 35.33
C THR B 574 2.72 -51.66 34.91
N PHE B 575 3.45 -52.67 35.40
CA PHE B 575 3.17 -54.07 35.10
C PHE B 575 3.19 -54.82 36.42
N PRO B 576 2.16 -54.74 37.30
CA PRO B 576 2.22 -55.39 38.62
C PRO B 576 2.33 -56.93 38.70
N SER B 577 1.90 -57.65 37.64
CA SER B 577 1.94 -59.10 37.58
C SER B 577 1.61 -59.52 36.14
N GLN B 578 1.76 -60.83 35.89
CA GLN B 578 1.67 -61.36 34.56
C GLN B 578 0.18 -61.31 34.24
N GLY B 579 -0.13 -60.83 33.03
CA GLY B 579 -1.52 -60.65 32.60
C GLY B 579 -2.09 -59.28 33.03
N LYS B 580 -1.30 -58.45 33.75
CA LYS B 580 -1.84 -57.18 34.23
C LYS B 580 -0.96 -55.99 33.90
N ILE B 581 -1.64 -54.92 33.46
CA ILE B 581 -1.04 -53.63 33.18
C ILE B 581 -1.86 -52.60 33.94
N GLN B 582 -1.15 -51.65 34.60
CA GLN B 582 -1.83 -50.55 35.28
C GLN B 582 -1.44 -49.22 34.65
N ILE B 583 -2.44 -48.36 34.45
CA ILE B 583 -2.25 -47.07 33.81
C ILE B 583 -2.80 -45.99 34.72
N GLU B 584 -1.93 -45.01 35.04
CA GLU B 584 -2.27 -43.92 35.97
C GLU B 584 -2.04 -42.61 35.26
N VAL B 585 -3.11 -41.85 35.00
CA VAL B 585 -2.94 -40.68 34.14
C VAL B 585 -4.03 -39.65 34.44
N LYS B 586 -3.57 -38.41 34.66
CA LYS B 586 -4.38 -37.29 35.08
C LYS B 586 -5.51 -37.66 36.04
N GLY B 587 -5.18 -38.39 37.10
CA GLY B 587 -6.09 -38.63 38.21
C GLY B 587 -6.88 -39.94 38.00
N GLN B 588 -6.73 -40.59 36.83
CA GLN B 588 -7.52 -41.77 36.52
C GLN B 588 -6.66 -43.01 36.73
N LYS B 589 -7.28 -44.12 37.05
CA LYS B 589 -6.52 -45.35 37.21
C LYS B 589 -7.32 -46.52 36.63
N VAL B 590 -6.70 -47.26 35.70
CA VAL B 590 -7.29 -48.47 35.17
C VAL B 590 -6.30 -49.63 35.19
N GLU B 591 -6.85 -50.82 34.98
CA GLU B 591 -6.10 -52.03 34.75
C GLU B 591 -6.56 -52.60 33.41
N LEU B 592 -5.59 -53.05 32.62
CA LEU B 592 -5.76 -53.77 31.36
C LEU B 592 -5.27 -55.20 31.63
N ASP B 593 -6.24 -56.14 31.62
CA ASP B 593 -6.05 -57.56 31.84
C ASP B 593 -5.86 -58.21 30.46
N TYR B 594 -4.76 -58.91 30.26
CA TYR B 594 -4.40 -59.46 28.95
C TYR B 594 -3.99 -60.94 29.08
N PRO B 595 -4.06 -61.75 28.00
CA PRO B 595 -3.81 -63.20 28.08
C PRO B 595 -2.37 -63.48 28.50
N THR B 596 -2.18 -64.50 29.38
CA THR B 596 -0.84 -64.73 29.92
C THR B 596 0.10 -65.36 28.92
N LEU B 597 -0.35 -65.82 27.75
CA LEU B 597 0.56 -66.29 26.69
C LEU B 597 1.39 -65.15 26.09
N PHE B 598 1.00 -63.88 26.32
CA PHE B 598 1.73 -62.78 25.74
C PHE B 598 2.73 -62.22 26.74
N LYS B 599 3.84 -61.75 26.19
CA LYS B 599 4.81 -60.97 26.96
C LYS B 599 4.59 -59.47 26.69
N ALA B 600 4.31 -58.71 27.75
CA ALA B 600 4.03 -57.28 27.65
C ALA B 600 5.31 -56.43 27.83
N GLU B 601 5.52 -55.46 26.95
CA GLU B 601 6.64 -54.54 27.03
C GLU B 601 6.16 -53.12 26.69
N LEU B 602 6.78 -52.12 27.35
CA LEU B 602 6.45 -50.72 27.12
C LEU B 602 7.51 -50.08 26.24
N GLU B 603 7.13 -49.56 25.08
CA GLU B 603 8.04 -48.86 24.17
C GLU B 603 7.84 -47.36 24.34
N THR B 604 8.90 -46.58 24.56
CA THR B 604 8.76 -45.13 24.75
C THR B 604 8.88 -44.44 23.41
N ILE B 605 7.96 -43.50 23.20
CA ILE B 605 7.89 -42.75 21.97
C ILE B 605 8.10 -41.28 22.29
N GLN B 606 9.32 -40.75 22.06
CA GLN B 606 9.61 -39.34 22.30
C GLN B 606 8.91 -38.48 21.27
N LEU B 607 8.23 -37.43 21.74
CA LEU B 607 7.55 -36.54 20.83
C LEU B 607 8.39 -35.28 20.67
N ASP B 608 9.16 -35.23 19.58
CA ASP B 608 9.93 -34.03 19.19
C ASP B 608 9.04 -33.10 18.39
N ASP B 609 8.09 -33.67 17.62
CA ASP B 609 7.16 -32.82 16.91
C ASP B 609 6.28 -32.12 17.93
N PRO B 610 6.29 -30.76 17.96
CA PRO B 610 5.51 -30.00 18.93
C PRO B 610 4.00 -30.07 18.80
N ARG B 611 3.51 -30.33 17.57
CA ARG B 611 2.07 -30.42 17.39
C ARG B 611 1.51 -31.63 18.17
N LEU B 612 2.35 -32.62 18.47
CA LEU B 612 2.00 -33.79 19.28
C LEU B 612 2.41 -33.52 20.74
N SER B 613 3.58 -32.91 20.97
CA SER B 613 3.99 -32.75 22.35
C SER B 613 3.14 -31.69 23.05
N ASN B 614 2.58 -30.72 22.29
CA ASN B 614 1.61 -29.78 22.83
C ASN B 614 0.31 -30.45 23.31
N VAL B 615 0.00 -31.66 22.83
CA VAL B 615 -1.20 -32.36 23.30
C VAL B 615 -0.86 -33.32 24.45
N TRP B 616 0.17 -34.14 24.23
CA TRP B 616 0.45 -35.25 25.12
C TRP B 616 1.64 -34.99 26.05
N GLY B 617 2.46 -33.96 25.77
CA GLY B 617 3.74 -33.86 26.47
C GLY B 617 4.84 -34.60 25.73
N LYS B 618 5.89 -34.92 26.47
CA LYS B 618 7.19 -35.17 25.84
C LYS B 618 7.27 -36.60 25.27
N GLU B 619 6.42 -37.50 25.81
CA GLU B 619 6.45 -38.85 25.30
C GLU B 619 5.10 -39.56 25.49
N ILE B 620 4.88 -40.58 24.64
CA ILE B 620 3.76 -41.53 24.81
C ILE B 620 4.35 -42.91 24.68
N TYR B 621 3.50 -43.96 24.89
CA TYR B 621 3.94 -45.34 24.92
C TYR B 621 3.17 -46.20 23.90
N ARG B 622 3.88 -47.18 23.37
CA ARG B 622 3.20 -48.31 22.78
C ARG B 622 3.48 -49.49 23.68
N ILE B 623 2.39 -50.08 24.21
CA ILE B 623 2.47 -51.42 24.80
C ILE B 623 2.40 -52.42 23.67
N THR B 624 3.41 -53.28 23.61
CA THR B 624 3.48 -54.45 22.76
C THR B 624 3.20 -55.74 23.56
N LEU B 625 2.34 -56.58 22.93
CA LEU B 625 2.03 -57.92 23.39
C LEU B 625 2.49 -58.90 22.34
N LYS B 626 3.48 -59.73 22.69
CA LYS B 626 4.16 -60.63 21.77
C LYS B 626 4.15 -62.03 22.38
N THR B 627 4.33 -63.06 21.53
CA THR B 627 4.22 -64.45 21.94
C THR B 627 5.04 -65.29 20.98
N ASN B 628 5.37 -66.49 21.43
CA ASN B 628 6.01 -67.49 20.59
C ASN B 628 4.96 -68.38 19.93
N GLU B 629 3.76 -68.44 20.49
CA GLU B 629 2.71 -69.29 19.95
C GLU B 629 2.25 -68.85 18.58
N LYS B 630 1.92 -69.82 17.76
CA LYS B 630 1.34 -69.60 16.45
C LYS B 630 0.32 -70.71 16.18
N LYS B 631 -0.95 -70.35 16.07
CA LYS B 631 -2.01 -71.31 15.80
C LYS B 631 -2.89 -70.74 14.69
N GLU B 632 -3.61 -71.61 13.92
CA GLU B 632 -4.40 -71.12 12.79
C GLU B 632 -5.72 -70.48 13.26
N THR B 633 -6.22 -70.97 14.41
CA THR B 633 -7.47 -70.49 14.96
C THR B 633 -7.28 -70.11 16.43
N GLY B 634 -7.72 -68.93 16.83
CA GLY B 634 -7.66 -68.58 18.21
C GLY B 634 -8.37 -67.27 18.50
N ASN B 635 -8.27 -66.87 19.78
CA ASN B 635 -8.91 -65.67 20.26
C ASN B 635 -8.19 -65.12 21.49
N TYR B 636 -8.38 -63.82 21.70
CA TYR B 636 -7.85 -63.06 22.81
C TYR B 636 -8.99 -62.29 23.42
N LYS B 637 -8.93 -62.22 24.74
CA LYS B 637 -9.80 -61.37 25.51
C LYS B 637 -8.91 -60.40 26.33
N PHE B 638 -9.30 -59.13 26.30
CA PHE B 638 -8.68 -58.06 27.07
C PHE B 638 -9.81 -57.31 27.77
N VAL B 639 -9.55 -56.92 29.03
CA VAL B 639 -10.55 -56.31 29.86
C VAL B 639 -9.91 -55.10 30.50
N ILE B 640 -10.55 -53.93 30.31
CA ILE B 640 -10.11 -52.68 30.91
C ILE B 640 -11.19 -52.21 31.87
N GLN B 641 -10.81 -51.93 33.11
CA GLN B 641 -11.70 -51.33 34.09
C GLN B 641 -10.92 -50.42 35.03
N GLN B 642 -11.64 -49.50 35.66
CA GLN B 642 -11.07 -48.61 36.64
C GLN B 642 -10.86 -49.43 37.90
N ILE B 643 -9.87 -49.05 38.69
CA ILE B 643 -9.64 -49.67 39.99
C ILE B 643 -9.26 -48.57 40.97
N LYS B 644 -9.41 -48.89 42.27
CA LYS B 644 -8.95 -48.04 43.37
C LYS B 644 -7.43 -47.99 43.41
C1 NAG C . -1.20 27.07 -8.12
C2 NAG C . -0.40 25.76 -8.09
C3 NAG C . 1.10 26.06 -8.31
C4 NAG C . 1.30 26.86 -9.63
C5 NAG C . 0.54 28.16 -9.53
C6 NAG C . 0.67 28.88 -10.92
C7 NAG C . -1.40 24.05 -6.62
C8 NAG C . -1.57 23.47 -5.23
N2 NAG C . -0.61 25.15 -6.70
O1 NAG C . -2.67 26.91 -8.16
O3 NAG C . 1.92 24.86 -8.39
O4 NAG C . 2.60 27.26 -9.65
O5 NAG C . -0.81 27.75 -9.35
O6 NAG C . -0.44 29.81 -11.15
O7 NAG C . -1.94 23.54 -7.59
H1 NAG C . -0.92 27.68 -7.25
H2 NAG C . -0.75 25.11 -8.89
H3 NAG C . 1.43 26.71 -7.48
H4 NAG C . 1.01 26.27 -10.51
H5 NAG C . 0.90 28.79 -8.71
H61 NAG C . 0.67 28.14 -11.72
H62 NAG C . 1.62 29.42 -10.96
H81 NAG C . -0.63 23.41 -4.75
H82 NAG C . -2.22 24.10 -4.67
H83 NAG C . -2.00 22.50 -5.31
HO4 NAG C . 2.79 27.73 -10.53
HO6 NAG C . -0.33 30.17 -12.06
C1 BDP C . 2.86 24.66 -7.36
C2 BDP C . 2.84 23.17 -6.83
C3 BDP C . 4.05 22.68 -6.04
C4 BDP C . 5.31 23.30 -6.65
C5 BDP C . 5.20 24.83 -7.04
C6 BDP C . 6.54 25.23 -7.71
O2 BDP C . 1.60 22.96 -6.10
O3 BDP C . 4.06 21.22 -6.12
O4 BDP C . 6.51 23.17 -5.78
O5 BDP C . 4.09 25.11 -7.90
O6A BDP C . 6.88 24.75 -8.87
O6B BDP C . 7.34 25.87 -6.93
H1 BDP C . 2.61 25.29 -6.51
H2 BDP C . 2.80 22.53 -7.73
H3 BDP C . 3.95 23.00 -4.99
H4 BDP C . 5.50 22.76 -7.59
H5 BDP C . 5.09 25.40 -6.12
HO2 BDP C . 0.86 23.28 -6.59
HO3 BDP C . 3.23 20.91 -5.75
C1 NAG C . 7.37 21.99 -6.17
C2 NAG C . 8.61 21.89 -5.21
C3 NAG C . 9.60 20.75 -5.58
C4 NAG C . 8.80 19.40 -5.84
C5 NAG C . 7.42 19.54 -6.64
C6 NAG C . 6.59 18.22 -6.52
C7 NAG C . 8.99 24.09 -4.16
C8 NAG C . 8.21 23.92 -3.08
N2 NAG C . 9.26 23.23 -5.16
O3 NAG C . 10.62 20.72 -4.54
O4 NAG C . 9.69 18.44 -6.49
O5 NAG C . 6.64 20.72 -6.15
O6 NAG C . 6.30 17.97 -5.13
O7 NAG C . 9.62 25.21 -4.34
H1 NAG C . 7.76 22.16 -7.19
H2 NAG C . 8.21 21.62 -4.22
H3 NAG C . 10.07 21.03 -6.53
H4 NAG C . 8.55 19.01 -4.85
H5 NAG C . 7.66 19.69 -7.70
H61 NAG C . 7.13 17.39 -6.95
H62 NAG C . 5.65 18.33 -7.07
H81 NAG C . 7.66 23.00 -2.92
H82 NAG C . 8.11 24.71 -2.37
HO4 NAG C . 9.19 17.65 -6.61
HO6 NAG C . 5.75 17.15 -5.12
C1 NAG D . -5.17 -28.88 -1.39
C2 NAG D . -5.58 -27.45 -0.89
C3 NAG D . -6.49 -27.56 0.36
C4 NAG D . -7.70 -28.50 0.00
C5 NAG D . -7.20 -29.85 -0.58
C6 NAG D . -8.37 -30.73 -0.98
C7 NAG D . -4.00 -25.65 -1.49
C8 NAG D . -2.70 -24.98 -1.17
N2 NAG D . -4.34 -26.67 -0.62
O1 NAG D . -4.30 -28.85 -2.52
O3 NAG D . -6.91 -26.24 0.81
O4 NAG D . -8.54 -28.72 1.14
O5 NAG D . -6.36 -29.63 -1.73
O6 NAG D . -7.97 -31.99 -1.54
O7 NAG D . -4.70 -25.32 -2.47
H1 NAG D . -4.66 -29.39 -0.56
H2 NAG D . -6.17 -26.99 -1.69
H3 NAG D . -5.91 -28.06 1.15
H4 NAG D . -8.29 -28.00 -0.79
H5 NAG D . -6.63 -30.36 0.20
H61 NAG D . -8.99 -30.19 -1.69
H62 NAG D . -8.98 -30.92 -0.09
H81 NAG D . -2.73 -24.62 -0.17
H82 NAG D . -1.91 -25.69 -1.27
H83 NAG D . -2.55 -24.17 -1.83
HO4 NAG D . -9.26 -29.25 0.91
HO6 NAG D . -8.76 -32.43 -1.83
C1 BDP D . -6.49 -25.81 2.11
C2 BDP D . -6.12 -24.27 2.07
C3 BDP D . -6.05 -23.56 3.46
C4 BDP D . -7.13 -24.18 4.46
C5 BDP D . -7.35 -25.75 4.32
C6 BDP D . -8.52 -26.21 5.15
O2 BDP D . -4.92 -24.08 1.22
O3 BDP D . -6.21 -22.06 3.19
O4 BDP D . -7.02 -23.83 5.88
O5 BDP D . -7.60 -26.19 2.96
O6A BDP D . -9.71 -26.01 4.80
O6B BDP D . -8.21 -26.75 6.22
H1 BDP D . -5.60 -26.36 2.43
H2 BDP D . -6.95 -23.78 1.56
H3 BDP D . -5.05 -23.74 3.88
H4 BDP D . -8.07 -23.76 4.12
H5 BDP D . -6.43 -26.25 4.68
HO2 BDP D . -5.05 -24.52 0.45
HO3 BDP D . -5.49 -21.89 2.62
C1 NAG D . -7.86 -22.76 6.37
C2 NAG D . -7.53 -22.44 7.86
C3 NAG D . -8.49 -21.31 8.38
C4 NAG D . -8.17 -20.03 7.51
C5 NAG D . -8.23 -20.31 5.97
C6 NAG D . -7.85 -19.08 5.03
C7 NAG D . -6.45 -24.29 9.24
C8 NAG D . -5.28 -23.66 9.41
N2 NAG D . -7.53 -23.75 8.56
O3 NAG D . -8.54 -20.99 9.83
O4 NAG D . -9.15 -18.96 7.81
O5 NAG D . -7.59 -21.57 5.59
O6 NAG D . -6.53 -18.49 5.29
O7 NAG D . -6.59 -25.49 9.80
H1 NAG D . -8.93 -23.04 6.29
H2 NAG D . -6.52 -22.02 7.86
H3 NAG D . -9.50 -21.62 8.10
H4 NAG D . -7.16 -19.68 7.77
H5 NAG D . -9.31 -20.47 5.77
H61 NAG D . -8.60 -18.31 5.13
H62 NAG D . -7.87 -19.42 4.00
H81 NAG D . -5.09 -22.69 8.99
H82 NAG D . -4.50 -24.16 9.97
HO4 NAG D . -8.95 -18.19 7.18
HO6 NAG D . -6.52 -17.90 4.64
C1 BDP D . -9.73 -20.31 10.44
C2 BDP D . -9.36 -20.14 11.92
C3 BDP D . -10.68 -19.74 12.59
C4 BDP D . -10.81 -18.22 12.22
C5 BDP D . -11.32 -18.15 10.75
C6 BDP D . -11.96 -16.72 10.27
O2 BDP D . -8.72 -21.32 12.45
O3 BDP D . -10.84 -20.13 13.99
O4 BDP D . -11.61 -17.43 13.13
O5 BDP D . -10.30 -18.96 9.96
O6A BDP D . -12.31 -16.80 8.94
O6B BDP D . -12.22 -15.64 11.21
H1 BDP D . -10.55 -21.03 10.39
H2 BDP D . -8.64 -19.31 12.00
H3 BDP D . -11.49 -20.26 12.06
H4 BDP D . -9.80 -17.78 12.23
H5 BDP D . -12.20 -18.79 10.76
HO2 BDP D . -8.36 -21.91 11.79
HO3 BDP D . -10.55 -20.90 14.17
C9 P4K E . 22.99 40.23 -27.20
C10 P4K E . 21.70 39.71 -26.54
O6 P4K E . 21.01 40.76 -25.84
C11 P4K E . 20.33 40.34 -24.62
C12 P4K E . 21.39 40.03 -23.61
O7 P4K E . 20.90 39.84 -22.29
C13 P4K E . 22.00 39.62 -21.42
C14 P4K E . 22.77 38.46 -21.97
O8 P4K E . 23.80 38.10 -21.07
C15 P4K E . 24.53 37.02 -21.59
C16 P4K E . 23.75 35.82 -21.34
O9 P4K E . 24.68 34.78 -21.24
H18 P4K E . 23.38 39.53 -27.66
H19 P4K E . 23.62 40.53 -26.51
H20 P4K E . 21.92 38.99 -25.92
H21 P4K E . 21.11 39.34 -27.23
H22 P4K E . 19.78 39.55 -24.79
H23 P4K E . 19.76 41.07 -24.28
H24 P4K E . 22.05 40.75 -23.61
H25 P4K E . 21.84 39.21 -23.90
H26 P4K E . 21.68 39.42 -20.51
H27 P4K E . 22.57 40.42 -21.37
H28 P4K E . 23.18 38.72 -22.82
H29 P4K E . 22.16 37.70 -22.12
H30 P4K E . 25.40 36.96 -21.14
H31 P4K E . 24.68 37.13 -22.55
H32 P4K E . 23.13 35.65 -22.07
H33 P4K E . 23.24 35.91 -20.51
O1 MES F . 2.88 35.33 -26.02
C2 MES F . 2.78 34.22 -25.12
C3 MES F . 3.03 32.87 -25.74
N4 MES F . 2.20 32.69 -26.98
C5 MES F . 2.44 33.85 -27.94
C6 MES F . 2.17 35.17 -27.25
C7 MES F . 2.38 31.34 -27.61
C8 MES F . 1.06 30.65 -27.91
S MES F . 0.43 30.96 -29.56
O1S MES F . 1.14 32.10 -30.10
O2S MES F . -0.98 31.19 -29.38
O3S MES F . 0.71 29.76 -30.32
H21 MES F . 3.41 34.36 -24.40
H22 MES F . 1.88 34.21 -24.73
H31 MES F . 2.80 32.16 -25.10
H32 MES F . 3.97 32.78 -25.96
HN4 MES F . 1.34 32.74 -26.73
H51 MES F . 1.84 33.75 -28.70
H52 MES F . 3.36 33.82 -28.25
H61 MES F . 2.42 35.90 -27.86
H62 MES F . 1.22 35.25 -27.08
H71 MES F . 2.94 30.77 -26.96
H72 MES F . 2.92 31.46 -28.45
H81 MES F . 0.37 30.92 -27.28
H82 MES F . 1.17 29.70 -27.84
ZN ZN G . 11.80 43.34 -2.89
C21 P4K H . -28.10 -37.88 16.35
C22 P4K H . -27.30 -39.15 16.17
C23 P4K H . -26.37 -40.68 14.58
C24 P4K H . -26.52 -41.19 13.14
C25 P4K H . -28.20 -42.38 11.84
C26 P4K H . -29.73 -42.41 11.73
O11 P4K H . -27.44 -36.78 15.70
O12 P4K H . -27.30 -39.62 14.82
O13 P4K H . -27.84 -41.72 13.05
H42 P4K H . -28.19 -37.69 17.30
H43 P4K H . -29.00 -38.00 15.97
H44 P4K H . -27.66 -39.85 16.75
H45 P4K H . -26.37 -38.99 16.45
H46 P4K H . -25.46 -40.36 14.72
H47 P4K H . -26.54 -41.41 15.21
H48 P4K H . -25.86 -41.89 12.96
H49 P4K H . -26.41 -40.45 12.50
H50 P4K H . -27.81 -41.92 11.07
H51 P4K H . -27.85 -43.31 11.85
H52 P4K H . -29.98 -41.93 11.61
H53 P4K H . -30.10 -43.10 12.32
ZN ZN I . -4.75 -42.36 14.33
#